data_8RKV
#
_entry.id   8RKV
#
_cell.length_a   1.00
_cell.length_b   1.00
_cell.length_c   1.00
_cell.angle_alpha   90.00
_cell.angle_beta   90.00
_cell.angle_gamma   90.00
#
_symmetry.space_group_name_H-M   'P 1'
#
loop_
_entity.id
_entity.type
_entity.pdbx_description
1 polymer 'Non-target strand - LE'
2 polymer 'Target strand - LE'
3 polymer LE
4 polymer RE
5 polymer 'Non-target strand - RE'
6 polymer 'Target strand'
7 polymer TnsB
8 non-polymer 'MAGNESIUM ION'
#
loop_
_entity_poly.entity_id
_entity_poly.type
_entity_poly.pdbx_seq_one_letter_code
_entity_poly.pdbx_strand_id
1 'polydeoxyribonucleotide'
;(DG)(DT)(DG)(DA)(DA)(DG)(DG)(DT)(DT)(DC)(DT)(DC)(DT)(DT)(DC)(DA)(DG)(DT)(DA)(DT)
(DT)(DA)(DA)(DT)(DA)(DA)(DG)(DG)(DC)(DC)(DA)(DC)(DT)(DG)(DT)(DT)(DA)(DA)(DA)(DA)
(DC)(DG)(DT)(DA)(DC)(DT)(DA)(DT)(DA)(DT)(DA)(DG)(DA)(DC)(DA)(DT)(DC)(DT)(DC)(DC)
(DA)(DC)(DA)(DA)(DA)(DA)(DG)(DG)
;
2
2 'polydeoxyribonucleotide'
;(DA)(DA)(DT)(DT)(DA)(DA)(DA)(DT)(DA)(DG)(DT)(DC)(DA)(DC)(DA)(DA)(DT)(DG)(DA)(DC)
(DA)(DT)(DT)(DA)(DA)(DT)(DC)(DT)(DG)(DT)(DC)(DA)(DC)(DC)(DG)(DA)(DC)(DG)(DA)(DC)
(DA)(DG)(DA)(DT)(DA)(DA)(DT)(DT)(DT)(DG)(DT)(DC)(DA)(DC)(DT)(DG)(DT)(DA)(DC)(DA)
(DC)(DT)(DA)(DC)(DG)(DC)(DC)(DT)(DT)(DT)(DT)(DG)(DT)(DG)(DG)(DA)(DG)(DA)(DT)(DG)
(DT)(DC)(DT)(DA)(DA)(DT)(DA)(DT)(DC)(DT)(DA)(DC)(DG)(DT)(DT)(DT)(DT)(DA)(DA)(DC)
(DA)(DG)(DT)(DG)(DG)(DC)(DC)(DT)(DT)(DA)(DT)(DT)(DA)(DA)(DA)(DT)(DG)(DA)(DC)(DT)
(DT)(DC)(DT)(DC)(DA)(DA)(DC)(DC)(DT)(DT)(DC)(DA)(DC)
;
3
3 'polydeoxyribonucleotide'
;(DA)(DA)(DA)(DA)(DA)(DA)(DA)(DA)(DA)(DA)(DA)(DA)(DA)(DA)(DA)(DT)(DG)(DT)(DA)(DC)
(DA)(DG)(DT)(DG)(DA)(DC)(DA)(DA)(DA)(DT)(DT)(DA)(DT)(DC)(DT)(DG)(DT)(DC)(DG)(DT)
(DC)(DG)(DG)(DT)(DG)(DA)(DC)(DA)(DG)(DA)(DT)(DT)(DA)(DA)(DT)(DG)(DT)(DC)(DA)(DT)
(DT)(DG)(DT)(DG)(DA)(DC)(DT)(DA)(DT)(DT)(DT)(DA)(DA)(DT)(DT)
;
4
4 'polydeoxyribonucleotide'
;(DA)(DA)(DA)(DA)(DA)(DA)(DA)(DA)(DA)(DA)(DA)(DA)(DA)(DA)(DA)(DT)(DG)(DT)(DA)(DC)
(DA)(DG)(DT)(DG)(DA)(DC)(DT)(DA)(DA)(DT)(DT)(DA)(DT)(DA)(DT)(DG)(DT)(DC)(DG)(DT)
(DT)(DG)(DT)(DG)(DA)(DC)(DA)(DA)(DA)(DT)(DT)(DA)(DT)(DT)(DG)(DT)(DC)(DA)(DT)(DC)
(DA)(DG)(DT)(DA)(DA)(DA)(DA)(DT)(DC)(DC)(DT)(DT)(DA)(DT)
;
5
5 'polydeoxyribonucleotide'
;(DA)(DT)(DA)(DA)(DG)(DG)(DA)(DT)(DT)(DT)(DT)(DA)(DC)(DT)(DG)(DA)(DT)(DG)(DA)(DC)
(DA)(DA)(DT)(DA)(DA)(DT)(DT)(DT)(DG)(DT)(DC)(DA)(DC)(DA)(DA)(DC)(DG)(DA)(DC)(DA)
(DT)(DA)(DT)(DA)(DA)(DT)(DT)(DA)(DG)(DT)(DC)(DA)(DC)(DT)(DG)(DT)(DA)(DC)(DA)(DC)
(DG)(DT)(DA)(DG)(DA)(DG)(DA)(DC)(DG)(DT)(DA)(DG)(DC)(DA)(DA)(DT)(DG)(DC)(DT)
;
6
6 'polydeoxyribonucleotide' (DA)(DG)(DC)(DA)(DT)(DT)(DG)(DC)(DT)(DA)(DC)(DG)(DT)(DC)(DT) 7
7 'polypeptide(L)'
;SNSQQNPDLAVHPLAIPMEGLLGESATTLEKNVIATQLSEEAQVKLEVIQSLLEPCDRTTYGQKLREAAEKLNVSLRTVQ
RLVKNWEQDGLVGLTQTSRADKGKHRIGEFWENFITKTYKEGNKGSKRMTPKQVALRVEAKARELKDSKPPNYKTVLRVL
APILEKQQKAKSIRSPGWRGTTLSVKTREGKDLSVDYSNHVWQCDHTRVDVLLVDQHGEILSRPWLTTVIDTYSRCIMGI
NLGFDAPSSGVVALALRHAILPKRYGSEYKLHCEWGTYGKPEHFYTDGGKDFRSNHLSQIGAQLGFVCHLRDRPSEGGVV
ERPFKTLNDQLFSTLPGYTGSNVQERPEDAEKDARLTLRELEQLLVRYIVDRYNQSIDARMGDQTRFERWEAGLPTVPVP
IPERDLDICLMKQSRRTVQRGGCLQFQNLMYRGEYLAGYAGETVNLRFDPRDITTILVYRQENNQEVFLTRAHAQGLETE
QLALDEAEAASRRLRTAGKTISNQSLLQEVVDRDALVATKKSRKERQKLEQTVLRSAAVDESNRESLPSQIVEPDEVEST
ETVHSQYEDIEVWDYEQLREEYGF
;
R,S,T,U
#
loop_
_chem_comp.id
_chem_comp.type
_chem_comp.name
_chem_comp.formula
DA DNA linking 2'-DEOXYADENOSINE-5'-MONOPHOSPHATE 'C10 H14 N5 O6 P'
DC DNA linking 2'-DEOXYCYTIDINE-5'-MONOPHOSPHATE 'C9 H14 N3 O7 P'
DG DNA linking 2'-DEOXYGUANOSINE-5'-MONOPHOSPHATE 'C10 H14 N5 O7 P'
DT DNA linking THYMIDINE-5'-MONOPHOSPHATE 'C10 H15 N2 O8 P'
MG non-polymer 'MAGNESIUM ION' 'Mg 2'
#
# COMPACT_ATOMS: atom_id res chain seq x y z
N LYS G 31 -33.64 -18.54 -4.34
CA LYS G 31 -33.93 -17.34 -5.13
C LYS G 31 -33.16 -17.31 -6.44
N ASN G 32 -33.27 -16.19 -7.14
CA ASN G 32 -32.77 -16.09 -8.50
C ASN G 32 -31.25 -16.20 -8.55
N VAL G 33 -30.76 -17.02 -9.47
CA VAL G 33 -29.35 -17.12 -9.82
C VAL G 33 -29.21 -16.65 -11.26
N ILE G 34 -28.40 -15.63 -11.49
CA ILE G 34 -28.24 -15.05 -12.81
C ILE G 34 -26.89 -15.48 -13.39
N ALA G 35 -26.90 -15.97 -14.62
CA ALA G 35 -25.67 -16.27 -15.34
C ALA G 35 -25.00 -15.00 -15.82
N THR G 36 -23.67 -14.95 -15.67
CA THR G 36 -22.88 -13.86 -16.18
C THR G 36 -21.46 -14.37 -16.45
N GLN G 37 -20.75 -13.65 -17.34
CA GLN G 37 -19.41 -14.03 -17.78
C GLN G 37 -19.38 -15.43 -18.39
N LEU G 38 -20.36 -15.74 -19.23
CA LEU G 38 -20.39 -17.03 -19.92
C LEU G 38 -19.15 -17.17 -20.81
N SER G 39 -18.40 -18.24 -20.60
CA SER G 39 -17.29 -18.58 -21.48
C SER G 39 -17.79 -19.00 -22.86
N GLU G 40 -16.86 -19.03 -23.82
CA GLU G 40 -17.23 -19.26 -25.21
C GLU G 40 -17.76 -20.66 -25.47
N GLU G 41 -17.26 -21.67 -24.75
CA GLU G 41 -17.87 -22.99 -24.88
C GLU G 41 -19.26 -23.04 -24.27
N ALA G 42 -19.52 -22.21 -23.26
CA ALA G 42 -20.88 -22.04 -22.77
C ALA G 42 -21.76 -21.30 -23.78
N GLN G 43 -21.18 -20.37 -24.53
CA GLN G 43 -21.90 -19.77 -25.66
C GLN G 43 -22.21 -20.80 -26.73
N VAL G 44 -21.28 -21.72 -26.98
CA VAL G 44 -21.57 -22.86 -27.86
C VAL G 44 -22.71 -23.69 -27.30
N LYS G 45 -22.71 -23.94 -25.98
CA LYS G 45 -23.85 -24.60 -25.35
C LYS G 45 -25.13 -23.77 -25.51
N LEU G 46 -25.03 -22.46 -25.38
CA LEU G 46 -26.17 -21.59 -25.67
C LEU G 46 -26.61 -21.68 -27.13
N GLU G 47 -25.66 -21.67 -28.05
CA GLU G 47 -25.97 -21.75 -29.49
C GLU G 47 -26.76 -23.00 -29.87
N VAL G 48 -26.46 -24.15 -29.25
CA VAL G 48 -27.34 -25.30 -29.46
C VAL G 48 -28.67 -25.16 -28.74
N ILE G 49 -28.65 -24.68 -27.50
CA ILE G 49 -29.90 -24.52 -26.75
C ILE G 49 -30.86 -23.59 -27.47
N GLN G 50 -30.36 -22.47 -28.00
CA GLN G 50 -31.21 -21.56 -28.75
C GLN G 50 -31.69 -22.14 -30.08
N SER G 51 -31.05 -23.20 -30.58
CA SER G 51 -31.56 -23.92 -31.75
C SER G 51 -32.58 -25.00 -31.39
N LEU G 52 -32.35 -25.72 -30.29
CA LEU G 52 -33.31 -26.68 -29.77
C LEU G 52 -34.57 -26.04 -29.20
N LEU G 53 -34.56 -24.73 -28.99
CA LEU G 53 -35.74 -24.04 -28.47
C LEU G 53 -36.89 -24.00 -29.47
N GLU G 54 -36.63 -24.25 -30.74
CA GLU G 54 -37.70 -24.47 -31.71
C GLU G 54 -38.59 -25.63 -31.28
N PRO G 55 -39.90 -25.43 -31.12
CA PRO G 55 -40.80 -26.50 -30.67
C PRO G 55 -40.68 -27.76 -31.54
N CYS G 56 -40.55 -28.91 -30.88
CA CYS G 56 -40.27 -30.16 -31.57
C CYS G 56 -41.00 -31.31 -30.89
N ASP G 57 -41.00 -32.47 -31.58
CA ASP G 57 -41.59 -33.70 -31.07
C ASP G 57 -40.63 -34.84 -31.35
N ARG G 58 -40.95 -36.03 -30.82
CA ARG G 58 -40.04 -37.17 -30.95
C ARG G 58 -39.65 -37.42 -32.41
N THR G 59 -40.57 -37.20 -33.33
CA THR G 59 -40.29 -37.34 -34.75
C THR G 59 -39.41 -36.21 -35.26
N THR G 60 -39.21 -35.16 -34.47
CA THR G 60 -38.33 -34.06 -34.80
C THR G 60 -37.21 -33.83 -33.81
N TYR G 61 -37.38 -34.17 -32.53
CA TYR G 61 -36.30 -34.01 -31.55
C TYR G 61 -35.04 -34.75 -31.98
N GLY G 62 -35.19 -36.03 -32.35
CA GLY G 62 -34.02 -36.87 -32.60
C GLY G 62 -33.06 -36.32 -33.64
N GLN G 63 -33.58 -35.86 -34.77
CA GLN G 63 -32.70 -35.29 -35.79
C GLN G 63 -32.29 -33.85 -35.49
N LYS G 64 -33.17 -33.04 -34.90
CA LYS G 64 -32.78 -31.69 -34.51
C LYS G 64 -31.88 -31.68 -33.28
N LEU G 65 -31.86 -32.76 -32.50
CA LEU G 65 -30.79 -32.98 -31.53
C LEU G 65 -29.49 -33.37 -32.23
N ARG G 66 -29.55 -34.37 -33.10
CA ARG G 66 -28.36 -34.88 -33.77
C ARG G 66 -27.63 -33.81 -34.58
N GLU G 67 -28.37 -32.94 -35.27
CA GLU G 67 -27.72 -31.82 -35.96
C GLU G 67 -27.05 -30.85 -35.00
N ALA G 68 -27.41 -30.87 -33.72
CA ALA G 68 -26.65 -30.18 -32.68
C ALA G 68 -25.50 -31.03 -32.13
N ALA G 69 -25.74 -32.32 -31.91
CA ALA G 69 -24.68 -33.20 -31.41
C ALA G 69 -23.45 -33.16 -32.31
N GLU G 70 -23.66 -33.07 -33.62
CA GLU G 70 -22.52 -32.96 -34.54
C GLU G 70 -21.75 -31.65 -34.37
N LYS G 71 -22.42 -30.57 -33.97
CA LYS G 71 -21.69 -29.33 -33.71
C LYS G 71 -21.24 -29.19 -32.27
N LEU G 72 -21.85 -29.93 -31.35
CA LEU G 72 -21.19 -30.18 -30.06
C LEU G 72 -20.03 -31.13 -30.21
N ASN G 73 -20.05 -31.98 -31.24
CA ASN G 73 -19.02 -32.99 -31.46
C ASN G 73 -18.89 -33.93 -30.25
N VAL G 74 -20.03 -34.34 -29.71
CA VAL G 74 -20.07 -35.25 -28.57
C VAL G 74 -21.40 -35.98 -28.60
N SER G 75 -21.45 -37.14 -27.95
CA SER G 75 -22.55 -38.08 -28.17
C SER G 75 -23.88 -37.52 -27.65
N LEU G 76 -24.96 -38.02 -28.25
CA LEU G 76 -26.32 -37.55 -27.97
C LEU G 76 -26.64 -37.48 -26.48
N ARG G 77 -26.26 -38.50 -25.70
CA ARG G 77 -26.60 -38.53 -24.28
C ARG G 77 -26.06 -37.33 -23.51
N THR G 78 -24.94 -36.77 -23.95
CA THR G 78 -24.44 -35.55 -23.31
C THR G 78 -25.35 -34.37 -23.58
N VAL G 79 -25.91 -34.30 -24.79
CA VAL G 79 -26.90 -33.26 -25.08
C VAL G 79 -28.15 -33.47 -24.25
N GLN G 80 -28.51 -34.73 -23.99
CA GLN G 80 -29.61 -35.03 -23.08
C GLN G 80 -29.33 -34.52 -21.67
N ARG G 81 -28.13 -34.80 -21.13
CA ARG G 81 -27.77 -34.24 -19.84
C ARG G 81 -27.64 -32.72 -19.88
N LEU G 82 -27.17 -32.17 -20.99
CA LEU G 82 -27.13 -30.71 -21.17
C LEU G 82 -28.53 -30.10 -21.09
N VAL G 83 -29.47 -30.58 -21.89
CA VAL G 83 -30.83 -30.07 -21.84
C VAL G 83 -31.48 -30.37 -20.48
N LYS G 84 -31.16 -31.52 -19.89
CA LYS G 84 -31.62 -31.81 -18.53
C LYS G 84 -31.19 -30.72 -17.56
N ASN G 85 -29.88 -30.46 -17.50
CA ASN G 85 -29.35 -29.43 -16.61
C ASN G 85 -29.83 -28.04 -16.98
N TRP G 86 -29.97 -27.78 -18.28
CA TRP G 86 -30.56 -26.50 -18.71
C TRP G 86 -31.96 -26.30 -18.13
N GLU G 87 -32.81 -27.31 -18.19
CA GLU G 87 -34.13 -27.17 -17.57
C GLU G 87 -34.00 -27.15 -16.05
N GLN G 88 -33.08 -27.93 -15.51
CA GLN G 88 -32.93 -28.04 -14.06
C GLN G 88 -32.46 -26.74 -13.44
N ASP G 89 -31.59 -26.00 -14.13
CA ASP G 89 -30.99 -24.82 -13.52
C ASP G 89 -30.89 -23.59 -14.43
N GLY G 90 -31.24 -23.70 -15.70
CA GLY G 90 -31.11 -22.57 -16.62
C GLY G 90 -29.72 -22.41 -17.18
N LEU G 91 -29.39 -21.16 -17.54
CA LEU G 91 -28.07 -20.86 -18.09
C LEU G 91 -26.93 -21.18 -17.12
N VAL G 92 -27.19 -21.14 -15.81
CA VAL G 92 -26.19 -21.59 -14.84
C VAL G 92 -26.16 -23.10 -14.68
N GLY G 93 -27.03 -23.83 -15.38
CA GLY G 93 -26.93 -25.28 -15.46
C GLY G 93 -25.99 -25.77 -16.53
N LEU G 94 -25.99 -25.09 -17.68
CA LEU G 94 -25.07 -25.40 -18.76
C LEU G 94 -23.68 -24.84 -18.54
N THR G 95 -23.50 -23.92 -17.59
CA THR G 95 -22.19 -23.40 -17.24
C THR G 95 -21.70 -24.12 -15.98
N GLN G 96 -20.50 -24.68 -16.06
CA GLN G 96 -20.03 -25.63 -15.06
C GLN G 96 -19.82 -24.98 -13.70
N THR G 97 -20.13 -25.72 -12.65
CA THR G 97 -19.92 -25.31 -11.26
C THR G 97 -18.67 -25.97 -10.70
N SER G 98 -17.85 -25.18 -10.01
CA SER G 98 -16.62 -25.66 -9.41
C SER G 98 -16.86 -26.83 -8.46
N ARG G 99 -15.84 -27.66 -8.29
CA ARG G 99 -15.97 -28.88 -7.51
C ARG G 99 -16.34 -28.55 -6.07
N ALA G 100 -17.02 -29.51 -5.43
CA ALA G 100 -17.31 -29.43 -4.01
C ALA G 100 -16.07 -29.28 -3.14
N ASP G 101 -14.89 -29.66 -3.65
CA ASP G 101 -13.67 -29.58 -2.86
C ASP G 101 -13.01 -28.21 -2.88
N LYS G 102 -13.42 -27.30 -3.77
CA LYS G 102 -12.72 -26.03 -3.91
C LYS G 102 -12.78 -25.21 -2.63
N GLY G 103 -11.61 -24.77 -2.19
CA GLY G 103 -11.45 -24.02 -0.96
C GLY G 103 -11.41 -24.84 0.30
N LYS G 104 -11.40 -26.17 0.18
CA LYS G 104 -11.38 -27.07 1.33
C LYS G 104 -10.10 -27.89 1.28
N HIS G 105 -9.38 -27.93 2.37
CA HIS G 105 -8.06 -28.53 2.40
C HIS G 105 -8.11 -30.02 2.70
N ARG G 106 -7.01 -30.69 2.35
CA ARG G 106 -6.88 -32.13 2.48
C ARG G 106 -5.98 -32.54 3.65
N ILE G 107 -5.28 -31.59 4.26
CA ILE G 107 -4.59 -31.82 5.52
C ILE G 107 -5.53 -32.33 6.61
N GLY G 108 -6.81 -32.02 6.53
CA GLY G 108 -7.80 -32.55 7.45
C GLY G 108 -8.07 -31.68 8.67
N GLU G 109 -9.11 -32.10 9.40
CA GLU G 109 -9.68 -31.31 10.50
C GLU G 109 -8.69 -31.02 11.62
N PHE G 110 -7.82 -31.98 11.95
CA PHE G 110 -6.84 -31.74 13.01
C PHE G 110 -5.87 -30.62 12.66
N TRP G 111 -5.26 -30.71 11.49
CA TRP G 111 -4.25 -29.74 11.09
C TRP G 111 -4.85 -28.40 10.71
N GLU G 112 -6.00 -28.40 10.04
CA GLU G 112 -6.71 -27.14 9.79
C GLU G 112 -6.96 -26.37 11.08
N ASN G 113 -7.39 -27.05 12.13
CA ASN G 113 -7.53 -26.40 13.43
C ASN G 113 -6.18 -25.96 13.99
N PHE G 114 -5.22 -26.89 14.10
CA PHE G 114 -3.94 -26.60 14.76
C PHE G 114 -3.23 -25.41 14.11
N ILE G 115 -3.23 -25.34 12.79
CA ILE G 115 -2.67 -24.17 12.12
C ILE G 115 -3.39 -22.91 12.59
N THR G 116 -4.72 -22.91 12.49
CA THR G 116 -5.48 -21.71 12.78
C THR G 116 -5.50 -21.40 14.28
N LYS G 117 -5.52 -22.43 15.12
CA LYS G 117 -5.32 -22.24 16.56
C LYS G 117 -4.02 -21.53 16.86
N THR G 118 -2.92 -21.98 16.26
CA THR G 118 -1.61 -21.44 16.56
C THR G 118 -1.42 -20.01 16.07
N TYR G 119 -1.88 -19.69 14.85
CA TYR G 119 -1.87 -18.31 14.40
C TYR G 119 -2.74 -17.40 15.26
N LYS G 120 -3.91 -17.90 15.67
CA LYS G 120 -4.84 -17.07 16.45
C LYS G 120 -4.28 -16.69 17.82
N GLU G 121 -3.68 -17.65 18.53
CA GLU G 121 -3.06 -17.33 19.82
C GLU G 121 -1.83 -16.44 19.67
N GLY G 122 -1.12 -16.55 18.56
CA GLY G 122 0.06 -15.75 18.30
C GLY G 122 -0.17 -14.32 17.88
N ASN G 123 -1.41 -13.87 17.78
CA ASN G 123 -1.72 -12.50 17.38
C ASN G 123 -2.69 -11.83 18.34
N LYS G 124 -2.69 -12.27 19.60
CA LYS G 124 -3.41 -11.61 20.67
C LYS G 124 -2.44 -11.10 21.71
N GLY G 125 -2.81 -9.98 22.34
CA GLY G 125 -1.80 -9.08 22.87
C GLY G 125 -1.04 -8.41 21.74
N SER G 126 0.19 -8.00 22.03
CA SER G 126 1.06 -7.42 21.02
C SER G 126 1.90 -8.44 20.26
N LYS G 127 1.80 -9.72 20.60
CA LYS G 127 2.42 -10.77 19.80
C LYS G 127 1.95 -10.67 18.35
N ARG G 128 2.88 -10.85 17.41
CA ARG G 128 2.58 -10.76 15.98
C ARG G 128 3.21 -11.94 15.23
N MET G 129 2.81 -13.15 15.60
CA MET G 129 3.30 -14.38 14.99
C MET G 129 2.75 -14.51 13.57
N THR G 130 3.65 -14.39 12.58
CA THR G 130 3.31 -14.57 11.18
C THR G 130 3.30 -16.06 10.77
N PRO G 131 2.68 -16.38 9.63
CA PRO G 131 2.54 -17.79 9.23
C PRO G 131 3.81 -18.63 9.27
N LYS G 132 4.95 -18.06 8.89
CA LYS G 132 6.21 -18.81 8.92
C LYS G 132 6.50 -19.36 10.31
N GLN G 133 6.31 -18.54 11.35
CA GLN G 133 6.53 -19.02 12.70
C GLN G 133 5.52 -20.09 13.08
N VAL G 134 4.30 -20.00 12.54
CA VAL G 134 3.32 -21.07 12.70
C VAL G 134 3.82 -22.35 12.04
N ALA G 135 4.26 -22.26 10.79
CA ALA G 135 4.78 -23.45 10.12
C ALA G 135 5.94 -24.05 10.87
N LEU G 136 6.80 -23.22 11.46
CA LEU G 136 7.87 -23.73 12.29
C LEU G 136 7.34 -24.42 13.54
N ARG G 137 6.22 -23.94 14.09
CA ARG G 137 5.55 -24.70 15.13
C ARG G 137 4.97 -26.01 14.61
N VAL G 138 4.38 -25.98 13.42
CA VAL G 138 3.83 -27.19 12.82
C VAL G 138 4.91 -28.24 12.66
N GLU G 139 6.10 -27.84 12.19
CA GLU G 139 7.22 -28.76 12.12
C GLU G 139 7.55 -29.35 13.48
N ALA G 140 7.66 -28.49 14.49
CA ALA G 140 7.91 -28.98 15.84
C ALA G 140 6.80 -29.91 16.31
N LYS G 141 5.55 -29.57 16.01
CA LYS G 141 4.42 -30.38 16.46
C LYS G 141 4.42 -31.76 15.83
N ALA G 142 4.61 -31.84 14.51
CA ALA G 142 4.67 -33.15 13.87
C ALA G 142 5.82 -33.99 14.41
N ARG G 143 7.00 -33.40 14.61
CA ARG G 143 8.11 -34.19 15.13
C ARG G 143 7.79 -34.75 16.51
N GLU G 144 7.22 -33.93 17.39
CA GLU G 144 6.88 -34.43 18.71
C GLU G 144 5.64 -35.31 18.68
N LEU G 145 4.71 -35.06 17.76
CA LEU G 145 3.61 -35.98 17.51
C LEU G 145 4.07 -37.29 16.86
N LYS G 146 5.33 -37.36 16.43
CA LYS G 146 5.87 -38.47 15.64
C LYS G 146 5.20 -38.57 14.27
N ASP G 147 4.54 -37.50 13.83
CA ASP G 147 3.95 -37.43 12.50
C ASP G 147 5.08 -37.20 11.50
N SER G 148 5.20 -38.10 10.52
CA SER G 148 6.26 -38.04 9.54
C SER G 148 5.99 -37.09 8.38
N LYS G 149 4.81 -36.49 8.27
CA LYS G 149 4.45 -35.65 7.12
C LYS G 149 3.82 -34.33 7.55
N PRO G 150 4.58 -33.47 8.22
CA PRO G 150 4.10 -32.09 8.50
C PRO G 150 3.72 -31.32 7.24
N PRO G 151 2.64 -30.55 7.31
CA PRO G 151 2.28 -29.59 6.26
C PRO G 151 3.41 -28.65 5.84
N ASN G 152 3.51 -28.41 4.53
CA ASN G 152 4.42 -27.41 3.99
C ASN G 152 3.91 -25.99 4.20
N TYR G 153 4.86 -25.08 4.35
CA TYR G 153 4.61 -23.66 4.57
C TYR G 153 3.68 -23.03 3.54
N LYS G 154 3.66 -23.52 2.30
CA LYS G 154 2.70 -23.01 1.32
C LYS G 154 1.26 -23.34 1.69
N THR G 155 1.02 -24.53 2.24
CA THR G 155 -0.33 -24.86 2.71
C THR G 155 -0.73 -23.97 3.88
N VAL G 156 0.18 -23.83 4.85
CA VAL G 156 -0.07 -23.00 6.03
C VAL G 156 -0.38 -21.56 5.63
N LEU G 157 0.33 -21.03 4.64
CA LEU G 157 0.01 -19.70 4.14
C LEU G 157 -1.33 -19.68 3.41
N ARG G 158 -1.67 -20.73 2.68
CA ARG G 158 -2.98 -20.82 2.04
C ARG G 158 -4.12 -21.04 3.03
N VAL G 159 -3.88 -21.78 4.11
CA VAL G 159 -4.88 -21.91 5.16
C VAL G 159 -5.24 -20.55 5.76
N LEU G 160 -4.24 -19.74 6.05
CA LEU G 160 -4.49 -18.47 6.71
C LEU G 160 -4.90 -17.36 5.76
N ALA G 161 -4.65 -17.50 4.46
CA ALA G 161 -5.00 -16.45 3.51
C ALA G 161 -6.43 -15.91 3.64
N PRO G 162 -7.48 -16.73 3.81
CA PRO G 162 -8.80 -16.14 4.06
C PRO G 162 -8.90 -15.46 5.41
N ILE G 163 -8.29 -16.02 6.45
CA ILE G 163 -8.28 -15.39 7.77
C ILE G 163 -7.60 -14.03 7.71
N LEU G 164 -6.42 -13.98 7.07
CA LEU G 164 -5.72 -12.72 6.89
C LEU G 164 -6.56 -11.69 6.13
N GLU G 165 -7.29 -12.13 5.12
CA GLU G 165 -8.16 -11.21 4.39
C GLU G 165 -9.34 -10.72 5.23
N LYS G 166 -9.92 -11.59 6.05
CA LYS G 166 -10.97 -11.13 6.96
C LYS G 166 -10.43 -10.13 7.99
N GLN G 167 -9.23 -10.38 8.52
CA GLN G 167 -8.57 -9.42 9.38
C GLN G 167 -8.22 -8.12 8.65
N GLN G 168 -7.98 -8.20 7.34
CA GLN G 168 -7.73 -6.98 6.55
C GLN G 168 -9.00 -6.17 6.33
N LYS G 169 -10.08 -6.83 5.90
CA LYS G 169 -11.28 -6.10 5.50
C LYS G 169 -11.78 -5.14 6.58
N ALA G 170 -11.62 -5.50 7.84
CA ALA G 170 -12.04 -4.66 8.96
C ALA G 170 -11.47 -3.24 8.90
N LYS G 171 -10.33 -3.05 8.25
CA LYS G 171 -9.75 -1.71 8.14
C LYS G 171 -10.51 -0.79 7.19
N SER G 172 -11.31 -1.34 6.27
CA SER G 172 -11.83 -0.58 5.14
C SER G 172 -13.29 -0.16 5.28
N ILE G 173 -14.04 -0.80 6.18
CA ILE G 173 -15.50 -0.64 6.25
C ILE G 173 -15.90 0.82 6.44
N ARG G 174 -16.60 1.36 5.46
CA ARG G 174 -16.97 2.76 5.39
C ARG G 174 -18.21 3.05 6.23
N SER G 175 -18.30 4.30 6.74
CA SER G 175 -19.45 4.83 7.47
C SER G 175 -20.34 5.68 6.57
N PRO G 176 -21.65 5.41 6.54
CA PRO G 176 -22.54 6.16 5.64
C PRO G 176 -22.53 7.66 5.83
N GLY G 177 -22.47 8.13 7.07
CA GLY G 177 -22.61 9.53 7.40
C GLY G 177 -24.04 10.02 7.46
N TRP G 178 -24.22 11.19 8.07
CA TRP G 178 -25.50 11.89 8.06
C TRP G 178 -25.80 12.47 6.69
N ARG G 179 -27.08 12.62 6.42
CA ARG G 179 -27.58 13.03 5.12
C ARG G 179 -28.56 14.17 5.30
N GLY G 180 -28.64 15.03 4.29
CA GLY G 180 -29.62 16.11 4.24
C GLY G 180 -29.45 17.18 5.32
N THR G 181 -30.57 17.83 5.65
CA THR G 181 -30.59 18.88 6.66
C THR G 181 -30.59 18.35 8.09
N THR G 182 -31.36 17.30 8.36
CA THR G 182 -31.56 16.87 9.74
C THR G 182 -30.28 16.29 10.33
N LEU G 183 -29.93 16.72 11.55
CA LEU G 183 -28.68 16.35 12.20
C LEU G 183 -28.86 16.30 13.71
N SER G 184 -28.09 15.42 14.35
CA SER G 184 -27.92 15.38 15.79
C SER G 184 -26.49 14.96 16.11
N VAL G 185 -26.07 15.21 17.35
CA VAL G 185 -24.72 14.85 17.80
C VAL G 185 -24.80 14.00 19.06
N LYS G 186 -23.98 12.96 19.10
CA LYS G 186 -24.06 11.88 20.08
C LYS G 186 -23.26 12.22 21.34
N THR G 187 -23.94 12.73 22.37
CA THR G 187 -23.26 13.05 23.61
C THR G 187 -22.97 11.78 24.41
N ARG G 188 -21.90 11.82 25.20
CA ARG G 188 -21.57 10.68 26.04
C ARG G 188 -22.56 10.50 27.19
N GLU G 189 -23.32 11.55 27.51
CA GLU G 189 -24.51 11.37 28.35
C GLU G 189 -25.50 10.39 27.75
N GLY G 190 -25.36 10.06 26.47
CA GLY G 190 -26.30 9.22 25.77
C GLY G 190 -27.45 9.97 25.17
N LYS G 191 -27.40 11.29 25.17
CA LYS G 191 -28.49 12.14 24.71
C LYS G 191 -28.11 12.70 23.35
N ASP G 192 -28.91 12.39 22.33
CA ASP G 192 -28.64 12.91 21.01
C ASP G 192 -29.20 14.32 20.91
N LEU G 193 -28.32 15.31 20.92
CA LEU G 193 -28.71 16.71 20.85
C LEU G 193 -29.01 17.09 19.40
N SER G 194 -30.27 17.39 19.10
CA SER G 194 -30.61 17.88 17.77
C SER G 194 -30.00 19.25 17.54
N VAL G 195 -29.61 19.49 16.29
CA VAL G 195 -28.89 20.70 15.92
C VAL G 195 -29.77 21.46 14.95
N ASP G 196 -30.79 22.12 15.47
CA ASP G 196 -31.90 22.56 14.66
C ASP G 196 -31.63 23.84 13.90
N TYR G 197 -30.66 24.64 14.33
CA TYR G 197 -30.40 25.92 13.65
C TYR G 197 -28.99 26.38 13.95
N SER G 198 -28.60 27.47 13.29
CA SER G 198 -27.27 28.04 13.47
C SER G 198 -27.02 28.48 14.90
N ASN G 199 -25.77 28.31 15.33
CA ASN G 199 -25.31 28.44 16.72
C ASN G 199 -25.94 27.47 17.72
N HIS G 200 -26.76 26.54 17.29
CA HIS G 200 -27.42 25.69 18.28
C HIS G 200 -26.43 24.78 19.02
N VAL G 201 -25.49 24.17 18.31
CA VAL G 201 -24.33 23.54 18.93
C VAL G 201 -23.07 24.02 18.23
N TRP G 202 -22.19 24.69 18.96
CA TRP G 202 -20.82 24.85 18.52
C TRP G 202 -19.97 23.70 19.01
N GLN G 203 -18.89 23.43 18.28
CA GLN G 203 -17.98 22.34 18.57
C GLN G 203 -16.54 22.85 18.53
N CYS G 204 -15.70 22.34 19.44
CA CYS G 204 -14.33 22.82 19.54
C CYS G 204 -13.34 21.68 19.81
N ASP G 205 -12.19 21.76 19.15
CA ASP G 205 -11.05 20.87 19.38
C ASP G 205 -9.77 21.54 18.91
N HIS G 206 -8.65 20.98 19.36
CA HIS G 206 -7.31 21.47 19.09
C HIS G 206 -6.51 20.43 18.31
N THR G 207 -5.60 20.90 17.46
CA THR G 207 -4.59 19.97 16.98
C THR G 207 -3.28 20.71 16.68
N ARG G 208 -2.21 19.90 16.68
CA ARG G 208 -0.86 20.37 16.34
C ARG G 208 -0.74 20.64 14.85
N VAL G 209 -0.43 21.88 14.50
CA VAL G 209 -0.30 22.19 13.09
C VAL G 209 0.94 21.49 12.54
N ASP G 210 0.89 21.10 11.28
CA ASP G 210 1.99 20.41 10.61
C ASP G 210 2.92 21.35 9.89
N VAL G 211 3.20 22.50 10.48
CA VAL G 211 4.23 23.40 9.99
C VAL G 211 5.16 23.71 11.15
N LEU G 212 6.45 23.53 10.93
CA LEU G 212 7.46 24.07 11.83
C LEU G 212 7.55 25.58 11.59
N LEU G 213 7.36 26.35 12.66
CA LEU G 213 7.47 27.79 12.56
C LEU G 213 8.88 28.21 12.93
N VAL G 214 9.15 29.50 12.80
CA VAL G 214 10.43 30.06 13.19
C VAL G 214 10.23 31.35 13.96
N ASP G 215 11.18 31.67 14.82
CA ASP G 215 11.29 33.01 15.36
C ASP G 215 11.46 34.00 14.22
N GLN G 216 11.19 35.28 14.52
CA GLN G 216 11.45 36.32 13.53
C GLN G 216 12.93 36.39 13.17
N HIS G 217 13.82 35.97 14.07
CA HIS G 217 15.23 35.81 13.73
C HIS G 217 15.50 34.57 12.90
N GLY G 218 14.53 33.69 12.72
CA GLY G 218 14.64 32.61 11.75
C GLY G 218 14.95 31.25 12.32
N GLU G 219 15.24 31.14 13.61
CA GLU G 219 15.51 29.84 14.22
C GLU G 219 14.23 29.05 14.49
N ILE G 220 14.38 27.73 14.52
CA ILE G 220 13.25 26.81 14.58
C ILE G 220 12.43 26.99 15.85
N LEU G 221 11.12 27.16 15.69
CA LEU G 221 10.14 27.04 16.76
C LEU G 221 9.24 25.84 16.50
N SER G 222 9.14 24.95 17.49
CA SER G 222 8.27 23.78 17.40
C SER G 222 6.83 24.15 17.08
N ARG G 223 6.16 23.24 16.37
CA ARG G 223 4.86 23.48 15.73
C ARG G 223 3.86 24.10 16.70
N PRO G 224 3.02 25.03 16.23
CA PRO G 224 1.95 25.56 17.09
C PRO G 224 0.81 24.58 17.33
N TRP G 225 -0.16 24.96 18.17
CA TRP G 225 -1.46 24.32 18.23
C TRP G 225 -2.51 25.22 17.60
N LEU G 226 -3.41 24.63 16.82
CA LEU G 226 -4.61 25.28 16.30
C LEU G 226 -5.86 24.80 17.03
N THR G 227 -6.68 25.77 17.45
CA THR G 227 -7.99 25.56 18.05
C THR G 227 -9.08 26.08 17.13
N THR G 228 -10.11 25.26 16.88
CA THR G 228 -11.21 25.64 16.02
C THR G 228 -12.54 25.58 16.75
N VAL G 229 -13.38 26.60 16.50
CA VAL G 229 -14.76 26.65 16.95
C VAL G 229 -15.69 26.67 15.74
N ILE G 230 -16.63 25.73 15.68
CA ILE G 230 -17.34 25.40 14.45
C ILE G 230 -18.84 25.37 14.73
N ASP G 231 -19.63 25.97 13.84
CA ASP G 231 -21.07 25.86 13.88
C ASP G 231 -21.49 24.50 13.31
N THR G 232 -22.32 23.75 14.04
CA THR G 232 -22.62 22.40 13.58
C THR G 232 -23.68 22.37 12.48
N TYR G 233 -24.74 23.17 12.59
CA TYR G 233 -25.45 23.65 11.43
C TYR G 233 -24.60 24.72 10.74
N SER G 234 -24.94 25.07 9.51
CA SER G 234 -24.18 26.02 8.68
C SER G 234 -22.80 25.51 8.33
N ARG G 235 -22.14 24.87 9.27
CA ARG G 235 -20.80 24.32 9.12
C ARG G 235 -19.77 25.38 8.74
N CYS G 236 -20.04 26.64 9.08
CA CYS G 236 -18.99 27.64 9.16
C CYS G 236 -17.96 27.24 10.20
N ILE G 237 -16.69 27.54 9.94
CA ILE G 237 -15.76 27.80 11.03
C ILE G 237 -16.08 29.15 11.62
N MET G 238 -16.35 29.18 12.92
CA MET G 238 -16.74 30.43 13.57
C MET G 238 -15.57 31.21 14.12
N GLY G 239 -14.52 30.53 14.56
CA GLY G 239 -13.33 31.22 15.02
C GLY G 239 -12.26 30.21 15.36
N ILE G 240 -11.03 30.73 15.49
CA ILE G 240 -9.84 29.94 15.71
C ILE G 240 -8.96 30.62 16.74
N ASN G 241 -8.06 29.85 17.34
CA ASN G 241 -6.86 30.38 17.97
C ASN G 241 -5.65 29.55 17.57
N LEU G 242 -4.62 30.22 17.08
CA LEU G 242 -3.40 29.60 16.59
C LEU G 242 -2.24 30.10 17.43
N GLY G 243 -1.53 29.19 18.07
CA GLY G 243 -0.45 29.59 18.96
C GLY G 243 0.26 28.39 19.52
N PHE G 244 1.42 28.67 20.12
CA PHE G 244 2.29 27.64 20.68
C PHE G 244 1.80 27.10 22.02
N ASP G 245 0.89 27.82 22.68
CA ASP G 245 0.37 27.38 23.97
C ASP G 245 -0.40 26.07 23.84
N ALA G 246 -0.05 25.12 24.70
CA ALA G 246 -0.70 23.82 24.72
C ALA G 246 -2.19 23.96 25.03
N PRO G 247 -3.00 22.93 24.70
CA PRO G 247 -4.44 22.96 25.01
C PRO G 247 -4.76 23.31 26.45
N SER G 248 -5.34 24.48 26.67
CA SER G 248 -5.54 25.00 28.01
C SER G 248 -6.80 25.85 28.00
N SER G 249 -7.43 25.95 29.17
CA SER G 249 -8.68 26.69 29.28
C SER G 249 -8.52 28.15 28.88
N GLY G 250 -7.33 28.69 29.01
CA GLY G 250 -7.08 30.01 28.45
C GLY G 250 -6.99 30.02 26.94
N VAL G 251 -6.55 28.92 26.34
CA VAL G 251 -6.60 28.79 24.90
C VAL G 251 -8.03 28.60 24.41
N VAL G 252 -8.78 27.71 25.07
CA VAL G 252 -10.20 27.55 24.78
C VAL G 252 -10.91 28.89 24.84
N ALA G 253 -10.76 29.59 25.97
CA ALA G 253 -11.32 30.92 26.14
C ALA G 253 -10.87 31.90 25.07
N LEU G 254 -9.65 31.74 24.54
CA LEU G 254 -9.20 32.62 23.47
C LEU G 254 -9.89 32.32 22.14
N ALA G 255 -10.12 31.06 21.82
CA ALA G 255 -10.91 30.76 20.63
C ALA G 255 -12.35 31.20 20.79
N LEU G 256 -12.94 30.93 21.95
CA LEU G 256 -14.31 31.36 22.25
C LEU G 256 -14.47 32.87 22.10
N ARG G 257 -13.53 33.66 22.61
CA ARG G 257 -13.59 35.10 22.42
C ARG G 257 -13.68 35.47 20.95
N HIS G 258 -12.75 34.95 20.13
CA HIS G 258 -12.73 35.24 18.70
C HIS G 258 -14.01 34.80 18.03
N ALA G 259 -14.52 33.62 18.39
CA ALA G 259 -15.70 33.07 17.74
C ALA G 259 -16.93 33.91 18.06
N ILE G 260 -17.14 34.22 19.35
CA ILE G 260 -18.34 34.92 19.79
C ILE G 260 -18.33 36.36 19.32
N LEU G 261 -17.21 36.99 19.33
CA LEU G 261 -17.13 38.37 18.91
C LEU G 261 -17.21 38.53 17.40
N PRO G 262 -17.76 39.64 16.92
CA PRO G 262 -17.61 40.02 15.51
C PRO G 262 -16.16 40.11 15.08
N LYS G 263 -15.94 39.91 13.78
CA LYS G 263 -14.61 39.89 13.18
C LYS G 263 -14.31 41.19 12.45
N ARG G 264 -13.11 41.71 12.67
CA ARG G 264 -12.58 42.82 11.88
C ARG G 264 -11.13 42.53 11.53
N TYR G 265 -10.77 42.74 10.28
CA TYR G 265 -9.42 42.53 9.79
C TYR G 265 -9.02 43.67 8.86
N GLY G 266 -7.77 44.13 9.01
CA GLY G 266 -7.26 45.22 8.20
C GLY G 266 -6.73 44.82 6.84
N SER G 267 -6.37 45.84 6.07
CA SER G 267 -5.95 45.65 4.68
C SER G 267 -4.71 44.79 4.54
N GLU G 268 -3.93 44.59 5.61
CA GLU G 268 -2.88 43.58 5.57
C GLU G 268 -3.44 42.18 5.41
N TYR G 269 -4.68 41.95 5.82
CA TYR G 269 -5.44 40.79 5.36
C TYR G 269 -6.18 41.19 4.09
N LYS G 270 -5.78 40.62 2.97
CA LYS G 270 -6.20 41.11 1.66
C LYS G 270 -7.59 40.59 1.29
N LEU G 271 -8.45 40.41 2.29
CA LEU G 271 -9.69 39.66 2.13
C LEU G 271 -10.59 40.27 1.05
N HIS G 272 -11.23 39.40 0.28
CA HIS G 272 -12.34 39.78 -0.59
C HIS G 272 -13.69 39.50 0.02
N CYS G 273 -13.82 38.37 0.72
CA CYS G 273 -15.00 38.07 1.51
C CYS G 273 -14.96 38.87 2.81
N GLU G 274 -15.93 38.62 3.68
CA GLU G 274 -15.86 39.12 5.05
C GLU G 274 -16.47 38.08 5.97
N TRP G 275 -15.84 37.91 7.13
CA TRP G 275 -16.17 36.84 8.05
C TRP G 275 -17.36 37.23 8.93
N GLY G 276 -18.51 37.35 8.30
CA GLY G 276 -19.68 37.95 8.89
C GLY G 276 -20.40 37.14 9.96
N THR G 277 -19.67 36.40 10.79
CA THR G 277 -20.28 35.48 11.74
C THR G 277 -19.87 35.78 13.18
N TYR G 278 -20.84 35.66 14.10
CA TYR G 278 -20.69 36.06 15.50
C TYR G 278 -21.81 35.44 16.31
N GLY G 279 -21.95 35.89 17.56
CA GLY G 279 -23.01 35.47 18.47
C GLY G 279 -22.65 34.23 19.28
N LYS G 280 -23.40 34.02 20.36
CA LYS G 280 -23.09 32.92 21.28
C LYS G 280 -23.67 31.59 20.80
N PRO G 281 -22.99 30.49 21.10
CA PRO G 281 -23.65 29.18 21.02
C PRO G 281 -24.70 29.00 22.09
N GLU G 282 -25.64 28.12 21.78
CA GLU G 282 -26.62 27.63 22.76
C GLU G 282 -26.11 26.41 23.51
N HIS G 283 -25.19 25.65 22.91
CA HIS G 283 -24.54 24.53 23.55
C HIS G 283 -23.12 24.46 23.01
N PHE G 284 -22.26 23.74 23.72
CA PHE G 284 -20.88 23.66 23.34
C PHE G 284 -20.44 22.20 23.47
N TYR G 285 -19.90 21.64 22.39
CA TYR G 285 -19.69 20.20 22.28
C TYR G 285 -18.22 19.93 22.05
N THR G 286 -17.64 19.02 22.85
CA THR G 286 -16.20 18.96 23.05
C THR G 286 -15.79 17.51 23.21
N ASP G 287 -14.48 17.29 23.24
CA ASP G 287 -13.91 16.07 23.81
C ASP G 287 -13.68 16.23 25.31
N GLY G 288 -13.09 15.19 25.91
CA GLY G 288 -12.81 15.10 27.33
C GLY G 288 -11.49 15.67 27.82
N GLY G 289 -10.83 16.50 27.02
CA GLY G 289 -9.59 17.11 27.47
C GLY G 289 -9.75 17.94 28.73
N LYS G 290 -8.70 17.96 29.54
CA LYS G 290 -8.78 18.58 30.87
C LYS G 290 -9.07 20.07 30.77
N ASP G 291 -8.69 20.69 29.67
CA ASP G 291 -9.12 22.07 29.40
C ASP G 291 -10.62 22.16 29.20
N PHE G 292 -11.20 21.22 28.45
CA PHE G 292 -12.64 21.21 28.26
C PHE G 292 -13.38 20.77 29.51
N ARG G 293 -12.87 19.78 30.23
CA ARG G 293 -13.44 19.40 31.52
C ARG G 293 -13.00 20.31 32.66
N SER G 294 -12.48 21.49 32.38
CA SER G 294 -12.04 22.41 33.42
C SER G 294 -13.20 23.16 34.05
N ASN G 295 -13.05 23.47 35.33
CA ASN G 295 -13.97 24.36 36.02
C ASN G 295 -14.08 25.70 35.32
N HIS G 296 -12.95 26.25 34.88
CA HIS G 296 -12.96 27.52 34.16
C HIS G 296 -13.97 27.53 33.01
N LEU G 297 -13.89 26.53 32.13
CA LEU G 297 -14.78 26.52 30.99
C LEU G 297 -16.23 26.34 31.40
N SER G 298 -16.51 25.41 32.31
CA SER G 298 -17.87 25.20 32.78
C SER G 298 -18.45 26.47 33.42
N GLN G 299 -17.59 27.27 34.06
CA GLN G 299 -18.04 28.54 34.61
C GLN G 299 -18.28 29.58 33.53
N ILE G 300 -17.50 29.58 32.44
CA ILE G 300 -17.82 30.41 31.29
C ILE G 300 -19.17 30.03 30.70
N GLY G 301 -19.45 28.73 30.59
CA GLY G 301 -20.72 28.29 30.05
C GLY G 301 -21.90 28.74 30.88
N ALA G 302 -21.79 28.59 32.20
CA ALA G 302 -22.81 29.09 33.10
C ALA G 302 -22.98 30.61 32.97
N GLN G 303 -21.89 31.34 32.80
CA GLN G 303 -22.00 32.79 32.62
C GLN G 303 -22.60 33.16 31.28
N LEU G 304 -22.06 32.65 30.18
CA LEU G 304 -22.53 33.07 28.88
C LEU G 304 -23.84 32.41 28.47
N GLY G 305 -24.11 31.21 28.96
CA GLY G 305 -25.41 30.60 28.73
C GLY G 305 -25.41 29.49 27.71
N PHE G 306 -24.55 28.50 27.91
CA PHE G 306 -24.54 27.29 27.12
C PHE G 306 -24.11 26.13 28.00
N VAL G 307 -24.58 24.99 27.69
CA VAL G 307 -24.19 23.78 28.39
C VAL G 307 -22.99 23.18 27.68
N CYS G 308 -22.09 22.58 28.45
CA CYS G 308 -20.90 21.92 27.92
C CYS G 308 -21.14 20.42 27.90
N HIS G 309 -21.03 19.83 26.71
CA HIS G 309 -21.31 18.41 26.48
C HIS G 309 -20.06 17.75 25.94
N LEU G 310 -19.81 16.50 26.32
CA LEU G 310 -18.65 15.80 25.79
C LEU G 310 -19.07 14.68 24.85
N ARG G 311 -18.30 14.52 23.78
CA ARG G 311 -18.49 13.42 22.84
C ARG G 311 -18.10 12.07 23.44
N ASP G 312 -18.76 11.03 22.96
CA ASP G 312 -18.45 9.68 23.41
C ASP G 312 -17.04 9.27 22.97
N ARG G 313 -16.68 9.62 21.73
CA ARG G 313 -15.51 9.11 21.05
C ARG G 313 -15.20 10.06 19.90
N PRO G 314 -13.98 9.99 19.33
CA PRO G 314 -13.62 11.01 18.35
C PRO G 314 -14.45 10.91 17.09
N SER G 315 -14.95 9.72 16.77
CA SER G 315 -15.77 9.55 15.57
C SER G 315 -16.96 10.49 15.59
N GLU G 316 -17.65 10.57 16.74
CA GLU G 316 -18.72 11.53 16.94
C GLU G 316 -18.28 12.96 16.77
N GLY G 317 -16.98 13.24 16.90
CA GLY G 317 -16.42 14.54 16.66
C GLY G 317 -16.16 14.90 15.22
N GLY G 318 -16.45 14.01 14.29
CA GLY G 318 -16.02 14.19 12.91
C GLY G 318 -16.31 15.56 12.31
N VAL G 319 -17.37 16.21 12.76
CA VAL G 319 -17.70 17.53 12.23
C VAL G 319 -16.59 18.54 12.48
N VAL G 320 -15.83 18.39 13.56
CA VAL G 320 -14.70 19.26 13.86
C VAL G 320 -13.36 18.63 13.50
N GLU G 321 -13.21 17.33 13.68
CA GLU G 321 -12.01 16.66 13.23
C GLU G 321 -11.75 16.80 11.74
N ARG G 322 -12.78 16.94 10.94
CA ARG G 322 -12.55 16.96 9.49
C ARG G 322 -11.95 18.25 8.95
N PRO G 323 -12.39 19.44 9.34
CA PRO G 323 -11.73 20.64 8.83
C PRO G 323 -10.22 20.65 8.98
N PHE G 324 -9.67 19.96 9.98
CA PHE G 324 -8.22 19.83 10.07
C PHE G 324 -7.64 19.22 8.80
N LYS G 325 -8.19 18.10 8.36
CA LYS G 325 -7.72 17.44 7.15
C LYS G 325 -7.93 18.28 5.90
N THR G 326 -9.05 19.00 5.81
CA THR G 326 -9.23 19.94 4.70
C THR G 326 -8.24 21.09 4.78
N LEU G 327 -7.79 21.44 5.98
CA LEU G 327 -6.67 22.36 6.15
C LEU G 327 -5.34 21.70 5.85
N ASN G 328 -5.14 20.51 6.40
CA ASN G 328 -3.91 19.74 6.21
C ASN G 328 -3.61 19.53 4.73
N ASP G 329 -4.61 19.09 3.97
CA ASP G 329 -4.45 18.89 2.54
C ASP G 329 -4.34 20.21 1.78
N GLN G 330 -5.28 21.12 1.99
CA GLN G 330 -5.37 22.29 1.12
C GLN G 330 -4.54 23.47 1.57
N LEU G 331 -3.98 23.45 2.78
CA LEU G 331 -3.19 24.60 3.22
C LEU G 331 -1.82 24.19 3.73
N PHE G 332 -1.76 23.48 4.86
CA PHE G 332 -0.47 23.23 5.51
C PHE G 332 0.49 22.48 4.59
N SER G 333 -0.02 21.53 3.81
CA SER G 333 0.84 20.78 2.89
C SER G 333 1.46 21.65 1.80
N THR G 334 0.86 22.78 1.45
CA THR G 334 1.39 23.60 0.36
C THR G 334 2.29 24.72 0.86
N LEU G 335 2.78 24.64 2.10
CA LEU G 335 3.54 25.72 2.70
C LEU G 335 4.95 25.28 3.05
N PRO G 336 5.91 26.20 2.97
CA PRO G 336 7.29 25.89 3.38
C PRO G 336 7.37 25.32 4.79
N GLY G 337 8.01 24.17 4.90
CA GLY G 337 8.19 23.53 6.18
C GLY G 337 7.06 22.65 6.62
N TYR G 338 6.20 22.22 5.71
CA TYR G 338 5.24 21.17 6.02
C TYR G 338 5.97 19.96 6.59
N THR G 339 5.50 19.49 7.74
CA THR G 339 6.24 18.50 8.49
C THR G 339 5.73 17.08 8.25
N GLY G 340 4.70 16.91 7.43
CA GLY G 340 4.15 15.60 7.17
C GLY G 340 3.34 15.04 8.30
N SER G 341 2.22 14.39 7.97
CA SER G 341 1.27 13.94 8.97
C SER G 341 1.76 12.78 9.82
N ASN G 342 2.96 12.26 9.59
CA ASN G 342 3.40 11.11 10.38
C ASN G 342 4.91 11.07 10.46
N VAL G 343 5.39 10.33 11.46
CA VAL G 343 6.83 10.07 11.60
C VAL G 343 7.37 9.31 10.39
N GLN G 344 6.56 8.41 9.84
CA GLN G 344 6.92 7.73 8.60
C GLN G 344 6.82 8.61 7.37
N GLU G 345 6.43 9.87 7.54
CA GLU G 345 6.10 10.71 6.41
C GLU G 345 6.68 12.11 6.49
N ARG G 346 7.43 12.44 7.54
CA ARG G 346 8.02 13.76 7.60
C ARG G 346 9.00 13.95 6.45
N PRO G 347 8.88 15.03 5.68
CA PRO G 347 9.88 15.33 4.66
C PRO G 347 11.29 15.31 5.22
N GLU G 348 12.21 14.81 4.41
CA GLU G 348 13.60 14.57 4.81
C GLU G 348 14.31 15.86 5.20
N ASP G 349 13.70 17.02 4.97
CA ASP G 349 14.35 18.29 5.26
C ASP G 349 13.35 19.32 5.78
N ALA G 350 12.35 18.87 6.54
CA ALA G 350 11.36 19.78 7.11
C ALA G 350 12.02 20.89 7.92
N GLU G 351 13.01 20.53 8.74
CA GLU G 351 13.70 21.52 9.55
C GLU G 351 14.56 22.45 8.72
N LYS G 352 15.12 21.95 7.61
CA LYS G 352 15.85 22.83 6.69
C LYS G 352 14.93 23.82 6.00
N ASP G 353 13.74 23.38 5.59
CA ASP G 353 12.84 24.25 4.83
C ASP G 353 12.01 25.17 5.70
N ALA G 354 11.93 24.90 7.00
CA ALA G 354 11.11 25.68 7.92
C ALA G 354 11.34 27.17 7.85
N ARG G 355 10.40 27.89 7.23
CA ARG G 355 10.33 29.34 7.31
C ARG G 355 8.88 29.75 7.05
N LEU G 356 8.12 29.84 8.15
CA LEU G 356 6.98 30.73 8.28
C LEU G 356 6.91 31.11 9.76
N THR G 357 6.51 32.33 10.04
CA THR G 357 6.25 32.70 11.43
C THR G 357 4.77 32.66 11.78
N LEU G 358 4.50 32.70 13.09
CA LEU G 358 3.15 32.55 13.61
C LEU G 358 2.21 33.60 13.05
N ARG G 359 2.67 34.86 12.99
CA ARG G 359 1.88 35.92 12.39
C ARG G 359 1.64 35.70 10.90
N GLU G 360 2.60 35.09 10.20
CA GLU G 360 2.44 34.85 8.77
C GLU G 360 1.48 33.70 8.48
N LEU G 361 1.63 32.58 9.21
CA LEU G 361 0.72 31.45 9.05
C LEU G 361 -0.73 31.82 9.39
N GLU G 362 -0.93 32.60 10.45
CA GLU G 362 -2.27 33.08 10.78
C GLU G 362 -2.84 33.98 9.69
N GLN G 363 -2.02 34.85 9.12
CA GLN G 363 -2.50 35.72 8.05
C GLN G 363 -2.90 34.95 6.80
N LEU G 364 -2.30 33.79 6.54
CA LEU G 364 -2.76 32.92 5.47
C LEU G 364 -4.00 32.13 5.88
N LEU G 365 -3.97 31.50 7.05
CA LEU G 365 -5.10 30.69 7.50
C LEU G 365 -6.41 31.49 7.55
N VAL G 366 -6.33 32.76 7.91
CA VAL G 366 -7.52 33.61 7.87
C VAL G 366 -7.98 33.91 6.45
N ARG G 367 -7.05 34.08 5.50
CA ARG G 367 -7.47 34.20 4.11
C ARG G 367 -8.11 32.91 3.59
N TYR G 368 -7.59 31.77 4.01
CA TYR G 368 -8.20 30.51 3.62
C TYR G 368 -9.62 30.38 4.15
N ILE G 369 -9.83 30.63 5.44
CA ILE G 369 -11.16 30.49 6.04
C ILE G 369 -12.15 31.51 5.49
N VAL G 370 -11.75 32.76 5.31
CA VAL G 370 -12.71 33.78 4.93
C VAL G 370 -13.02 33.72 3.44
N ASP G 371 -12.01 33.69 2.60
CA ASP G 371 -12.21 33.67 1.16
C ASP G 371 -12.45 32.28 0.58
N ARG G 372 -12.21 31.22 1.34
CA ARG G 372 -12.30 29.89 0.73
C ARG G 372 -13.16 28.92 1.51
N TYR G 373 -12.71 28.44 2.68
CA TYR G 373 -13.41 27.34 3.34
C TYR G 373 -14.86 27.69 3.65
N ASN G 374 -15.12 28.84 4.26
CA ASN G 374 -16.50 29.21 4.51
C ASN G 374 -17.29 29.55 3.26
N GLN G 375 -16.64 29.81 2.14
CA GLN G 375 -17.37 30.02 0.89
C GLN G 375 -17.62 28.75 0.10
N SER G 376 -17.09 27.61 0.52
CA SER G 376 -17.38 26.36 -0.16
C SER G 376 -18.78 25.86 0.18
N ILE G 377 -19.32 25.02 -0.69
CA ILE G 377 -20.61 24.40 -0.42
C ILE G 377 -20.51 23.55 0.83
N ASP G 378 -21.58 23.54 1.62
CA ASP G 378 -21.74 22.50 2.63
C ASP G 378 -21.97 21.16 1.94
N ALA G 379 -21.12 20.19 2.27
CA ALA G 379 -21.10 18.91 1.56
C ALA G 379 -22.34 18.06 1.77
N ARG G 380 -23.24 18.40 2.69
CA ARG G 380 -24.53 17.73 2.72
C ARG G 380 -25.52 18.35 1.74
N MET G 381 -25.35 19.62 1.41
CA MET G 381 -26.41 20.45 0.88
C MET G 381 -26.21 20.81 -0.59
N GLY G 382 -24.96 20.99 -1.01
CA GLY G 382 -24.66 21.30 -2.39
C GLY G 382 -25.09 22.67 -2.87
N ASP G 383 -26.27 23.11 -2.45
CA ASP G 383 -26.78 24.39 -2.91
C ASP G 383 -26.13 25.56 -2.19
N GLN G 384 -25.85 25.41 -0.91
CA GLN G 384 -25.54 26.51 -0.01
C GLN G 384 -24.07 26.52 0.37
N THR G 385 -23.44 27.67 0.21
CA THR G 385 -22.13 27.90 0.82
C THR G 385 -22.26 27.96 2.33
N ARG G 386 -21.19 27.52 3.00
CA ARG G 386 -21.18 27.40 4.45
C ARG G 386 -21.58 28.68 5.17
N PHE G 387 -21.26 29.84 4.61
CA PHE G 387 -21.74 31.10 5.17
C PHE G 387 -23.20 31.39 4.86
N GLU G 388 -23.66 31.11 3.64
CA GLU G 388 -25.07 31.32 3.34
C GLU G 388 -25.97 30.39 4.16
N ARG G 389 -25.52 29.18 4.46
CA ARG G 389 -26.20 28.33 5.42
C ARG G 389 -26.10 28.82 6.85
N TRP G 390 -25.28 29.84 7.11
CA TRP G 390 -25.29 30.49 8.42
C TRP G 390 -26.21 31.72 8.43
N GLU G 391 -25.91 32.67 7.56
CA GLU G 391 -26.60 33.95 7.57
C GLU G 391 -28.10 33.78 7.38
N ALA G 392 -28.52 32.74 6.66
CA ALA G 392 -29.94 32.47 6.47
C ALA G 392 -30.55 31.60 7.57
N GLY G 393 -29.74 30.96 8.42
CA GLY G 393 -30.26 29.97 9.33
C GLY G 393 -30.32 30.41 10.78
N LEU G 394 -30.36 31.73 11.00
CA LEU G 394 -30.45 32.32 12.33
C LEU G 394 -31.88 32.67 12.65
N PRO G 395 -32.41 32.25 13.80
CA PRO G 395 -33.77 32.67 14.16
C PRO G 395 -33.90 34.18 14.25
N THR G 396 -32.88 34.83 14.79
CA THR G 396 -32.81 36.28 14.80
C THR G 396 -31.33 36.66 14.80
N VAL G 397 -31.03 37.81 14.21
CA VAL G 397 -29.65 38.33 14.24
C VAL G 397 -29.20 38.48 15.68
N PRO G 398 -28.05 37.92 16.07
CA PRO G 398 -27.60 38.02 17.46
C PRO G 398 -27.39 39.47 17.87
N VAL G 399 -27.55 39.71 19.18
CA VAL G 399 -27.25 41.02 19.77
C VAL G 399 -25.73 41.24 19.77
N PRO G 400 -25.25 42.45 19.45
CA PRO G 400 -23.81 42.72 19.52
C PRO G 400 -23.32 42.81 20.96
N ILE G 401 -22.64 41.77 21.42
CA ILE G 401 -22.27 41.61 22.83
C ILE G 401 -21.30 42.72 23.24
N PRO G 402 -21.49 43.33 24.41
CA PRO G 402 -20.47 44.25 24.94
C PRO G 402 -19.22 43.50 25.34
N GLU G 403 -18.11 43.84 24.69
CA GLU G 403 -16.91 43.00 24.76
C GLU G 403 -16.28 42.98 26.14
N ARG G 404 -16.44 44.04 26.94
CA ARG G 404 -16.00 43.97 28.32
C ARG G 404 -16.81 42.94 29.11
N ASP G 405 -18.11 42.83 28.82
CA ASP G 405 -18.91 41.83 29.54
C ASP G 405 -18.48 40.41 29.16
N LEU G 406 -18.23 40.16 27.88
CA LEU G 406 -17.65 38.89 27.46
C LEU G 406 -16.34 38.63 28.20
N ASP G 407 -15.43 39.60 28.17
CA ASP G 407 -14.17 39.44 28.89
C ASP G 407 -14.38 39.15 30.36
N ILE G 408 -15.26 39.90 31.01
CA ILE G 408 -15.51 39.72 32.45
C ILE G 408 -15.99 38.31 32.74
N CYS G 409 -16.80 37.73 31.87
CA CYS G 409 -17.24 36.36 32.06
C CYS G 409 -16.32 35.33 31.41
N LEU G 410 -15.30 35.77 30.68
CA LEU G 410 -14.21 34.87 30.35
C LEU G 410 -13.15 34.78 31.44
N MET G 411 -13.00 35.82 32.26
CA MET G 411 -12.07 35.79 33.38
C MET G 411 -12.37 34.61 34.29
N LYS G 412 -11.35 33.85 34.63
CA LYS G 412 -11.49 32.84 35.66
C LYS G 412 -11.57 33.52 37.03
N GLN G 413 -11.97 32.75 38.03
CA GLN G 413 -12.37 33.33 39.30
C GLN G 413 -11.98 32.41 40.42
N SER G 414 -11.83 32.99 41.62
CA SER G 414 -11.55 32.20 42.80
C SER G 414 -12.27 32.79 43.99
N ARG G 415 -12.32 32.01 45.07
CA ARG G 415 -12.93 32.40 46.32
C ARG G 415 -11.85 32.71 47.35
N ARG G 416 -11.96 33.88 47.97
CA ARG G 416 -11.16 34.22 49.14
C ARG G 416 -12.00 35.12 50.05
N THR G 417 -11.59 35.17 51.32
CA THR G 417 -12.25 36.01 52.30
C THR G 417 -11.46 37.29 52.51
N VAL G 418 -12.17 38.42 52.50
CA VAL G 418 -11.56 39.66 52.94
C VAL G 418 -11.16 39.51 54.40
N GLN G 419 -9.90 39.77 54.69
CA GLN G 419 -9.41 39.63 56.05
C GLN G 419 -8.96 41.00 56.59
N ARG G 420 -8.37 40.97 57.78
CA ARG G 420 -8.23 42.17 58.60
C ARG G 420 -7.53 43.30 57.86
N GLY G 421 -8.07 44.50 58.01
CA GLY G 421 -7.59 45.66 57.30
C GLY G 421 -8.00 45.76 55.85
N GLY G 422 -8.94 44.92 55.42
CA GLY G 422 -9.34 44.86 54.03
C GLY G 422 -8.34 44.20 53.12
N CYS G 423 -7.35 43.52 53.68
CA CYS G 423 -6.44 42.73 52.87
C CYS G 423 -7.15 41.48 52.37
N LEU G 424 -6.79 41.04 51.17
CA LEU G 424 -7.05 39.66 50.77
C LEU G 424 -5.83 39.11 50.05
N GLN G 425 -5.49 37.87 50.37
CA GLN G 425 -4.41 37.16 49.72
C GLN G 425 -4.90 36.48 48.45
N PHE G 426 -4.09 36.56 47.40
CA PHE G 426 -4.31 35.67 46.26
C PHE G 426 -2.99 35.44 45.54
N GLN G 427 -2.52 34.19 45.61
CA GLN G 427 -1.24 33.76 45.08
C GLN G 427 -0.09 34.64 45.58
N ASN G 428 0.05 34.65 46.91
CA ASN G 428 1.12 35.38 47.59
C ASN G 428 1.04 36.89 47.51
N LEU G 429 0.57 37.43 46.37
CA LEU G 429 0.28 38.86 46.33
C LEU G 429 -0.81 39.23 47.33
N MET G 430 -0.82 40.49 47.74
CA MET G 430 -1.92 41.10 48.46
C MET G 430 -2.45 42.33 47.73
N TYR G 431 -3.74 42.58 47.92
CA TYR G 431 -4.48 43.56 47.12
C TYR G 431 -5.39 44.31 48.08
N ARG G 432 -5.85 45.48 47.66
CA ARG G 432 -7.03 46.10 48.27
C ARG G 432 -7.72 47.04 47.29
N GLY G 433 -8.95 47.40 47.62
CA GLY G 433 -9.70 48.34 46.81
C GLY G 433 -10.61 49.19 47.67
N GLU G 434 -11.33 50.09 47.01
CA GLU G 434 -11.88 51.28 47.66
C GLU G 434 -12.93 50.98 48.73
N TYR G 435 -13.48 49.75 48.78
CA TYR G 435 -14.50 49.43 49.77
C TYR G 435 -14.23 48.14 50.52
N LEU G 436 -13.03 47.56 50.40
CA LEU G 436 -12.81 46.19 50.82
C LEU G 436 -13.03 46.00 52.32
N ALA G 437 -12.43 46.87 53.14
CA ALA G 437 -12.36 46.60 54.58
C ALA G 437 -13.74 46.48 55.23
N GLY G 438 -14.75 47.14 54.70
CA GLY G 438 -16.10 46.96 55.22
C GLY G 438 -16.59 45.52 55.15
N TYR G 439 -16.06 44.75 54.21
CA TYR G 439 -16.44 43.36 53.99
C TYR G 439 -15.46 42.37 54.63
N ALA G 440 -14.53 42.85 55.43
CA ALA G 440 -13.61 41.97 56.14
C ALA G 440 -14.36 40.95 56.98
N GLY G 441 -13.97 39.69 56.86
CA GLY G 441 -14.55 38.60 57.64
C GLY G 441 -15.38 37.60 56.86
N GLU G 442 -15.64 37.83 55.57
CA GLU G 442 -16.44 36.88 54.80
C GLU G 442 -15.78 36.63 53.46
N THR G 443 -16.18 35.52 52.83
CA THR G 443 -15.63 35.16 51.53
C THR G 443 -16.26 36.01 50.43
N VAL G 444 -15.43 36.42 49.48
CA VAL G 444 -15.88 37.14 48.30
C VAL G 444 -15.45 36.38 47.05
N ASN G 445 -16.17 36.62 45.96
CA ASN G 445 -15.78 36.11 44.66
C ASN G 445 -14.99 37.18 43.93
N LEU G 446 -13.86 36.78 43.36
CA LEU G 446 -13.00 37.70 42.63
C LEU G 446 -12.53 37.07 41.32
N ARG G 447 -12.50 37.89 40.27
CA ARG G 447 -12.19 37.48 38.91
C ARG G 447 -10.80 37.92 38.53
N PHE G 448 -10.00 37.03 37.95
CA PHE G 448 -8.63 37.34 37.60
C PHE G 448 -8.29 36.84 36.21
N ASP G 449 -7.45 37.60 35.52
CA ASP G 449 -6.91 37.26 34.22
C ASP G 449 -5.45 36.84 34.37
N PRO G 450 -5.12 35.58 34.10
CA PRO G 450 -3.72 35.13 34.28
C PRO G 450 -2.70 35.95 33.51
N ARG G 451 -3.11 36.73 32.51
CA ARG G 451 -2.15 37.59 31.82
C ARG G 451 -1.80 38.82 32.63
N ASP G 452 -2.67 39.27 33.52
CA ASP G 452 -2.38 40.45 34.35
C ASP G 452 -3.22 40.32 35.62
N ILE G 453 -2.60 39.74 36.66
CA ILE G 453 -3.26 39.58 37.96
C ILE G 453 -3.26 40.85 38.79
N THR G 454 -2.65 41.94 38.31
CA THR G 454 -2.44 43.11 39.15
C THR G 454 -3.71 43.90 39.44
N THR G 455 -4.79 43.67 38.69
CA THR G 455 -6.05 44.38 38.91
C THR G 455 -7.16 43.34 38.96
N ILE G 456 -7.42 42.84 40.15
CA ILE G 456 -8.51 41.90 40.39
C ILE G 456 -9.83 42.65 40.42
N LEU G 457 -10.89 42.01 39.93
CA LEU G 457 -12.25 42.49 40.12
C LEU G 457 -12.93 41.56 41.12
N VAL G 458 -13.52 42.14 42.15
CA VAL G 458 -14.05 41.38 43.28
C VAL G 458 -15.55 41.59 43.39
N TYR G 459 -16.26 40.51 43.74
CA TYR G 459 -17.71 40.47 43.73
C TYR G 459 -18.20 39.95 45.06
N ARG G 460 -19.20 40.60 45.62
CA ARG G 460 -19.92 40.09 46.77
C ARG G 460 -21.09 39.23 46.30
N GLN G 461 -21.48 38.27 47.15
CA GLN G 461 -22.76 37.61 47.02
C GLN G 461 -23.71 38.15 48.10
N GLU G 462 -24.82 38.72 47.66
CA GLU G 462 -25.80 39.31 48.57
C GLU G 462 -27.18 39.09 47.98
N ASN G 463 -28.16 38.87 48.87
CA ASN G 463 -29.48 38.32 48.53
C ASN G 463 -29.34 37.05 47.67
N ASN G 464 -28.22 36.34 47.84
CA ASN G 464 -27.79 35.27 46.94
C ASN G 464 -27.73 35.72 45.48
N GLN G 465 -27.28 36.95 45.27
CA GLN G 465 -26.94 37.44 43.94
C GLN G 465 -25.55 38.04 43.95
N GLU G 466 -24.89 37.92 42.81
CA GLU G 466 -23.55 38.46 42.61
C GLU G 466 -23.62 39.97 42.44
N VAL G 467 -22.76 40.69 43.17
CA VAL G 467 -22.63 42.13 42.99
C VAL G 467 -21.16 42.53 43.02
N PHE G 468 -20.79 43.43 42.09
CA PHE G 468 -19.43 43.94 41.98
C PHE G 468 -19.10 44.92 43.10
N LEU G 469 -17.94 44.74 43.74
CA LEU G 469 -17.48 45.72 44.72
C LEU G 469 -16.56 46.76 44.11
N THR G 470 -15.38 46.35 43.64
CA THR G 470 -14.34 47.28 43.18
C THR G 470 -13.23 46.49 42.52
N ARG G 471 -12.32 47.22 41.87
CA ARG G 471 -11.05 46.68 41.43
C ARG G 471 -10.07 46.64 42.59
N ALA G 472 -9.62 45.44 42.97
CA ALA G 472 -8.57 45.28 43.97
C ALA G 472 -7.20 45.28 43.29
N HIS G 473 -6.41 46.30 43.57
CA HIS G 473 -5.11 46.48 42.94
C HIS G 473 -4.00 45.91 43.83
N ALA G 474 -3.07 45.19 43.21
CA ALA G 474 -1.91 44.67 43.91
C ALA G 474 -1.02 45.82 44.36
N GLN G 475 -0.87 45.97 45.68
CA GLN G 475 -0.27 47.17 46.23
C GLN G 475 1.19 47.30 45.81
N GLY G 476 1.54 48.47 45.26
CA GLY G 476 2.86 48.73 44.73
C GLY G 476 3.11 48.22 43.34
N LEU G 477 2.17 47.45 42.78
CA LEU G 477 2.28 46.89 41.44
C LEU G 477 1.28 47.51 40.49
N GLU G 478 0.57 48.56 40.92
CA GLU G 478 -0.42 49.24 40.10
C GLU G 478 0.24 50.12 39.05
N THR G 479 1.22 49.56 38.35
CA THR G 479 2.10 50.34 37.48
C THR G 479 2.39 49.60 36.19
N GLU G 480 2.64 48.28 36.26
CA GLU G 480 2.83 47.49 35.06
C GLU G 480 2.43 46.05 35.32
N GLN G 481 2.07 45.37 34.24
CA GLN G 481 1.40 44.07 34.31
C GLN G 481 2.33 42.97 34.80
N LEU G 482 1.75 42.02 35.52
CA LEU G 482 2.42 40.81 35.96
C LEU G 482 1.61 39.60 35.54
N ALA G 483 2.24 38.69 34.79
CA ALA G 483 1.60 37.43 34.44
C ALA G 483 1.74 36.40 35.55
N LEU G 484 0.72 35.53 35.64
CA LEU G 484 0.62 34.53 36.70
C LEU G 484 1.73 33.49 36.65
N ASP G 485 2.19 33.13 35.45
CA ASP G 485 3.13 32.02 35.28
C ASP G 485 4.47 32.29 35.95
N GLU G 486 5.05 33.47 35.76
CA GLU G 486 6.26 33.81 36.50
C GLU G 486 5.99 34.00 37.99
N ALA G 487 4.83 34.53 38.34
CA ALA G 487 4.48 34.67 39.76
C ALA G 487 4.44 33.33 40.47
N GLU G 488 4.03 32.27 39.76
CA GLU G 488 4.22 30.92 40.28
C GLU G 488 5.69 30.50 40.26
N ALA G 489 6.33 30.58 39.10
CA ALA G 489 7.67 30.03 38.94
C ALA G 489 8.70 30.72 39.83
N ALA G 490 8.63 32.05 39.92
CA ALA G 490 9.46 32.78 40.88
C ALA G 490 9.22 32.31 42.31
N SER G 491 7.96 32.17 42.70
CA SER G 491 7.65 31.71 44.05
C SER G 491 8.22 30.32 44.33
N ARG G 492 8.21 29.42 43.34
CA ARG G 492 8.85 28.13 43.52
C ARG G 492 10.34 28.30 43.79
N ARG G 493 11.05 28.98 42.90
CA ARG G 493 12.50 29.03 42.94
C ARG G 493 13.04 30.06 43.94
N LEU G 494 12.32 31.14 44.19
CA LEU G 494 12.81 32.17 45.10
C LEU G 494 12.99 31.64 46.51
N ARG G 495 12.16 30.67 46.92
CA ARG G 495 12.34 30.06 48.24
C ARG G 495 13.63 29.28 48.37
N THR G 496 14.30 28.95 47.28
CA THR G 496 15.66 28.40 47.36
C THR G 496 16.66 29.45 47.84
N ALA G 497 16.34 30.73 47.71
CA ALA G 497 17.14 31.79 48.30
C ALA G 497 16.79 32.06 49.76
N GLY G 498 15.71 31.48 50.27
CA GLY G 498 15.23 31.79 51.60
C GLY G 498 14.62 33.16 51.73
N LYS G 499 14.37 33.83 50.62
CA LYS G 499 13.81 35.17 50.62
C LYS G 499 12.36 35.17 51.11
N THR G 500 11.97 36.27 51.75
CA THR G 500 10.56 36.48 52.05
C THR G 500 9.80 36.73 50.74
N ILE G 501 8.62 36.16 50.63
CA ILE G 501 7.78 36.29 49.45
C ILE G 501 6.77 37.40 49.69
N SER G 502 6.79 38.41 48.85
CA SER G 502 5.96 39.60 49.03
C SER G 502 5.83 40.29 47.67
N ASN G 503 4.91 41.26 47.63
CA ASN G 503 4.70 42.05 46.42
C ASN G 503 6.00 42.63 45.88
N GLN G 504 6.78 43.27 46.76
CA GLN G 504 8.03 43.90 46.36
C GLN G 504 9.12 42.90 46.00
N SER G 505 9.17 41.77 46.70
CA SER G 505 10.22 40.79 46.41
C SER G 505 9.94 40.03 45.11
N LEU G 506 8.67 39.71 44.84
CA LEU G 506 8.33 39.17 43.52
C LEU G 506 8.52 40.21 42.43
N LEU G 507 8.23 41.48 42.72
CA LEU G 507 8.59 42.55 41.79
C LEU G 507 10.10 42.64 41.61
N GLN G 508 10.86 42.59 42.72
CA GLN G 508 12.31 42.58 42.63
C GLN G 508 12.82 41.35 41.89
N GLU G 509 12.06 40.27 41.89
CA GLU G 509 12.34 39.08 41.10
C GLU G 509 11.82 39.16 39.67
N VAL G 510 11.22 40.29 39.28
CA VAL G 510 10.68 40.44 37.92
C VAL G 510 11.39 41.55 37.16
N VAL G 511 11.81 42.61 37.85
CA VAL G 511 12.38 43.77 37.18
C VAL G 511 13.71 43.51 36.48
N ASP G 512 14.34 42.35 36.69
CA ASP G 512 15.61 42.05 36.05
C ASP G 512 15.56 40.77 35.22
N ARG G 513 14.38 40.34 34.81
CA ARG G 513 14.21 39.17 33.95
C ARG G 513 14.80 39.33 32.55
N ASP G 514 15.36 40.51 32.24
CA ASP G 514 16.11 40.65 31.00
C ASP G 514 17.44 39.93 31.01
N ALA G 515 17.91 39.46 32.17
CA ALA G 515 19.13 38.66 32.22
C ALA G 515 18.88 37.25 31.70
N LYS G 524 18.51 33.71 25.33
CA LYS G 524 17.09 33.47 25.09
C LYS G 524 16.82 31.99 24.85
N GLU G 525 15.58 31.57 25.10
CA GLU G 525 15.23 30.15 25.09
C GLU G 525 13.80 29.97 24.61
N ARG G 526 13.51 28.75 24.14
CA ARG G 526 12.33 28.46 23.32
C ARG G 526 11.06 29.11 23.85
N GLN G 527 10.74 28.87 25.13
CA GLN G 527 9.52 29.40 25.71
C GLN G 527 9.53 30.93 25.72
N LYS G 528 10.70 31.54 25.87
CA LYS G 528 10.79 32.98 25.70
C LYS G 528 10.52 33.38 24.25
N LEU G 529 11.11 32.63 23.31
CA LEU G 529 10.88 32.88 21.89
C LEU G 529 9.39 32.79 21.56
N GLU G 530 8.76 31.68 21.93
CA GLU G 530 7.35 31.45 21.63
C GLU G 530 6.47 32.57 22.17
N GLN G 531 6.56 32.84 23.48
CA GLN G 531 5.68 33.82 24.09
C GLN G 531 5.91 35.23 23.55
N THR G 532 7.16 35.62 23.29
CA THR G 532 7.39 36.95 22.77
C THR G 532 6.87 37.08 21.33
N VAL G 533 7.06 36.05 20.52
CA VAL G 533 6.43 36.01 19.20
C VAL G 533 4.92 35.96 19.32
N LEU G 534 4.42 35.11 20.22
CA LEU G 534 2.98 34.89 20.34
C LEU G 534 2.26 36.14 20.84
N ARG G 535 2.87 36.87 21.76
CA ARG G 535 2.38 38.20 22.13
C ARG G 535 2.49 39.19 20.98
N SER G 536 3.61 39.16 20.26
CA SER G 536 3.86 40.12 19.19
C SER G 536 2.90 40.01 18.01
N ALA G 537 2.14 38.93 17.89
CA ALA G 537 1.12 38.85 16.84
C ALA G 537 -0.10 39.72 17.15
N ALA G 538 -0.63 39.63 18.37
CA ALA G 538 -1.93 40.22 18.67
C ALA G 538 -1.88 41.72 18.93
N VAL G 539 -0.73 42.27 19.29
CA VAL G 539 -0.63 43.64 19.80
C VAL G 539 -0.85 44.71 18.74
N ASP G 540 -1.07 44.32 17.49
CA ASP G 540 -1.48 45.29 16.48
C ASP G 540 -2.94 45.68 16.57
N GLU G 541 -3.74 44.99 17.37
CA GLU G 541 -5.16 45.34 17.51
C GLU G 541 -5.35 46.75 18.05
N SER G 542 -6.29 47.47 17.45
CA SER G 542 -6.65 48.82 17.89
C SER G 542 -8.07 49.17 17.44
N LYS H 31 17.22 -3.50 -36.06
CA LYS H 31 16.77 -3.75 -34.70
C LYS H 31 15.64 -4.78 -34.69
N ASN H 32 15.79 -5.82 -33.88
CA ASN H 32 14.75 -6.83 -33.74
C ASN H 32 13.54 -6.29 -32.98
N VAL H 33 12.36 -6.51 -33.53
CA VAL H 33 11.10 -6.30 -32.83
C VAL H 33 10.19 -7.49 -33.07
N ILE H 34 9.55 -7.97 -32.00
CA ILE H 34 8.75 -9.19 -32.04
C ILE H 34 7.29 -8.80 -31.79
N ALA H 35 6.37 -9.46 -32.50
CA ALA H 35 4.96 -9.21 -32.33
C ALA H 35 4.44 -9.89 -31.06
N THR H 36 3.51 -9.21 -30.38
CA THR H 36 2.97 -9.66 -29.11
C THR H 36 1.48 -9.41 -29.09
N GLN H 37 0.79 -10.10 -28.17
CA GLN H 37 -0.67 -10.02 -28.02
C GLN H 37 -1.40 -10.30 -29.34
N LEU H 38 -1.01 -11.39 -30.00
CA LEU H 38 -1.62 -11.79 -31.27
C LEU H 38 -3.10 -12.09 -31.03
N SER H 39 -3.98 -11.21 -31.52
CA SER H 39 -5.41 -11.33 -31.28
C SER H 39 -6.06 -12.35 -32.22
N GLU H 40 -7.35 -12.59 -31.97
CA GLU H 40 -8.16 -13.42 -32.84
C GLU H 40 -8.23 -12.86 -34.25
N GLU H 41 -8.48 -11.54 -34.36
CA GLU H 41 -8.55 -10.89 -35.65
C GLU H 41 -7.19 -10.89 -36.34
N ALA H 42 -6.12 -10.75 -35.57
CA ALA H 42 -4.77 -10.90 -36.11
C ALA H 42 -4.52 -12.33 -36.57
N GLN H 43 -5.01 -13.32 -35.83
CA GLN H 43 -4.93 -14.70 -36.30
C GLN H 43 -5.75 -14.92 -37.56
N VAL H 44 -6.94 -14.32 -37.65
CA VAL H 44 -7.70 -14.39 -38.90
C VAL H 44 -6.90 -13.76 -40.04
N LYS H 45 -6.35 -12.58 -39.81
CA LYS H 45 -5.52 -11.91 -40.82
C LYS H 45 -4.24 -12.69 -41.11
N LEU H 46 -3.65 -13.30 -40.08
CA LEU H 46 -2.46 -14.13 -40.30
C LEU H 46 -2.74 -15.40 -41.10
N GLU H 47 -3.85 -16.09 -40.80
CA GLU H 47 -4.11 -17.37 -41.47
C GLU H 47 -4.34 -17.20 -42.96
N VAL H 48 -5.01 -16.13 -43.37
CA VAL H 48 -5.12 -15.84 -44.80
C VAL H 48 -3.76 -15.46 -45.39
N ILE H 49 -2.95 -14.70 -44.66
CA ILE H 49 -1.59 -14.40 -45.12
C ILE H 49 -0.80 -15.69 -45.30
N GLN H 50 -0.86 -16.59 -44.33
CA GLN H 50 -0.18 -17.88 -44.46
C GLN H 50 -0.74 -18.69 -45.62
N SER H 51 -2.05 -18.63 -45.84
CA SER H 51 -2.67 -19.30 -46.98
C SER H 51 -2.24 -18.73 -48.33
N LEU H 52 -1.66 -17.53 -48.36
CA LEU H 52 -1.08 -16.97 -49.57
C LEU H 52 0.44 -16.88 -49.51
N LEU H 53 1.05 -17.34 -48.42
CA LEU H 53 2.49 -17.56 -48.38
C LEU H 53 2.91 -18.77 -49.22
N GLU H 54 2.01 -19.73 -49.39
CA GLU H 54 2.26 -20.85 -50.30
C GLU H 54 2.51 -20.36 -51.72
N PRO H 55 3.65 -20.68 -52.32
CA PRO H 55 4.05 -20.02 -53.57
C PRO H 55 3.28 -20.53 -54.78
N CYS H 56 3.15 -19.65 -55.77
CA CYS H 56 2.60 -20.01 -57.07
C CYS H 56 3.01 -18.93 -58.07
N ASP H 57 2.72 -19.21 -59.35
CA ASP H 57 2.94 -18.23 -60.40
C ASP H 57 2.15 -16.95 -60.17
N ARG H 58 2.77 -15.81 -60.50
CA ARG H 58 2.22 -14.51 -60.12
C ARG H 58 0.85 -14.27 -60.75
N THR H 59 0.61 -14.80 -61.96
CA THR H 59 -0.68 -14.63 -62.61
C THR H 59 -1.81 -15.38 -61.89
N THR H 60 -1.52 -16.53 -61.29
CA THR H 60 -2.51 -17.16 -60.40
C THR H 60 -2.42 -16.63 -58.98
N TYR H 61 -1.25 -16.17 -58.56
CA TYR H 61 -1.11 -15.52 -57.27
C TYR H 61 -2.10 -14.37 -57.14
N GLY H 62 -2.10 -13.45 -58.11
CA GLY H 62 -3.06 -12.35 -58.18
C GLY H 62 -4.50 -12.77 -58.41
N GLN H 63 -4.76 -14.07 -58.50
CA GLN H 63 -6.09 -14.62 -58.72
C GLN H 63 -6.59 -15.49 -57.56
N LYS H 64 -5.70 -16.20 -56.87
CA LYS H 64 -6.08 -16.97 -55.70
C LYS H 64 -6.27 -16.11 -54.46
N LEU H 65 -5.61 -14.96 -54.39
CA LEU H 65 -5.79 -14.02 -53.27
C LEU H 65 -7.16 -13.36 -53.26
N ARG H 66 -7.96 -13.50 -54.33
CA ARG H 66 -9.28 -12.89 -54.37
C ARG H 66 -10.20 -13.41 -53.27
N GLU H 67 -9.94 -14.62 -52.76
CA GLU H 67 -10.69 -15.16 -51.63
C GLU H 67 -10.60 -14.27 -50.40
N ALA H 68 -9.51 -13.51 -50.24
CA ALA H 68 -9.37 -12.61 -49.11
C ALA H 68 -10.41 -11.51 -49.09
N ALA H 69 -11.00 -11.17 -50.23
CA ALA H 69 -11.80 -9.96 -50.36
C ALA H 69 -13.01 -9.99 -49.44
N GLU H 70 -13.87 -10.99 -49.58
CA GLU H 70 -14.99 -11.14 -48.64
C GLU H 70 -14.53 -11.66 -47.28
N LYS H 71 -13.45 -12.43 -47.24
CA LYS H 71 -12.94 -12.90 -45.95
C LYS H 71 -12.54 -11.75 -45.06
N LEU H 72 -12.03 -10.66 -45.64
CA LEU H 72 -11.70 -9.47 -44.89
C LEU H 72 -12.73 -8.36 -45.05
N ASN H 73 -13.72 -8.55 -45.93
CA ASN H 73 -14.71 -7.52 -46.26
C ASN H 73 -14.09 -6.22 -46.79
N VAL H 74 -13.00 -6.34 -47.55
CA VAL H 74 -12.30 -5.17 -48.06
C VAL H 74 -11.73 -5.52 -49.43
N SER H 75 -11.50 -4.48 -50.23
CA SER H 75 -11.00 -4.67 -51.59
C SER H 75 -9.59 -5.27 -51.58
N LEU H 76 -9.27 -5.94 -52.68
CA LEU H 76 -7.94 -6.51 -52.88
C LEU H 76 -6.82 -5.47 -52.84
N ARG H 77 -7.14 -4.20 -53.10
CA ARG H 77 -6.12 -3.16 -52.95
C ARG H 77 -5.64 -3.04 -51.52
N THR H 78 -6.52 -3.30 -50.55
CA THR H 78 -6.06 -3.41 -49.17
C THR H 78 -5.22 -4.66 -48.97
N VAL H 79 -5.59 -5.75 -49.65
CA VAL H 79 -4.80 -6.98 -49.57
C VAL H 79 -3.41 -6.76 -50.15
N GLN H 80 -3.32 -6.02 -51.24
CA GLN H 80 -2.02 -5.64 -51.78
C GLN H 80 -1.23 -4.80 -50.78
N ARG H 81 -1.91 -3.87 -50.10
CA ARG H 81 -1.28 -3.13 -49.02
C ARG H 81 -0.86 -4.05 -47.87
N LEU H 82 -1.74 -4.98 -47.49
CA LEU H 82 -1.39 -5.95 -46.44
C LEU H 82 -0.17 -6.78 -46.82
N VAL H 83 -0.10 -7.23 -48.07
CA VAL H 83 1.08 -7.93 -48.55
C VAL H 83 2.31 -7.03 -48.51
N LYS H 84 2.16 -5.77 -48.93
CA LYS H 84 3.27 -4.83 -48.85
C LYS H 84 3.74 -4.59 -47.42
N ASN H 85 2.81 -4.53 -46.46
CA ASN H 85 3.20 -4.50 -45.05
C ASN H 85 3.91 -5.78 -44.61
N TRP H 86 3.25 -6.93 -44.78
CA TRP H 86 3.78 -8.18 -44.25
C TRP H 86 5.12 -8.56 -44.87
N GLU H 87 5.26 -8.40 -46.19
CA GLU H 87 6.54 -8.69 -46.81
C GLU H 87 7.62 -7.69 -46.40
N GLN H 88 7.22 -6.53 -45.91
CA GLN H 88 8.17 -5.54 -45.42
C GLN H 88 8.46 -5.71 -43.93
N ASP H 89 7.45 -6.00 -43.12
CA ASP H 89 7.52 -5.78 -41.68
C ASP H 89 7.24 -7.02 -40.86
N GLY H 90 6.88 -8.14 -41.48
CA GLY H 90 6.53 -9.33 -40.74
C GLY H 90 5.31 -9.14 -39.85
N LEU H 91 5.26 -9.92 -38.78
CA LEU H 91 4.11 -9.91 -37.87
C LEU H 91 3.90 -8.55 -37.22
N VAL H 92 4.97 -7.77 -37.06
CA VAL H 92 4.90 -6.48 -36.38
C VAL H 92 4.08 -5.47 -37.18
N GLY H 93 4.36 -5.38 -38.49
CA GLY H 93 3.61 -4.49 -39.36
C GLY H 93 2.30 -5.04 -39.85
N LEU H 94 2.10 -6.35 -39.75
CA LEU H 94 0.79 -6.93 -40.00
C LEU H 94 -0.21 -6.51 -38.94
N THR H 95 0.21 -6.42 -37.69
CA THR H 95 -0.61 -5.81 -36.65
C THR H 95 -0.74 -4.31 -36.85
N GLN H 96 -1.88 -3.77 -36.43
CA GLN H 96 -2.11 -2.33 -36.42
C GLN H 96 -1.23 -1.65 -35.38
N THR H 97 -0.67 -0.51 -35.74
CA THR H 97 0.09 0.30 -34.80
C THR H 97 -0.83 1.06 -33.85
N SER H 98 -0.24 1.55 -32.76
CA SER H 98 -0.80 2.68 -32.05
C SER H 98 -0.81 3.92 -32.94
N ARG H 99 -1.67 4.86 -32.58
CA ARG H 99 -1.76 6.10 -33.34
C ARG H 99 -0.56 7.00 -33.07
N ALA H 100 -0.35 7.95 -33.98
CA ALA H 100 0.70 8.96 -33.81
C ALA H 100 0.44 9.91 -32.64
N ASP H 101 -0.81 10.10 -32.25
CA ASP H 101 -1.12 10.96 -31.11
C ASP H 101 -1.23 10.23 -29.79
N LYS H 102 -0.95 8.93 -29.73
CA LYS H 102 -0.96 8.25 -28.45
C LYS H 102 0.08 8.83 -27.50
N GLY H 103 -0.37 9.21 -26.31
CA GLY H 103 0.45 9.89 -25.33
C GLY H 103 0.74 11.35 -25.61
N LYS H 104 0.08 11.95 -26.59
CA LYS H 104 0.26 13.37 -26.91
C LYS H 104 -0.96 14.13 -26.43
N HIS H 105 -0.74 15.21 -25.69
CA HIS H 105 -1.82 15.96 -25.07
C HIS H 105 -2.17 17.17 -25.93
N ARG H 106 -3.43 17.24 -26.34
CA ARG H 106 -3.94 18.23 -27.28
C ARG H 106 -4.09 19.62 -26.66
N ILE H 107 -4.00 19.73 -25.33
CA ILE H 107 -3.85 21.03 -24.68
C ILE H 107 -2.62 21.80 -25.13
N GLY H 108 -1.63 21.12 -25.71
CA GLY H 108 -0.46 21.78 -26.26
C GLY H 108 0.66 21.97 -25.25
N GLU H 109 1.82 22.36 -25.81
CA GLU H 109 3.06 22.40 -25.03
C GLU H 109 3.04 23.44 -23.92
N PHE H 110 2.29 24.53 -24.08
CA PHE H 110 2.21 25.51 -23.01
C PHE H 110 1.61 24.91 -21.75
N TRP H 111 0.43 24.32 -21.85
CA TRP H 111 -0.24 23.80 -20.67
C TRP H 111 0.42 22.53 -20.14
N GLU H 112 1.00 21.70 -20.99
CA GLU H 112 1.71 20.53 -20.50
C GLU H 112 3.02 20.90 -19.82
N ASN H 113 3.73 21.91 -20.35
CA ASN H 113 4.85 22.51 -19.63
C ASN H 113 4.37 23.09 -18.31
N PHE H 114 3.35 23.96 -18.37
CA PHE H 114 2.83 24.63 -17.19
C PHE H 114 2.50 23.63 -16.09
N ILE H 115 1.82 22.54 -16.43
CA ILE H 115 1.47 21.55 -15.41
C ILE H 115 2.71 20.95 -14.78
N THR H 116 3.66 20.48 -15.59
CA THR H 116 4.80 19.77 -15.03
C THR H 116 5.76 20.72 -14.32
N LYS H 117 5.88 21.95 -14.81
CA LYS H 117 6.56 23.00 -14.06
C LYS H 117 5.92 23.24 -12.70
N THR H 118 4.62 23.48 -12.67
CA THR H 118 3.94 23.83 -11.44
C THR H 118 4.02 22.72 -10.40
N TYR H 119 3.80 21.48 -10.81
CA TYR H 119 3.86 20.36 -9.89
C TYR H 119 5.25 20.15 -9.30
N LYS H 120 6.28 20.17 -10.13
CA LYS H 120 7.62 19.91 -9.62
C LYS H 120 8.14 21.02 -8.73
N GLU H 121 7.86 22.29 -9.05
CA GLU H 121 8.25 23.34 -8.13
C GLU H 121 7.38 23.35 -6.87
N GLY H 122 6.11 23.00 -6.99
CA GLY H 122 5.25 22.90 -5.82
C GLY H 122 5.58 21.75 -4.89
N ASN H 123 6.40 20.80 -5.33
CA ASN H 123 6.78 19.67 -4.50
C ASN H 123 8.26 19.67 -4.14
N LYS H 124 8.93 20.79 -4.33
CA LYS H 124 10.33 20.92 -3.93
C LYS H 124 10.46 21.11 -2.42
N GLY H 125 11.52 20.56 -1.87
CA GLY H 125 11.74 20.62 -0.44
C GLY H 125 10.68 19.85 0.33
N SER H 126 10.12 20.50 1.34
CA SER H 126 9.10 19.87 2.18
C SER H 126 7.68 20.07 1.68
N LYS H 127 7.44 21.05 0.82
CA LYS H 127 6.13 21.24 0.22
C LYS H 127 5.70 19.98 -0.49
N ARG H 128 4.40 19.64 -0.40
CA ARG H 128 3.86 18.47 -1.09
C ARG H 128 2.53 18.81 -1.77
N MET H 129 2.60 19.69 -2.77
CA MET H 129 1.47 19.94 -3.67
C MET H 129 1.00 18.63 -4.30
N THR H 130 -0.26 18.60 -4.70
CA THR H 130 -0.92 17.44 -5.27
C THR H 130 -1.65 17.86 -6.54
N PRO H 131 -1.95 16.91 -7.43
CA PRO H 131 -2.60 17.26 -8.70
C PRO H 131 -3.83 18.13 -8.59
N LYS H 132 -4.62 17.99 -7.52
CA LYS H 132 -5.76 18.87 -7.33
C LYS H 132 -5.33 20.31 -7.11
N GLN H 133 -4.29 20.52 -6.32
CA GLN H 133 -3.73 21.86 -6.12
C GLN H 133 -3.14 22.44 -7.40
N VAL H 134 -2.54 21.61 -8.24
CA VAL H 134 -2.05 22.07 -9.54
C VAL H 134 -3.18 22.59 -10.40
N ALA H 135 -4.29 21.86 -10.45
CA ALA H 135 -5.41 22.27 -11.29
C ALA H 135 -5.97 23.63 -10.89
N LEU H 136 -5.95 23.94 -9.60
CA LEU H 136 -6.31 25.28 -9.14
C LEU H 136 -5.34 26.33 -9.67
N ARG H 137 -4.05 26.02 -9.74
CA ARG H 137 -3.11 26.93 -10.37
C ARG H 137 -3.38 27.09 -11.86
N VAL H 138 -3.66 25.99 -12.54
CA VAL H 138 -3.99 26.07 -13.97
C VAL H 138 -5.20 26.97 -14.20
N GLU H 139 -6.26 26.74 -13.44
CA GLU H 139 -7.46 27.56 -13.57
C GLU H 139 -7.19 29.02 -13.24
N ALA H 140 -6.37 29.27 -12.22
CA ALA H 140 -5.99 30.64 -11.88
C ALA H 140 -5.25 31.32 -13.02
N LYS H 141 -4.25 30.67 -13.58
CA LYS H 141 -3.48 31.25 -14.69
C LYS H 141 -4.34 31.45 -15.92
N ALA H 142 -5.25 30.52 -16.18
CA ALA H 142 -6.17 30.65 -17.31
C ALA H 142 -7.07 31.86 -17.16
N ARG H 143 -7.59 32.10 -15.95
CA ARG H 143 -8.37 33.31 -15.73
C ARG H 143 -7.54 34.56 -15.99
N GLU H 144 -6.27 34.56 -15.58
CA GLU H 144 -5.38 35.67 -15.94
C GLU H 144 -5.19 35.75 -17.46
N LEU H 145 -4.96 34.61 -18.10
CA LEU H 145 -4.80 34.59 -19.55
C LEU H 145 -6.11 34.83 -20.31
N LYS H 146 -7.25 34.81 -19.63
CA LYS H 146 -8.56 34.81 -20.28
C LYS H 146 -8.70 33.60 -21.23
N ASP H 147 -8.12 32.46 -20.85
CA ASP H 147 -8.25 31.24 -21.62
C ASP H 147 -9.68 30.73 -21.51
N SER H 148 -10.34 30.60 -22.67
CA SER H 148 -11.73 30.17 -22.73
C SER H 148 -11.93 28.71 -22.32
N LYS H 149 -10.89 27.89 -22.34
CA LYS H 149 -11.03 26.44 -22.17
C LYS H 149 -9.74 25.86 -21.61
N PRO H 150 -9.46 26.08 -20.33
CA PRO H 150 -8.25 25.54 -19.73
C PRO H 150 -8.38 24.07 -19.40
N PRO H 151 -7.25 23.38 -19.25
CA PRO H 151 -7.26 21.96 -18.89
C PRO H 151 -8.14 21.62 -17.70
N ASN H 152 -9.00 20.63 -17.89
CA ASN H 152 -9.77 20.08 -16.78
C ASN H 152 -8.86 19.37 -15.80
N TYR H 153 -9.29 19.31 -14.54
CA TYR H 153 -8.56 18.63 -13.48
C TYR H 153 -8.13 17.23 -13.86
N LYS H 154 -8.98 16.47 -14.55
CA LYS H 154 -8.56 15.13 -14.94
C LYS H 154 -7.54 15.17 -16.08
N THR H 155 -7.55 16.22 -16.89
CA THR H 155 -6.46 16.43 -17.84
C THR H 155 -5.15 16.73 -17.12
N VAL H 156 -5.20 17.61 -16.12
CA VAL H 156 -4.04 17.91 -15.28
C VAL H 156 -3.57 16.66 -14.53
N LEU H 157 -4.51 15.88 -14.02
CA LEU H 157 -4.14 14.63 -13.36
C LEU H 157 -3.48 13.65 -14.33
N ARG H 158 -4.02 13.52 -15.55
CA ARG H 158 -3.42 12.63 -16.55
C ARG H 158 -1.98 13.02 -16.89
N VAL H 159 -1.73 14.29 -17.17
CA VAL H 159 -0.40 14.78 -17.52
C VAL H 159 0.64 14.42 -16.47
N LEU H 160 0.27 14.37 -15.20
CA LEU H 160 1.22 14.06 -14.15
C LEU H 160 1.39 12.57 -13.90
N ALA H 161 0.55 11.72 -14.46
CA ALA H 161 0.66 10.29 -14.18
C ALA H 161 2.03 9.72 -14.54
N PRO H 162 2.67 10.08 -15.66
CA PRO H 162 4.05 9.64 -15.88
C PRO H 162 5.03 10.06 -14.79
N ILE H 163 4.91 11.29 -14.30
CA ILE H 163 5.83 11.78 -13.28
C ILE H 163 5.66 11.00 -11.98
N LEU H 164 4.42 10.82 -11.54
CA LEU H 164 4.17 10.04 -10.33
C LEU H 164 4.70 8.62 -10.45
N GLU H 165 4.44 7.97 -11.58
CA GLU H 165 4.92 6.61 -11.78
C GLU H 165 6.45 6.53 -11.85
N LYS H 166 7.08 7.45 -12.57
CA LYS H 166 8.54 7.42 -12.68
C LYS H 166 9.22 7.66 -11.34
N GLN H 167 8.68 8.55 -10.52
CA GLN H 167 9.23 8.73 -9.18
C GLN H 167 8.83 7.62 -8.21
N GLN H 168 7.74 6.89 -8.49
CA GLN H 168 7.41 5.71 -7.71
C GLN H 168 8.40 4.58 -7.95
N LYS H 169 8.66 4.24 -9.23
CA LYS H 169 9.61 3.18 -9.53
C LYS H 169 11.00 3.47 -8.96
N ALA H 170 11.37 4.74 -8.90
CA ALA H 170 12.66 5.14 -8.33
C ALA H 170 12.69 4.94 -6.82
N LYS H 171 11.54 4.77 -6.18
CA LYS H 171 11.49 4.51 -4.74
C LYS H 171 11.92 3.08 -4.40
N SER H 172 11.56 2.09 -5.21
CA SER H 172 11.80 0.68 -4.85
C SER H 172 12.61 -0.02 -5.94
N ILE H 173 13.92 0.16 -5.88
CA ILE H 173 14.88 -0.58 -6.70
C ILE H 173 15.62 -1.55 -5.78
N ARG H 174 15.63 -2.83 -6.14
CA ARG H 174 16.35 -3.82 -5.36
C ARG H 174 17.86 -3.66 -5.54
N SER H 175 18.62 -3.88 -4.44
CA SER H 175 20.08 -3.94 -4.55
C SER H 175 20.57 -5.38 -4.65
N PRO H 176 21.47 -5.66 -5.58
CA PRO H 176 21.95 -7.05 -5.78
C PRO H 176 22.56 -7.70 -4.54
N GLY H 177 23.30 -6.96 -3.73
CA GLY H 177 24.09 -7.56 -2.66
C GLY H 177 25.29 -8.36 -3.13
N TRP H 178 26.27 -8.55 -2.26
CA TRP H 178 27.45 -9.32 -2.62
C TRP H 178 27.13 -10.78 -2.80
N ARG H 179 27.91 -11.43 -3.66
CA ARG H 179 27.80 -12.85 -3.93
C ARG H 179 29.14 -13.56 -3.83
N GLY H 180 29.11 -14.77 -3.28
CA GLY H 180 30.28 -15.60 -3.07
C GLY H 180 31.13 -15.21 -1.88
N THR H 181 32.36 -15.73 -1.88
CA THR H 181 33.27 -15.54 -0.76
C THR H 181 33.94 -14.17 -0.75
N THR H 182 34.19 -13.60 -1.92
CA THR H 182 34.84 -12.30 -1.99
C THR H 182 33.91 -11.18 -1.53
N LEU H 183 34.43 -10.30 -0.68
CA LEU H 183 33.70 -9.16 -0.16
C LEU H 183 34.70 -8.06 0.19
N SER H 184 34.27 -6.81 0.06
CA SER H 184 35.00 -5.69 0.63
C SER H 184 34.00 -4.66 1.12
N VAL H 185 34.37 -3.96 2.19
CA VAL H 185 33.46 -3.04 2.88
C VAL H 185 33.97 -1.60 2.70
N LYS H 186 33.12 -0.76 2.13
CA LYS H 186 33.43 0.66 1.97
C LYS H 186 33.46 1.37 3.32
N THR H 187 34.42 2.26 3.50
CA THR H 187 34.57 3.01 4.73
C THR H 187 34.38 4.51 4.47
N ARG H 188 34.02 5.24 5.53
CA ARG H 188 33.83 6.67 5.43
C ARG H 188 35.11 7.39 5.01
N GLU H 189 36.26 6.78 5.27
CA GLU H 189 37.54 7.26 4.76
C GLU H 189 37.59 7.29 3.24
N GLY H 190 36.69 6.59 2.57
CA GLY H 190 36.78 6.40 1.15
C GLY H 190 37.50 5.13 0.77
N LYS H 191 38.34 4.63 1.66
CA LYS H 191 39.10 3.42 1.42
C LYS H 191 38.14 2.23 1.48
N ASP H 192 38.36 1.24 0.62
CA ASP H 192 37.56 0.04 0.62
C ASP H 192 38.42 -1.12 1.09
N LEU H 193 37.95 -1.83 2.12
CA LEU H 193 38.79 -2.75 2.88
C LEU H 193 38.26 -4.16 2.70
N SER H 194 39.09 -5.04 2.13
CA SER H 194 38.67 -6.41 1.88
C SER H 194 38.55 -7.19 3.18
N VAL H 195 37.63 -8.15 3.18
CA VAL H 195 37.38 -9.04 4.30
C VAL H 195 37.82 -10.44 3.91
N ASP H 196 38.85 -10.96 4.56
CA ASP H 196 39.64 -12.05 4.02
C ASP H 196 39.59 -13.33 4.84
N TYR H 197 39.29 -13.25 6.13
CA TYR H 197 39.29 -14.41 7.01
C TYR H 197 38.51 -14.05 8.26
N SER H 198 38.13 -15.09 9.01
CA SER H 198 37.29 -14.87 10.18
C SER H 198 38.07 -14.17 11.29
N ASN H 199 37.45 -13.14 11.88
CA ASN H 199 38.03 -12.10 12.74
C ASN H 199 38.81 -11.03 11.99
N HIS H 200 38.86 -11.04 10.67
CA HIS H 200 39.49 -9.93 9.99
C HIS H 200 38.75 -8.62 10.25
N VAL H 201 37.42 -8.63 10.21
CA VAL H 201 36.64 -7.41 10.45
C VAL H 201 35.37 -7.73 11.23
N TRP H 202 35.33 -7.32 12.50
CA TRP H 202 34.09 -7.33 13.27
C TRP H 202 33.28 -6.05 13.01
N GLN H 203 31.98 -6.12 13.27
CA GLN H 203 31.10 -4.96 13.24
C GLN H 203 30.27 -4.86 14.53
N CYS H 204 29.83 -3.63 14.85
CA CYS H 204 28.83 -3.43 15.89
C CYS H 204 27.89 -2.27 15.55
N ASP H 205 26.65 -2.37 16.05
CA ASP H 205 25.79 -1.22 16.27
C ASP H 205 24.81 -1.56 17.37
N HIS H 206 24.01 -0.57 17.79
CA HIS H 206 22.97 -0.75 18.79
C HIS H 206 21.59 -0.51 18.18
N THR H 207 20.63 -1.37 18.55
CA THR H 207 19.22 -1.18 18.24
C THR H 207 18.42 -1.13 19.53
N ARG H 208 17.36 -0.32 19.54
CA ARG H 208 16.38 -0.38 20.64
C ARG H 208 15.47 -1.59 20.46
N VAL H 209 15.55 -2.53 21.41
CA VAL H 209 14.77 -3.75 21.34
C VAL H 209 13.29 -3.39 21.33
N ASP H 210 12.51 -4.15 20.56
CA ASP H 210 11.07 -3.91 20.42
C ASP H 210 10.26 -4.58 21.53
N VAL H 211 10.87 -4.88 22.67
CA VAL H 211 10.20 -5.55 23.77
C VAL H 211 10.19 -4.62 24.98
N LEU H 212 9.00 -4.26 25.45
CA LEU H 212 8.85 -3.79 26.81
C LEU H 212 9.04 -4.96 27.77
N LEU H 213 9.86 -4.75 28.78
CA LEU H 213 10.11 -5.77 29.79
C LEU H 213 10.33 -5.07 31.12
N VAL H 214 10.21 -5.83 32.20
CA VAL H 214 9.84 -5.26 33.49
C VAL H 214 10.82 -5.71 34.57
N ASP H 215 10.83 -4.96 35.67
CA ASP H 215 11.65 -5.29 36.83
C ASP H 215 11.10 -6.54 37.53
N GLN H 216 11.68 -6.84 38.68
CA GLN H 216 11.12 -7.85 39.57
C GLN H 216 9.69 -7.52 39.96
N HIS H 217 8.83 -8.53 39.92
CA HIS H 217 7.37 -8.41 39.98
C HIS H 217 6.79 -7.63 38.82
N GLY H 218 7.37 -6.48 38.48
CA GLY H 218 7.32 -5.99 37.13
C GLY H 218 6.40 -4.83 36.81
N GLU H 219 6.93 -3.61 36.93
CA GLU H 219 6.38 -2.44 36.26
C GLU H 219 7.14 -2.18 34.96
N ILE H 220 6.54 -1.32 34.11
CA ILE H 220 6.76 -1.43 32.68
C ILE H 220 8.21 -1.16 32.29
N LEU H 221 8.95 -0.38 33.08
CA LEU H 221 10.30 0.10 32.73
C LEU H 221 10.29 0.64 31.29
N SER H 222 11.21 0.22 30.42
CA SER H 222 11.20 0.62 29.02
C SER H 222 12.03 -0.36 28.22
N ARG H 223 11.94 -0.25 26.89
CA ARG H 223 12.68 -1.12 26.00
C ARG H 223 14.19 -0.97 26.20
N PRO H 224 14.94 -2.07 26.24
CA PRO H 224 16.40 -2.01 26.32
C PRO H 224 17.04 -1.70 24.97
N TRP H 225 18.38 -1.67 24.97
CA TRP H 225 19.20 -1.61 23.77
C TRP H 225 19.92 -2.93 23.54
N LEU H 226 20.07 -3.33 22.28
CA LEU H 226 20.91 -4.47 21.91
C LEU H 226 22.08 -4.05 21.02
N THR H 227 23.30 -4.39 21.43
CA THR H 227 24.53 -4.13 20.69
C THR H 227 25.26 -5.44 20.43
N THR H 228 25.61 -5.69 19.17
CA THR H 228 26.04 -7.00 18.68
C THR H 228 27.39 -6.88 17.97
N VAL H 229 28.26 -7.89 18.14
CA VAL H 229 29.49 -8.02 17.33
C VAL H 229 29.25 -9.05 16.23
N ILE H 230 29.47 -8.65 14.98
CA ILE H 230 29.22 -9.53 13.83
C ILE H 230 30.51 -9.70 13.04
N ASP H 231 30.90 -10.95 12.78
CA ASP H 231 32.09 -11.26 11.99
C ASP H 231 31.79 -11.14 10.50
N THR H 232 32.33 -10.11 9.86
CA THR H 232 31.94 -9.82 8.48
C THR H 232 32.29 -10.95 7.52
N TYR H 233 33.29 -11.77 7.83
CA TYR H 233 33.56 -12.93 6.98
C TYR H 233 32.51 -14.02 7.14
N SER H 234 32.34 -14.53 8.36
CA SER H 234 31.47 -15.68 8.56
C SER H 234 30.01 -15.30 8.60
N ARG H 235 29.70 -14.01 8.63
CA ARG H 235 28.38 -13.51 8.99
C ARG H 235 27.93 -14.05 10.34
N CYS H 236 28.88 -14.57 11.12
CA CYS H 236 28.64 -15.15 12.44
C CYS H 236 28.49 -14.03 13.45
N ILE H 237 28.13 -14.40 14.67
CA ILE H 237 27.85 -13.41 15.71
C ILE H 237 28.50 -13.87 17.01
N MET H 238 29.59 -13.21 17.40
CA MET H 238 30.46 -13.67 18.48
C MET H 238 30.05 -13.16 19.85
N GLY H 239 29.07 -12.26 19.92
CA GLY H 239 28.71 -11.68 21.20
C GLY H 239 27.74 -10.52 21.11
N ILE H 240 27.09 -10.24 22.23
CA ILE H 240 26.09 -9.18 22.33
C ILE H 240 26.21 -8.58 23.72
N ASN H 241 25.78 -7.32 23.83
CA ASN H 241 25.39 -6.77 25.12
C ASN H 241 23.94 -6.30 25.04
N LEU H 242 23.13 -6.79 25.97
CA LEU H 242 21.72 -6.45 26.08
C LEU H 242 21.51 -5.74 27.42
N GLY H 243 20.95 -4.54 27.38
CA GLY H 243 20.72 -3.82 28.62
C GLY H 243 20.09 -2.47 28.36
N PHE H 244 19.56 -1.89 29.44
CA PHE H 244 18.89 -0.60 29.41
C PHE H 244 19.85 0.55 29.19
N ASP H 245 21.14 0.33 29.40
CA ASP H 245 22.14 1.36 29.18
C ASP H 245 22.07 1.92 27.77
N ALA H 246 22.11 3.25 27.67
CA ALA H 246 22.18 3.94 26.40
C ALA H 246 23.45 3.55 25.65
N PRO H 247 23.50 3.80 24.33
CA PRO H 247 24.72 3.49 23.56
C PRO H 247 25.94 4.23 24.07
N SER H 248 26.86 3.50 24.72
CA SER H 248 27.94 4.12 25.47
C SER H 248 29.17 3.22 25.39
N SER H 249 30.34 3.83 25.62
CA SER H 249 31.60 3.12 25.49
C SER H 249 31.72 1.98 26.49
N GLY H 250 31.11 2.13 27.66
CA GLY H 250 31.04 1.00 28.58
C GLY H 250 30.18 -0.13 28.08
N VAL H 251 29.18 0.17 27.27
CA VAL H 251 28.38 -0.87 26.63
C VAL H 251 29.19 -1.58 25.55
N VAL H 252 29.81 -0.82 24.67
CA VAL H 252 30.65 -1.40 23.62
C VAL H 252 31.79 -2.22 24.21
N ALA H 253 32.44 -1.67 25.23
CA ALA H 253 33.52 -2.39 25.91
C ALA H 253 33.03 -3.69 26.54
N LEU H 254 31.85 -3.69 27.12
CA LEU H 254 31.31 -4.91 27.72
C LEU H 254 30.84 -5.92 26.67
N ALA H 255 30.44 -5.45 25.48
CA ALA H 255 30.22 -6.37 24.37
C ALA H 255 31.50 -7.05 23.91
N LEU H 256 32.57 -6.26 23.72
CA LEU H 256 33.87 -6.82 23.35
C LEU H 256 34.40 -7.74 24.45
N ARG H 257 34.16 -7.37 25.70
CA ARG H 257 34.48 -8.27 26.80
C ARG H 257 33.76 -9.60 26.68
N HIS H 258 32.55 -9.59 26.13
CA HIS H 258 31.82 -10.82 25.87
C HIS H 258 32.32 -11.47 24.58
N ALA H 259 32.50 -10.67 23.53
CA ALA H 259 32.91 -11.18 22.22
C ALA H 259 34.23 -11.91 22.28
N ILE H 260 35.21 -11.31 22.96
CA ILE H 260 36.59 -11.77 22.91
C ILE H 260 36.85 -12.95 23.82
N LEU H 261 36.15 -13.05 24.91
CA LEU H 261 36.43 -14.12 25.84
C LEU H 261 35.86 -15.45 25.36
N PRO H 262 36.47 -16.56 25.77
CA PRO H 262 35.76 -17.84 25.81
C PRO H 262 34.41 -17.77 26.52
N LYS H 263 33.47 -18.58 26.05
CA LYS H 263 32.11 -18.60 26.55
C LYS H 263 31.87 -19.82 27.45
N ARG H 264 31.12 -19.59 28.52
CA ARG H 264 30.61 -20.64 29.40
C ARG H 264 29.27 -20.14 29.91
N TYR H 265 28.20 -20.84 29.58
CA TYR H 265 26.88 -20.51 30.06
C TYR H 265 26.34 -21.61 30.94
N GLY H 266 25.67 -21.21 32.03
CA GLY H 266 25.30 -22.14 33.06
C GLY H 266 24.22 -23.13 32.63
N SER H 267 24.21 -24.27 33.35
CA SER H 267 23.28 -25.35 33.07
C SER H 267 21.83 -24.90 33.16
N GLU H 268 21.57 -23.76 33.81
CA GLU H 268 20.24 -23.19 33.84
C GLU H 268 19.77 -22.72 32.47
N TYR H 269 20.69 -22.42 31.54
CA TYR H 269 20.26 -22.18 30.17
C TYR H 269 19.88 -23.47 29.45
N LYS H 270 20.45 -24.60 29.86
CA LYS H 270 20.21 -25.91 29.25
C LYS H 270 20.50 -25.94 27.75
N LEU H 271 21.45 -25.11 27.30
CA LEU H 271 21.78 -25.01 25.89
C LEU H 271 22.19 -26.36 25.32
N HIS H 272 21.89 -26.57 24.03
CA HIS H 272 22.42 -27.72 23.31
C HIS H 272 23.79 -27.46 22.69
N CYS H 273 24.04 -26.22 22.24
CA CYS H 273 25.24 -25.87 21.49
C CYS H 273 26.13 -24.97 22.35
N GLU H 274 27.43 -24.98 22.06
CA GLU H 274 28.40 -24.14 22.75
C GLU H 274 28.85 -23.02 21.84
N TRP H 275 28.78 -21.79 22.35
CA TRP H 275 29.09 -20.58 21.59
C TRP H 275 30.60 -20.36 21.46
N GLY H 276 31.25 -21.28 20.76
CA GLY H 276 32.70 -21.41 20.76
C GLY H 276 33.46 -20.27 20.11
N THR H 277 32.79 -19.20 19.66
CA THR H 277 33.52 -18.08 19.06
C THR H 277 34.18 -17.21 20.12
N TYR H 278 35.48 -17.01 19.98
CA TYR H 278 36.28 -16.15 20.85
C TYR H 278 37.39 -15.53 20.02
N GLY H 279 38.37 -14.97 20.71
CA GLY H 279 39.54 -14.37 20.08
C GLY H 279 39.28 -13.00 19.51
N LYS H 280 40.34 -12.39 18.97
CA LYS H 280 40.37 -10.94 18.85
C LYS H 280 40.34 -10.49 17.40
N PRO H 281 39.71 -9.36 17.12
CA PRO H 281 39.70 -8.80 15.78
C PRO H 281 40.99 -8.12 15.34
N GLU H 282 41.24 -8.18 14.04
CA GLU H 282 42.18 -7.30 13.37
C GLU H 282 41.55 -5.99 12.94
N HIS H 283 40.22 -5.92 12.93
CA HIS H 283 39.54 -4.67 12.64
C HIS H 283 38.19 -4.65 13.33
N PHE H 284 37.69 -3.45 13.53
CA PHE H 284 36.38 -3.19 14.11
C PHE H 284 35.72 -2.13 13.25
N TYR H 285 34.72 -2.53 12.46
CA TYR H 285 34.11 -1.65 11.47
C TYR H 285 32.72 -1.30 11.96
N THR H 286 32.39 -0.01 12.03
CA THR H 286 31.31 0.37 12.93
C THR H 286 30.69 1.70 12.52
N ASP H 287 29.54 1.97 13.14
CA ASP H 287 28.51 2.88 12.67
C ASP H 287 28.90 4.34 12.77
N GLY H 288 29.99 4.67 13.46
CA GLY H 288 30.29 6.06 13.71
C GLY H 288 29.50 6.64 14.86
N GLY H 289 28.92 5.81 15.70
CA GLY H 289 28.35 6.28 16.95
C GLY H 289 29.39 6.83 17.89
N LYS H 290 28.92 7.72 18.77
CA LYS H 290 29.82 8.54 19.57
C LYS H 290 30.64 7.69 20.52
N ASP H 291 30.10 6.57 20.98
CA ASP H 291 30.88 5.60 21.74
C ASP H 291 31.85 4.82 20.85
N PHE H 292 31.45 4.53 19.61
CA PHE H 292 32.38 3.93 18.67
C PHE H 292 33.48 4.90 18.25
N ARG H 293 33.19 6.19 18.23
CA ARG H 293 34.20 7.21 17.99
C ARG H 293 34.91 7.66 19.27
N SER H 294 34.59 7.05 20.41
CA SER H 294 35.10 7.51 21.68
C SER H 294 36.61 7.29 21.82
N ASN H 295 37.19 8.06 22.74
CA ASN H 295 38.55 7.81 23.22
C ASN H 295 38.70 6.42 23.81
N HIS H 296 37.77 6.02 24.69
CA HIS H 296 37.90 4.75 25.39
C HIS H 296 38.05 3.59 24.41
N LEU H 297 37.23 3.55 23.38
CA LEU H 297 37.36 2.47 22.40
C LEU H 297 38.67 2.57 21.63
N SER H 298 39.08 3.79 21.25
CA SER H 298 40.38 3.95 20.61
C SER H 298 41.52 3.45 21.49
N GLN H 299 41.41 3.66 22.81
CA GLN H 299 42.36 3.06 23.73
C GLN H 299 42.32 1.53 23.64
N ILE H 300 41.14 0.96 23.49
CA ILE H 300 41.03 -0.48 23.27
C ILE H 300 41.65 -0.87 21.95
N GLY H 301 41.47 -0.05 20.91
CA GLY H 301 42.10 -0.33 19.63
C GLY H 301 43.61 -0.43 19.72
N ALA H 302 44.23 0.53 20.40
CA ALA H 302 45.66 0.46 20.65
C ALA H 302 46.04 -0.74 21.53
N GLN H 303 45.27 -1.01 22.57
CA GLN H 303 45.65 -2.08 23.50
C GLN H 303 45.37 -3.48 22.98
N LEU H 304 44.42 -3.65 22.05
CA LEU H 304 44.14 -4.98 21.50
C LEU H 304 44.55 -5.15 20.05
N GLY H 305 44.88 -4.08 19.35
CA GLY H 305 45.50 -4.17 18.04
C GLY H 305 44.57 -4.07 16.86
N PHE H 306 43.26 -3.96 17.09
CA PHE H 306 42.34 -3.72 16.00
C PHE H 306 42.38 -2.25 15.60
N VAL H 307 41.99 -1.98 14.35
CA VAL H 307 41.81 -0.62 13.87
C VAL H 307 40.33 -0.32 13.72
N CYS H 308 39.88 0.77 14.33
CA CYS H 308 38.52 1.25 14.14
C CYS H 308 38.35 1.89 12.76
N HIS H 309 37.34 1.45 12.01
CA HIS H 309 36.99 2.01 10.72
C HIS H 309 35.54 2.49 10.74
N LEU H 310 35.29 3.67 10.18
CA LEU H 310 33.95 4.22 10.11
C LEU H 310 33.17 3.78 8.88
N ARG H 311 31.87 3.60 9.07
CA ARG H 311 30.91 3.30 8.02
C ARG H 311 30.56 4.55 7.22
N ASP H 312 30.52 4.40 5.89
CA ASP H 312 30.26 5.55 5.03
C ASP H 312 28.80 5.99 5.13
N ARG H 313 27.88 5.10 4.76
CA ARG H 313 26.45 5.30 4.86
C ARG H 313 25.82 4.04 5.44
N PRO H 314 24.56 4.12 5.91
CA PRO H 314 24.01 2.98 6.67
C PRO H 314 24.02 1.68 5.90
N SER H 315 23.84 1.74 4.58
CA SER H 315 23.73 0.54 3.76
C SER H 315 24.97 -0.33 3.86
N GLU H 316 26.15 0.28 3.84
CA GLU H 316 27.40 -0.47 4.01
C GLU H 316 27.42 -1.26 5.31
N GLY H 317 26.66 -0.86 6.31
CA GLY H 317 26.55 -1.63 7.53
C GLY H 317 25.70 -2.88 7.44
N GLY H 318 25.13 -3.17 6.27
CA GLY H 318 24.04 -4.12 6.19
C GLY H 318 24.31 -5.45 6.85
N VAL H 319 25.59 -5.85 6.93
CA VAL H 319 25.91 -7.10 7.60
C VAL H 319 25.49 -7.10 9.05
N VAL H 320 25.35 -5.92 9.67
CA VAL H 320 24.81 -5.83 11.03
C VAL H 320 23.46 -5.13 11.11
N GLU H 321 23.13 -4.24 10.17
CA GLU H 321 21.76 -3.71 10.11
C GLU H 321 20.74 -4.81 9.94
N ARG H 322 20.99 -5.73 9.03
CA ARG H 322 19.98 -6.73 8.70
C ARG H 322 19.70 -7.73 9.82
N PRO H 323 20.70 -8.23 10.55
CA PRO H 323 20.39 -9.11 11.69
C PRO H 323 19.45 -8.50 12.72
N PHE H 324 19.31 -7.18 12.80
CA PHE H 324 18.27 -6.64 13.65
C PHE H 324 16.89 -6.95 13.09
N LYS H 325 16.73 -6.79 11.77
CA LYS H 325 15.52 -7.21 11.10
C LYS H 325 15.27 -8.71 11.26
N THR H 326 16.30 -9.52 11.01
CA THR H 326 16.15 -10.97 11.18
C THR H 326 15.74 -11.33 12.61
N LEU H 327 16.34 -10.69 13.61
CA LEU H 327 16.11 -11.02 15.01
C LEU H 327 14.81 -10.46 15.56
N ASN H 328 14.44 -9.26 15.11
CA ASN H 328 13.11 -8.73 15.36
C ASN H 328 12.03 -9.68 14.86
N ASP H 329 12.13 -10.11 13.60
CA ASP H 329 11.10 -10.97 13.01
C ASP H 329 11.04 -12.35 13.66
N GLN H 330 12.18 -12.99 13.88
CA GLN H 330 12.17 -14.35 14.39
C GLN H 330 12.11 -14.46 15.90
N LEU H 331 12.32 -13.38 16.65
CA LEU H 331 12.28 -13.49 18.09
C LEU H 331 11.34 -12.48 18.74
N PHE H 332 11.70 -11.19 18.72
CA PHE H 332 11.00 -10.19 19.52
C PHE H 332 9.52 -10.14 19.20
N SER H 333 9.15 -10.29 17.93
CA SER H 333 7.75 -10.30 17.54
C SER H 333 6.93 -11.39 18.19
N THR H 334 7.56 -12.41 18.77
CA THR H 334 6.82 -13.48 19.42
C THR H 334 6.70 -13.30 20.92
N LEU H 335 7.35 -12.30 21.49
CA LEU H 335 7.41 -12.09 22.92
C LEU H 335 6.33 -11.13 23.40
N PRO H 336 5.84 -11.33 24.63
CA PRO H 336 4.67 -10.58 25.12
C PRO H 336 4.76 -9.07 24.96
N GLY H 337 5.89 -8.48 25.33
CA GLY H 337 6.02 -7.04 25.30
C GLY H 337 6.30 -6.40 23.96
N TYR H 338 6.05 -7.11 22.86
CA TYR H 338 6.42 -6.59 21.55
C TYR H 338 5.80 -5.22 21.31
N THR H 339 6.53 -4.36 20.62
CA THR H 339 6.20 -2.94 20.54
C THR H 339 6.01 -2.49 19.10
N GLY H 340 6.08 -3.40 18.14
CA GLY H 340 5.95 -3.08 16.74
C GLY H 340 7.13 -2.33 16.16
N SER H 341 7.20 -2.30 14.83
CA SER H 341 8.32 -1.69 14.15
C SER H 341 8.26 -0.17 14.10
N ASN H 342 7.12 0.43 14.41
CA ASN H 342 7.04 1.88 14.41
C ASN H 342 5.89 2.32 15.30
N VAL H 343 5.94 3.59 15.71
CA VAL H 343 4.81 4.24 16.36
C VAL H 343 3.51 4.00 15.59
N GLN H 344 3.57 4.17 14.27
CA GLN H 344 2.38 4.00 13.45
C GLN H 344 1.91 2.55 13.37
N GLU H 345 2.69 1.61 13.89
CA GLU H 345 2.28 0.21 13.96
C GLU H 345 2.27 -0.29 15.40
N ARG H 346 2.43 0.61 16.37
CA ARG H 346 2.64 0.21 17.75
C ARG H 346 1.41 -0.46 18.34
N PRO H 347 1.47 -1.76 18.69
CA PRO H 347 0.31 -2.44 19.24
C PRO H 347 0.06 -2.07 20.70
N GLU H 348 -1.18 -1.68 20.99
CA GLU H 348 -1.55 -0.97 22.22
C GLU H 348 -1.49 -1.85 23.47
N ASP H 349 -1.32 -3.16 23.34
CA ASP H 349 -1.26 -4.04 24.49
C ASP H 349 0.15 -4.20 25.07
N ALA H 350 1.15 -3.58 24.46
CA ALA H 350 2.54 -3.84 24.83
C ALA H 350 2.81 -3.56 26.30
N GLU H 351 2.43 -2.38 26.77
CA GLU H 351 2.54 -2.01 28.17
C GLU H 351 1.44 -2.57 29.05
N LYS H 352 0.43 -3.21 28.47
CA LYS H 352 -0.60 -3.84 29.28
C LYS H 352 -0.18 -5.21 29.79
N ASP H 353 0.69 -5.92 29.06
CA ASP H 353 1.08 -7.26 29.49
C ASP H 353 2.54 -7.59 29.18
N ALA H 354 3.41 -6.58 29.19
CA ALA H 354 4.84 -6.85 29.29
C ALA H 354 5.12 -7.69 30.53
N ARG H 355 5.87 -8.78 30.35
CA ARG H 355 5.98 -9.78 31.39
C ARG H 355 7.36 -10.40 31.57
N LEU H 356 8.30 -10.19 30.65
CA LEU H 356 9.64 -10.71 30.82
C LEU H 356 10.48 -9.75 31.66
N THR H 357 11.40 -10.30 32.44
CA THR H 357 12.54 -9.51 32.87
C THR H 357 13.77 -9.85 32.03
N LEU H 358 14.77 -8.99 32.15
CA LEU H 358 15.96 -9.15 31.31
C LEU H 358 16.74 -10.42 31.63
N ARG H 359 16.63 -10.93 32.84
CA ARG H 359 17.18 -12.26 33.12
C ARG H 359 16.45 -13.37 32.38
N GLU H 360 15.25 -13.11 31.86
CA GLU H 360 14.65 -14.01 30.89
C GLU H 360 14.95 -13.62 29.44
N LEU H 361 14.86 -12.34 29.09
CA LEU H 361 15.13 -11.93 27.72
C LEU H 361 16.56 -12.25 27.32
N GLU H 362 17.51 -12.13 28.24
CA GLU H 362 18.85 -12.64 27.98
C GLU H 362 18.82 -14.11 27.59
N GLN H 363 18.15 -14.94 28.39
CA GLN H 363 18.11 -16.37 28.12
C GLN H 363 17.44 -16.68 26.78
N LEU H 364 16.36 -15.97 26.45
CA LEU H 364 15.71 -16.14 25.15
C LEU H 364 16.64 -15.77 24.00
N LEU H 365 17.25 -14.59 24.07
CA LEU H 365 18.17 -14.15 23.02
C LEU H 365 19.40 -15.05 22.91
N VAL H 366 20.01 -15.40 24.05
CA VAL H 366 21.17 -16.28 24.03
C VAL H 366 20.83 -17.67 23.48
N ARG H 367 19.70 -18.26 23.88
CA ARG H 367 19.29 -19.53 23.29
C ARG H 367 19.04 -19.43 21.80
N TYR H 368 18.38 -18.36 21.35
CA TYR H 368 18.14 -18.17 19.94
C TYR H 368 19.42 -18.12 19.13
N ILE H 369 20.41 -17.37 19.61
CA ILE H 369 21.70 -17.30 18.93
C ILE H 369 22.41 -18.65 18.95
N VAL H 370 22.59 -19.23 20.13
CA VAL H 370 23.51 -20.36 20.25
C VAL H 370 22.93 -21.65 19.69
N ASP H 371 21.66 -21.95 19.94
CA ASP H 371 21.12 -23.20 19.43
C ASP H 371 20.47 -23.09 18.05
N ARG H 372 20.07 -21.91 17.61
CA ARG H 372 19.60 -21.73 16.25
C ARG H 372 20.57 -20.93 15.39
N TYR H 373 20.71 -19.63 15.65
CA TYR H 373 21.35 -18.73 14.69
C TYR H 373 22.77 -19.16 14.36
N ASN H 374 23.53 -19.64 15.36
CA ASN H 374 24.86 -20.16 15.06
C ASN H 374 24.81 -21.29 14.06
N GLN H 375 23.86 -22.19 14.19
CA GLN H 375 23.75 -23.31 13.28
C GLN H 375 22.97 -23.00 12.01
N SER H 376 22.36 -21.82 11.91
CA SER H 376 21.67 -21.44 10.67
C SER H 376 22.65 -21.32 9.51
N ILE H 377 22.14 -21.62 8.31
CA ILE H 377 22.94 -21.56 7.09
C ILE H 377 23.28 -20.12 6.76
N ASP H 378 24.51 -19.89 6.30
CA ASP H 378 24.89 -18.58 5.80
C ASP H 378 24.28 -18.33 4.43
N ALA H 379 23.57 -17.21 4.31
CA ALA H 379 22.56 -17.00 3.28
C ALA H 379 23.09 -17.08 1.85
N ARG H 380 24.38 -16.83 1.61
CA ARG H 380 24.93 -16.92 0.26
C ARG H 380 26.08 -17.88 0.12
N MET H 381 26.34 -18.71 1.12
CA MET H 381 27.23 -19.85 0.95
C MET H 381 26.45 -21.14 0.76
N GLY H 382 25.44 -21.38 1.59
CA GLY H 382 24.67 -22.61 1.51
C GLY H 382 25.39 -23.85 2.00
N ASP H 383 26.71 -23.92 1.77
CA ASP H 383 27.45 -25.14 2.08
C ASP H 383 27.50 -25.42 3.59
N GLN H 384 27.51 -24.38 4.41
CA GLN H 384 27.77 -24.57 5.83
C GLN H 384 27.03 -23.54 6.67
N THR H 385 26.88 -23.89 7.94
CA THR H 385 26.35 -23.03 8.97
C THR H 385 27.14 -21.74 9.09
N ARG H 386 26.55 -20.78 9.79
CA ARG H 386 27.27 -19.58 10.21
C ARG H 386 28.45 -19.91 11.11
N PHE H 387 28.30 -20.91 11.98
CA PHE H 387 29.40 -21.25 12.88
C PHE H 387 30.61 -21.81 12.15
N GLU H 388 30.40 -22.70 11.17
CA GLU H 388 31.55 -23.34 10.52
C GLU H 388 32.32 -22.41 9.58
N ARG H 389 31.66 -21.42 8.99
CA ARG H 389 32.41 -20.39 8.27
C ARG H 389 33.25 -19.51 9.20
N TRP H 390 32.97 -19.50 10.50
CA TRP H 390 33.92 -18.92 11.44
C TRP H 390 35.09 -19.84 11.74
N GLU H 391 34.80 -21.04 12.24
CA GLU H 391 35.88 -21.93 12.67
C GLU H 391 36.78 -22.34 11.51
N ALA H 392 36.21 -22.58 10.33
CA ALA H 392 37.06 -22.88 9.19
C ALA H 392 37.66 -21.65 8.52
N GLY H 393 37.18 -20.44 8.81
CA GLY H 393 37.61 -19.29 8.04
C GLY H 393 38.66 -18.42 8.69
N LEU H 394 38.85 -18.55 9.99
CA LEU H 394 39.86 -17.74 10.68
C LEU H 394 41.26 -18.06 10.17
N PRO H 395 42.16 -17.06 10.14
CA PRO H 395 43.43 -17.25 9.43
C PRO H 395 44.35 -18.22 10.15
N THR H 396 44.32 -18.22 11.48
CA THR H 396 44.92 -19.26 12.29
C THR H 396 44.27 -19.17 13.67
N VAL H 397 44.46 -20.22 14.46
CA VAL H 397 43.83 -20.27 15.78
C VAL H 397 44.30 -19.11 16.65
N PRO H 398 43.39 -18.24 17.08
CA PRO H 398 43.78 -17.07 17.86
C PRO H 398 44.19 -17.47 19.28
N VAL H 399 44.93 -16.56 19.91
CA VAL H 399 45.37 -16.74 21.30
C VAL H 399 44.24 -16.36 22.26
N PRO H 400 43.83 -17.26 23.15
CA PRO H 400 42.82 -16.93 24.17
C PRO H 400 43.43 -16.12 25.30
N ILE H 401 43.13 -14.83 25.34
CA ILE H 401 43.79 -13.92 26.26
C ILE H 401 43.34 -14.12 27.71
N PRO H 402 44.19 -13.75 28.68
CA PRO H 402 43.74 -13.71 30.08
C PRO H 402 42.65 -12.67 30.31
N GLU H 403 41.62 -13.08 31.05
CA GLU H 403 40.48 -12.20 31.32
C GLU H 403 40.92 -10.89 31.95
N ARG H 404 41.79 -10.97 32.96
CA ARG H 404 42.35 -9.80 33.63
C ARG H 404 43.04 -8.82 32.68
N ASP H 405 43.49 -9.26 31.52
CA ASP H 405 44.15 -8.34 30.61
C ASP H 405 43.16 -7.35 29.99
N LEU H 406 41.97 -7.80 29.62
CA LEU H 406 40.96 -6.85 29.18
C LEU H 406 40.49 -5.95 30.32
N ASP H 407 40.44 -6.49 31.53
CA ASP H 407 40.18 -5.70 32.73
C ASP H 407 41.39 -4.92 33.18
N ILE H 408 42.46 -4.95 32.39
CA ILE H 408 43.53 -3.96 32.44
C ILE H 408 43.35 -2.97 31.30
N CYS H 409 42.70 -3.42 30.22
CA CYS H 409 42.20 -2.51 29.21
C CYS H 409 40.99 -1.72 29.70
N LEU H 410 41.13 -1.09 30.86
CA LEU H 410 40.13 -0.22 31.44
C LEU H 410 40.12 1.13 30.71
N MET H 411 39.16 1.97 31.08
CA MET H 411 39.23 3.39 30.74
C MET H 411 40.40 4.04 31.45
N LYS H 412 41.03 5.01 30.78
CA LYS H 412 42.18 5.71 31.33
C LYS H 412 41.97 7.22 31.29
N GLN H 413 42.61 7.92 32.23
CA GLN H 413 42.71 9.36 32.23
C GLN H 413 44.17 9.78 32.17
N SER H 414 44.41 10.89 31.49
CA SER H 414 45.76 11.38 31.18
C SER H 414 45.81 12.88 31.39
N ARG H 415 47.02 13.43 31.25
CA ARG H 415 47.40 14.80 31.60
C ARG H 415 47.03 15.17 33.04
N ARG H 416 46.84 14.17 33.90
CA ARG H 416 46.70 14.41 35.32
C ARG H 416 48.09 14.36 35.95
N THR H 417 48.18 14.74 37.22
CA THR H 417 49.46 14.67 37.91
C THR H 417 49.35 13.93 39.23
N VAL H 418 50.41 13.16 39.52
CA VAL H 418 50.64 12.64 40.86
C VAL H 418 51.01 13.78 41.79
N GLN H 419 50.60 13.65 43.04
CA GLN H 419 50.98 14.61 44.07
C GLN H 419 52.41 14.32 44.52
N ARG H 420 53.03 15.32 45.14
CA ARG H 420 54.32 15.14 45.79
C ARG H 420 54.23 14.34 47.09
N GLY H 421 53.61 13.16 47.04
CA GLY H 421 53.44 12.33 48.21
C GLY H 421 52.82 11.00 47.85
N GLY H 422 52.53 10.22 48.90
CA GLY H 422 51.91 8.92 48.75
C GLY H 422 50.43 8.88 48.42
N CYS H 423 49.97 9.83 47.61
CA CYS H 423 48.55 10.16 47.57
C CYS H 423 48.15 10.59 46.16
N LEU H 424 46.85 10.60 45.91
CA LEU H 424 46.34 10.85 44.57
C LEU H 424 44.93 11.43 44.65
N GLN H 425 44.38 11.77 43.50
CA GLN H 425 43.05 12.36 43.38
C GLN H 425 42.40 11.88 42.10
N PHE H 426 41.06 11.78 42.12
CA PHE H 426 40.33 11.55 40.88
C PHE H 426 38.87 11.94 41.07
N GLN H 427 38.40 12.86 40.24
CA GLN H 427 37.01 13.32 40.22
C GLN H 427 36.51 13.70 41.63
N ASN H 428 37.33 14.47 42.33
CA ASN H 428 37.13 14.91 43.71
C ASN H 428 37.19 13.78 44.73
N LEU H 429 37.35 12.53 44.31
CA LEU H 429 37.87 11.53 45.23
C LEU H 429 39.34 11.78 45.52
N MET H 430 39.79 11.26 46.65
CA MET H 430 41.15 11.42 47.11
C MET H 430 41.72 10.05 47.42
N TYR H 431 43.00 9.86 47.14
CA TYR H 431 43.54 8.54 46.91
C TYR H 431 44.89 8.40 47.60
N ARG H 432 45.28 7.14 47.80
CA ARG H 432 46.57 6.75 48.34
C ARG H 432 47.26 5.78 47.40
N GLY H 433 48.59 5.79 47.41
CA GLY H 433 49.31 4.82 46.63
C GLY H 433 50.64 4.38 47.23
N GLU H 434 50.89 3.07 47.13
CA GLU H 434 51.95 2.43 47.90
C GLU H 434 53.34 2.92 47.50
N TYR H 435 53.55 3.20 46.21
CA TYR H 435 54.88 3.49 45.69
C TYR H 435 55.01 4.91 45.15
N LEU H 436 53.95 5.72 45.25
CA LEU H 436 53.98 7.08 44.70
C LEU H 436 54.95 7.99 45.42
N ALA H 437 55.25 7.72 46.70
CA ALA H 437 56.12 8.58 47.48
C ALA H 437 57.54 8.64 46.94
N GLY H 438 57.96 7.66 46.13
CA GLY H 438 59.24 7.78 45.48
C GLY H 438 59.31 8.80 44.36
N TYR H 439 58.22 9.50 44.09
CA TYR H 439 58.16 10.43 42.97
C TYR H 439 57.66 11.78 43.43
N ALA H 440 58.25 12.84 42.86
CA ALA H 440 57.70 14.17 42.96
C ALA H 440 56.45 14.30 42.11
N GLY H 441 55.75 15.41 42.29
CA GLY H 441 54.58 15.73 41.50
C GLY H 441 54.88 15.83 40.02
N GLU H 442 54.17 15.03 39.22
CA GLU H 442 54.51 14.85 37.81
C GLU H 442 53.28 14.33 37.08
N THR H 443 53.27 14.51 35.77
CA THR H 443 52.17 14.03 34.95
C THR H 443 52.05 12.51 35.05
N VAL H 444 50.82 12.02 35.24
CA VAL H 444 50.57 10.61 35.47
C VAL H 444 49.42 10.13 34.59
N ASN H 445 49.41 8.83 34.30
CA ASN H 445 48.30 8.16 33.65
C ASN H 445 47.75 7.08 34.58
N LEU H 446 46.43 6.91 34.56
CA LEU H 446 45.75 6.05 35.52
C LEU H 446 44.58 5.34 34.86
N ARG H 447 44.30 4.13 35.32
CA ARG H 447 43.28 3.27 34.73
C ARG H 447 42.36 2.76 35.83
N PHE H 448 41.08 2.68 35.52
CA PHE H 448 40.05 2.48 36.51
C PHE H 448 38.90 1.67 35.92
N ASP H 449 38.28 0.84 36.77
CA ASP H 449 37.01 0.22 36.42
C ASP H 449 35.89 1.17 36.80
N PRO H 450 35.13 1.70 35.84
CA PRO H 450 33.98 2.55 36.19
C PRO H 450 32.97 1.88 37.09
N ARG H 451 32.90 0.55 37.09
CA ARG H 451 32.03 -0.19 38.00
C ARG H 451 32.69 -0.58 39.31
N ASP H 452 33.96 -0.24 39.51
CA ASP H 452 34.63 -0.50 40.78
C ASP H 452 35.77 0.52 40.95
N ILE H 453 35.38 1.79 41.09
CA ILE H 453 36.31 2.90 41.27
C ILE H 453 36.90 2.92 42.68
N THR H 454 36.70 1.83 43.42
CA THR H 454 37.38 1.66 44.71
C THR H 454 38.89 1.64 44.59
N THR H 455 39.42 1.31 43.41
CA THR H 455 40.86 1.21 43.22
C THR H 455 41.22 1.68 41.82
N ILE H 456 42.47 2.10 41.66
CA ILE H 456 42.98 2.58 40.38
C ILE H 456 44.32 1.91 40.12
N LEU H 457 44.63 1.71 38.84
CA LEU H 457 45.93 1.26 38.38
C LEU H 457 46.64 2.44 37.75
N VAL H 458 47.89 2.67 38.17
CA VAL H 458 48.60 3.90 37.91
C VAL H 458 49.80 3.59 37.02
N TYR H 459 50.08 4.48 36.07
CA TYR H 459 51.03 4.19 35.01
C TYR H 459 51.94 5.39 34.79
N ARG H 460 53.17 5.09 34.41
CA ARG H 460 54.24 6.04 34.22
C ARG H 460 54.88 5.82 32.87
N GLN H 461 55.49 6.88 32.34
CA GLN H 461 55.88 6.98 30.94
C GLN H 461 57.35 6.64 30.72
N GLU H 462 57.83 5.60 31.40
CA GLU H 462 59.25 5.29 31.45
C GLU H 462 59.81 4.98 30.06
N ASN H 463 60.92 5.63 29.72
CA ASN H 463 61.57 5.49 28.42
C ASN H 463 60.60 5.72 27.26
N ASN H 464 59.67 6.66 27.46
CA ASN H 464 58.58 6.94 26.52
C ASN H 464 57.64 5.76 26.34
N GLN H 465 57.60 4.85 27.31
CA GLN H 465 56.67 3.73 27.28
C GLN H 465 55.87 3.72 28.56
N GLU H 466 54.60 3.32 28.47
CA GLU H 466 53.79 3.17 29.66
C GLU H 466 54.29 2.01 30.51
N VAL H 467 54.51 2.29 31.79
CA VAL H 467 55.01 1.31 32.74
C VAL H 467 54.20 1.48 34.02
N PHE H 468 54.01 0.37 34.74
CA PHE H 468 53.18 0.38 35.93
C PHE H 468 53.87 1.15 37.04
N LEU H 469 53.14 2.08 37.66
CA LEU H 469 53.55 2.61 38.96
C LEU H 469 53.11 1.68 40.09
N THR H 470 51.81 1.65 40.36
CA THR H 470 51.24 0.87 41.44
C THR H 470 49.73 0.84 41.25
N ARG H 471 49.08 -0.08 41.94
CA ARG H 471 47.68 0.02 42.29
C ARG H 471 47.49 0.96 43.48
N ALA H 472 46.29 1.53 43.59
CA ALA H 472 46.02 2.63 44.49
C ALA H 472 44.59 2.52 45.01
N HIS H 473 44.31 3.24 46.10
CA HIS H 473 43.00 3.15 46.73
C HIS H 473 42.57 4.52 47.26
N ALA H 474 41.25 4.70 47.35
CA ALA H 474 40.69 5.88 47.99
C ALA H 474 41.01 5.86 49.48
N GLN H 475 41.20 7.05 50.05
CA GLN H 475 41.71 7.15 51.41
C GLN H 475 40.78 6.48 52.42
N GLY H 476 41.24 5.39 53.04
CA GLY H 476 40.44 4.68 54.02
C GLY H 476 39.32 3.81 53.50
N LEU H 477 39.11 3.76 52.18
CA LEU H 477 38.00 3.00 51.61
C LEU H 477 38.38 1.53 51.47
N GLU H 478 37.78 0.68 52.29
CA GLU H 478 37.94 -0.77 52.15
C GLU H 478 36.70 -1.53 52.60
N THR H 479 35.95 -0.97 53.54
CA THR H 479 34.75 -1.64 54.05
C THR H 479 33.62 -1.69 53.04
N GLU H 480 33.68 -0.89 51.97
CA GLU H 480 32.64 -0.90 50.96
C GLU H 480 33.26 -0.60 49.61
N GLN H 481 32.48 -0.83 48.55
CA GLN H 481 32.89 -0.62 47.18
C GLN H 481 32.01 0.41 46.49
N LEU H 482 32.59 1.13 45.53
CA LEU H 482 31.98 2.32 44.95
C LEU H 482 32.03 2.22 43.43
N ALA H 483 31.00 2.76 42.77
CA ALA H 483 30.99 2.90 41.33
C ALA H 483 31.15 4.35 40.91
N LEU H 484 31.57 4.53 39.66
CA LEU H 484 31.90 5.86 39.13
C LEU H 484 30.66 6.70 38.88
N ASP H 485 29.60 6.12 38.30
CA ASP H 485 28.40 6.88 37.95
C ASP H 485 27.71 7.48 39.17
N GLU H 486 27.59 6.72 40.25
CA GLU H 486 26.99 7.23 41.48
C GLU H 486 27.88 8.26 42.18
N ALA H 487 29.20 8.11 42.12
CA ALA H 487 30.11 9.11 42.65
C ALA H 487 30.07 10.42 41.86
N GLU H 488 29.93 10.34 40.53
CA GLU H 488 29.74 11.55 39.73
C GLU H 488 28.45 12.29 40.09
N ALA H 489 27.34 11.57 40.20
CA ALA H 489 26.07 12.18 40.61
C ALA H 489 26.17 12.79 42.00
N ALA H 490 26.81 12.10 42.94
CA ALA H 490 26.98 12.61 44.29
C ALA H 490 27.72 13.94 44.33
N SER H 491 28.70 14.13 43.45
CA SER H 491 29.44 15.41 43.44
C SER H 491 28.54 16.59 43.10
N ARG H 492 27.44 16.36 42.37
CA ARG H 492 26.53 17.47 42.10
C ARG H 492 25.78 17.92 43.35
N ARG H 493 25.16 16.97 44.06
CA ARG H 493 24.46 17.27 45.30
C ARG H 493 25.41 17.61 46.44
N LEU H 494 26.65 17.11 46.39
CA LEU H 494 27.67 17.50 47.35
C LEU H 494 27.95 19.01 47.31
N ARG H 495 28.37 19.51 46.15
CA ARG H 495 28.81 20.91 46.05
C ARG H 495 27.65 21.90 46.17
N THR H 496 26.50 21.59 45.56
CA THR H 496 25.39 22.54 45.57
C THR H 496 24.84 22.79 46.97
N ALA H 497 24.99 21.82 47.89
CA ALA H 497 24.63 22.04 49.29
C ALA H 497 25.70 22.78 50.08
N GLY H 498 26.83 23.12 49.47
CA GLY H 498 27.88 23.83 50.19
C GLY H 498 28.66 22.97 51.14
N LYS H 499 28.59 21.65 50.98
CA LYS H 499 29.34 20.73 51.82
C LYS H 499 30.83 20.90 51.59
N THR H 500 31.61 20.66 52.64
CA THR H 500 33.06 20.65 52.48
C THR H 500 33.44 19.47 51.59
N ILE H 501 34.14 19.78 50.51
CA ILE H 501 34.45 18.79 49.48
C ILE H 501 35.57 17.87 49.96
N SER H 502 35.31 16.57 49.93
CA SER H 502 36.27 15.54 50.31
C SER H 502 35.71 14.20 49.86
N ASN H 503 36.60 13.20 49.81
CA ASN H 503 36.13 11.83 49.59
C ASN H 503 35.21 11.35 50.71
N GLN H 504 35.46 11.81 51.94
CA GLN H 504 34.61 11.45 53.06
C GLN H 504 33.17 11.89 52.84
N SER H 505 32.96 13.16 52.52
CA SER H 505 31.61 13.69 52.32
C SER H 505 31.01 13.22 51.00
N LEU H 506 31.82 13.16 49.94
CA LEU H 506 31.34 12.66 48.65
C LEU H 506 30.77 11.25 48.77
N LEU H 507 31.43 10.37 49.53
CA LEU H 507 30.93 9.02 49.71
C LEU H 507 29.56 9.00 50.37
N GLN H 508 29.27 9.95 51.26
CA GLN H 508 27.95 9.99 51.89
C GLN H 508 26.87 10.34 50.88
N GLU H 509 27.14 11.32 50.02
CA GLU H 509 26.19 11.71 48.98
C GLU H 509 25.99 10.62 47.93
N VAL H 510 26.81 9.57 47.95
CA VAL H 510 26.53 8.39 47.13
C VAL H 510 25.39 7.56 47.75
N VAL H 511 25.34 7.48 49.08
CA VAL H 511 24.51 6.49 49.73
C VAL H 511 23.32 7.09 50.47
N ASP H 512 23.42 8.35 50.91
CA ASP H 512 22.28 9.04 51.49
C ASP H 512 21.18 9.24 50.45
N GLU H 525 13.51 4.16 41.66
CA GLU H 525 13.85 5.08 40.59
C GLU H 525 14.16 4.33 39.30
N ARG H 526 13.86 4.96 38.16
CA ARG H 526 13.99 4.31 36.86
C ARG H 526 15.37 3.71 36.68
N GLN H 527 16.41 4.55 36.74
CA GLN H 527 17.78 4.09 36.60
C GLN H 527 18.21 3.17 37.74
N LYS H 528 17.63 3.35 38.94
CA LYS H 528 17.94 2.43 40.04
C LYS H 528 17.38 1.03 39.77
N LEU H 529 16.14 0.95 39.30
CA LEU H 529 15.59 -0.34 38.90
C LEU H 529 16.40 -0.95 37.76
N GLU H 530 16.68 -0.15 36.72
CA GLU H 530 17.46 -0.61 35.58
C GLU H 530 18.84 -1.13 35.99
N GLN H 531 19.58 -0.34 36.77
CA GLN H 531 20.92 -0.76 37.19
C GLN H 531 20.89 -1.99 38.09
N THR H 532 19.90 -2.10 38.98
CA THR H 532 19.79 -3.27 39.84
C THR H 532 19.23 -4.50 39.14
N VAL H 533 18.63 -4.33 37.96
CA VAL H 533 18.42 -5.47 37.07
C VAL H 533 19.73 -5.92 36.46
N LEU H 534 20.50 -4.98 35.89
CA LEU H 534 21.80 -5.31 35.32
C LEU H 534 22.78 -5.87 36.34
N ARG H 535 22.55 -5.61 37.64
CA ARG H 535 23.34 -6.27 38.69
C ARG H 535 23.28 -7.79 38.62
N SER H 536 22.20 -8.37 38.09
CA SER H 536 22.13 -9.80 37.90
C SER H 536 23.13 -10.23 36.83
N ALA H 537 24.16 -10.98 37.23
CA ALA H 537 25.32 -11.17 36.37
C ALA H 537 25.95 -12.54 36.61
N ALA H 538 26.56 -13.08 35.55
CA ALA H 538 27.04 -14.46 35.51
C ALA H 538 28.21 -14.71 36.47
N VAL H 539 28.87 -13.66 36.94
CA VAL H 539 29.95 -13.81 37.90
C VAL H 539 29.46 -14.38 39.23
N ASP H 540 28.16 -14.26 39.51
CA ASP H 540 27.56 -14.91 40.66
C ASP H 540 26.97 -16.28 40.33
N GLU H 541 27.04 -16.71 39.06
CA GLU H 541 26.27 -17.86 38.60
C GLU H 541 27.10 -18.92 37.89
N SER H 542 28.29 -18.61 37.40
CA SER H 542 29.04 -19.55 36.57
C SER H 542 29.60 -20.71 37.38
N ASP I 196 -49.99 -19.76 -35.62
CA ASP I 196 -51.35 -19.53 -36.09
C ASP I 196 -52.17 -18.68 -35.10
N TYR I 197 -52.31 -19.16 -33.87
CA TYR I 197 -53.10 -18.46 -32.88
C TYR I 197 -52.45 -17.13 -32.48
N SER I 198 -53.29 -16.22 -32.00
CA SER I 198 -52.85 -15.04 -31.28
C SER I 198 -52.05 -15.42 -30.04
N ASN I 199 -51.10 -14.55 -29.67
CA ASN I 199 -50.08 -14.75 -28.63
C ASN I 199 -48.96 -15.70 -29.04
N HIS I 200 -48.94 -16.17 -30.28
CA HIS I 200 -47.86 -17.01 -30.78
C HIS I 200 -46.57 -16.20 -30.93
N VAL I 201 -46.55 -15.25 -31.86
CA VAL I 201 -45.40 -14.40 -32.13
C VAL I 201 -45.70 -12.99 -31.62
N TRP I 202 -44.80 -12.47 -30.79
CA TRP I 202 -44.92 -11.15 -30.19
C TRP I 202 -43.97 -10.19 -30.90
N GLN I 203 -44.51 -9.13 -31.48
CA GLN I 203 -43.72 -8.12 -32.15
C GLN I 203 -43.25 -7.08 -31.15
N CYS I 204 -42.03 -6.58 -31.35
CA CYS I 204 -41.49 -5.47 -30.58
C CYS I 204 -41.15 -4.33 -31.52
N ASP I 205 -41.69 -3.15 -31.25
CA ASP I 205 -41.58 -2.01 -32.15
C ASP I 205 -40.97 -0.82 -31.44
N HIS I 206 -40.29 0.04 -32.20
CA HIS I 206 -39.67 1.25 -31.68
C HIS I 206 -40.13 2.47 -32.49
N THR I 207 -40.20 3.61 -31.81
CA THR I 207 -40.27 4.89 -32.49
C THR I 207 -39.70 5.97 -31.56
N ARG I 208 -39.48 7.14 -32.14
CA ARG I 208 -39.05 8.32 -31.39
C ARG I 208 -40.18 9.35 -31.39
N VAL I 209 -40.67 9.67 -30.19
CA VAL I 209 -41.85 10.52 -30.05
C VAL I 209 -41.47 11.98 -30.33
N ASP I 210 -42.09 12.57 -31.34
CA ASP I 210 -41.87 13.98 -31.66
C ASP I 210 -42.71 14.88 -30.74
N VAL I 211 -42.51 14.70 -29.44
CA VAL I 211 -42.96 15.66 -28.44
C VAL I 211 -41.83 15.91 -27.45
N LEU I 212 -41.35 17.15 -27.41
CA LEU I 212 -40.32 17.56 -26.46
C LEU I 212 -40.94 17.87 -25.10
N LEU I 213 -40.17 17.62 -24.05
CA LEU I 213 -40.66 17.71 -22.68
C LEU I 213 -39.78 18.67 -21.88
N VAL I 214 -40.35 19.15 -20.77
CA VAL I 214 -39.66 20.04 -19.84
C VAL I 214 -39.53 19.34 -18.50
N ASP I 215 -38.40 19.57 -17.84
CA ASP I 215 -38.10 18.94 -16.56
C ASP I 215 -38.82 19.65 -15.40
N GLN I 216 -38.83 18.97 -14.25
CA GLN I 216 -39.55 19.45 -13.09
C GLN I 216 -39.14 20.86 -12.70
N HIS I 217 -37.89 21.23 -12.96
CA HIS I 217 -37.35 22.54 -12.62
C HIS I 217 -37.18 23.42 -13.84
N GLY I 218 -37.72 23.02 -14.98
CA GLY I 218 -37.78 23.86 -16.16
C GLY I 218 -36.76 23.56 -17.21
N GLU I 219 -35.86 22.61 -16.97
CA GLU I 219 -34.91 22.22 -18.01
C GLU I 219 -35.66 21.55 -19.16
N ILE I 220 -35.25 21.87 -20.38
CA ILE I 220 -35.77 21.16 -21.55
C ILE I 220 -35.25 19.73 -21.54
N LEU I 221 -36.16 18.76 -21.59
CA LEU I 221 -35.80 17.38 -21.83
C LEU I 221 -35.66 17.13 -23.33
N SER I 222 -35.22 15.92 -23.68
CA SER I 222 -35.19 15.53 -25.09
C SER I 222 -36.56 15.12 -25.62
N ARG I 223 -36.56 14.40 -26.74
CA ARG I 223 -37.73 13.69 -27.23
C ARG I 223 -37.56 12.20 -26.96
N PRO I 224 -38.48 11.56 -26.25
CA PRO I 224 -38.25 10.17 -25.83
C PRO I 224 -38.44 9.19 -26.99
N TRP I 225 -37.71 8.08 -26.91
CA TRP I 225 -38.05 6.91 -27.71
C TRP I 225 -39.17 6.11 -27.08
N LEU I 226 -40.09 5.66 -27.92
CA LEU I 226 -41.17 4.75 -27.53
C LEU I 226 -40.88 3.35 -28.05
N THR I 227 -40.99 2.36 -27.15
CA THR I 227 -40.89 0.96 -27.49
C THR I 227 -42.12 0.23 -26.97
N THR I 228 -42.66 -0.68 -27.78
CA THR I 228 -43.92 -1.35 -27.44
C THR I 228 -43.90 -2.80 -27.91
N VAL I 229 -44.59 -3.63 -27.14
CA VAL I 229 -44.76 -5.06 -27.42
C VAL I 229 -46.23 -5.31 -27.75
N ILE I 230 -46.46 -5.91 -28.91
CA ILE I 230 -47.80 -6.08 -29.46
C ILE I 230 -47.92 -7.50 -29.97
N ASP I 231 -49.15 -7.99 -30.05
CA ASP I 231 -49.39 -9.29 -30.64
C ASP I 231 -49.18 -9.22 -32.15
N THR I 232 -49.01 -10.40 -32.75
CA THR I 232 -49.11 -10.51 -34.21
C THR I 232 -50.56 -10.54 -34.66
N TYR I 233 -51.31 -11.54 -34.22
CA TYR I 233 -52.60 -11.85 -34.80
C TYR I 233 -53.75 -11.05 -34.18
N SER I 234 -53.61 -10.62 -32.94
CA SER I 234 -54.30 -9.42 -32.50
C SER I 234 -53.42 -8.20 -32.74
N ARG I 235 -54.07 -7.03 -32.77
CA ARG I 235 -53.35 -5.78 -32.70
C ARG I 235 -53.19 -5.30 -31.26
N CYS I 236 -53.45 -6.17 -30.28
CA CYS I 236 -53.36 -5.82 -28.88
C CYS I 236 -51.99 -5.26 -28.53
N ILE I 237 -51.97 -4.28 -27.63
CA ILE I 237 -50.74 -3.78 -27.04
C ILE I 237 -50.62 -4.43 -25.67
N MET I 238 -49.50 -5.07 -25.40
CA MET I 238 -49.30 -5.76 -24.14
C MET I 238 -48.10 -5.28 -23.34
N GLY I 239 -47.17 -4.56 -23.95
CA GLY I 239 -46.03 -4.04 -23.22
C GLY I 239 -45.57 -2.73 -23.84
N ILE I 240 -44.97 -1.88 -23.01
CA ILE I 240 -44.50 -0.58 -23.44
C ILE I 240 -43.35 -0.14 -22.55
N ASN I 241 -42.39 0.57 -23.14
CA ASN I 241 -41.54 1.46 -22.38
C ASN I 241 -41.24 2.71 -23.18
N LEU I 242 -41.11 3.83 -22.47
CA LEU I 242 -40.89 5.13 -23.06
C LEU I 242 -39.82 5.85 -22.25
N GLY I 243 -38.92 6.54 -22.93
CA GLY I 243 -37.89 7.30 -22.24
C GLY I 243 -36.84 7.80 -23.19
N PHE I 244 -35.86 8.47 -22.61
CA PHE I 244 -34.76 9.07 -23.36
C PHE I 244 -33.61 8.10 -23.60
N ASP I 245 -33.72 6.87 -23.10
CA ASP I 245 -32.76 5.83 -23.44
C ASP I 245 -32.90 5.45 -24.90
N ALA I 246 -31.78 5.33 -25.59
CA ALA I 246 -31.81 4.94 -26.99
C ALA I 246 -32.39 3.53 -27.15
N PRO I 247 -33.00 3.24 -28.30
CA PRO I 247 -33.57 1.91 -28.52
C PRO I 247 -32.51 0.86 -28.79
N SER I 248 -31.56 0.73 -27.87
CA SER I 248 -30.69 -0.43 -27.80
C SER I 248 -31.43 -1.61 -27.17
N SER I 249 -30.67 -2.64 -26.81
CA SER I 249 -31.23 -3.77 -26.09
C SER I 249 -31.90 -3.37 -24.77
N GLY I 250 -31.62 -2.18 -24.26
CA GLY I 250 -32.14 -1.80 -22.97
C GLY I 250 -33.65 -1.68 -22.95
N VAL I 251 -34.17 -0.72 -23.70
CA VAL I 251 -35.60 -0.41 -23.67
C VAL I 251 -36.46 -1.61 -24.09
N VAL I 252 -35.94 -2.48 -24.94
CA VAL I 252 -36.68 -3.69 -25.30
C VAL I 252 -36.63 -4.74 -24.19
N ALA I 253 -35.49 -4.89 -23.53
CA ALA I 253 -35.40 -5.82 -22.40
C ALA I 253 -36.34 -5.45 -21.26
N LEU I 254 -36.58 -4.17 -21.04
CA LEU I 254 -37.59 -3.74 -20.09
C LEU I 254 -39.01 -3.97 -20.60
N ALA I 255 -39.25 -3.69 -21.88
CA ALA I 255 -40.58 -3.86 -22.46
C ALA I 255 -41.03 -5.31 -22.47
N LEU I 256 -40.10 -6.25 -22.53
CA LEU I 256 -40.45 -7.64 -22.23
C LEU I 256 -40.93 -7.77 -20.79
N ARG I 257 -40.15 -7.29 -19.82
CA ARG I 257 -40.55 -7.40 -18.43
C ARG I 257 -41.91 -6.75 -18.20
N HIS I 258 -42.16 -5.62 -18.87
CA HIS I 258 -43.45 -4.95 -18.75
C HIS I 258 -44.61 -5.88 -19.03
N ALA I 259 -44.52 -6.68 -20.09
CA ALA I 259 -45.68 -7.47 -20.52
C ALA I 259 -45.91 -8.69 -19.66
N ILE I 260 -44.86 -9.47 -19.41
CA ILE I 260 -45.02 -10.80 -18.82
C ILE I 260 -45.47 -10.76 -17.35
N LEU I 261 -45.14 -9.71 -16.60
CA LEU I 261 -45.66 -9.64 -15.24
C LEU I 261 -47.10 -9.14 -15.19
N PRO I 262 -47.82 -9.49 -14.12
CA PRO I 262 -49.10 -8.83 -13.82
C PRO I 262 -49.02 -7.31 -13.90
N LYS I 263 -49.95 -6.71 -14.63
CA LYS I 263 -49.96 -5.26 -14.85
C LYS I 263 -50.61 -4.53 -13.67
N ARG I 264 -49.86 -4.47 -12.58
CA ARG I 264 -50.20 -3.56 -11.49
C ARG I 264 -50.26 -2.12 -12.01
N TYR I 265 -51.18 -1.33 -11.45
CA TYR I 265 -51.38 0.04 -11.90
C TYR I 265 -51.71 0.94 -10.73
N GLY I 266 -51.38 2.22 -10.89
CA GLY I 266 -51.61 3.22 -9.86
C GLY I 266 -52.88 4.03 -10.05
N SER I 267 -53.38 4.56 -8.94
CA SER I 267 -54.56 5.42 -8.98
C SER I 267 -54.32 6.68 -9.80
N GLU I 268 -53.10 7.21 -9.79
CA GLU I 268 -52.81 8.44 -10.52
C GLU I 268 -53.04 8.31 -12.01
N TYR I 269 -53.07 7.08 -12.52
CA TYR I 269 -53.36 6.87 -13.93
C TYR I 269 -54.81 7.19 -14.27
N LYS I 270 -55.70 7.10 -13.28
CA LYS I 270 -57.15 7.26 -13.50
C LYS I 270 -57.66 6.24 -14.51
N LEU I 271 -57.10 5.03 -14.46
CA LEU I 271 -57.52 3.97 -15.39
C LEU I 271 -58.99 3.61 -15.19
N HIS I 272 -59.67 3.36 -16.31
CA HIS I 272 -60.92 2.61 -16.26
C HIS I 272 -60.67 1.11 -16.25
N CYS I 273 -59.87 0.61 -17.21
CA CYS I 273 -59.71 -0.82 -17.42
C CYS I 273 -58.49 -1.35 -16.69
N GLU I 274 -58.63 -2.56 -16.13
CA GLU I 274 -57.46 -3.38 -15.84
C GLU I 274 -56.81 -3.85 -17.13
N TRP I 275 -55.50 -3.65 -17.25
CA TRP I 275 -54.82 -4.14 -18.45
C TRP I 275 -54.70 -5.66 -18.40
N GLY I 276 -54.13 -6.18 -17.30
CA GLY I 276 -54.19 -7.59 -16.98
C GLY I 276 -53.52 -8.58 -17.93
N THR I 277 -52.73 -8.08 -18.87
CA THR I 277 -52.20 -8.90 -19.96
C THR I 277 -51.00 -9.75 -19.58
N TYR I 278 -50.99 -10.42 -18.42
CA TYR I 278 -49.88 -11.30 -18.11
C TYR I 278 -49.79 -12.47 -19.09
N GLY I 279 -48.68 -13.19 -19.03
CA GLY I 279 -48.46 -14.37 -19.83
C GLY I 279 -47.05 -14.48 -20.33
N LYS I 280 -46.44 -15.65 -20.18
CA LYS I 280 -45.17 -15.94 -20.83
C LYS I 280 -45.34 -16.02 -22.35
N PRO I 281 -44.66 -15.16 -23.12
CA PRO I 281 -44.61 -15.33 -24.58
C PRO I 281 -43.97 -16.63 -25.00
N GLU I 282 -43.99 -16.90 -26.31
CA GLU I 282 -43.30 -18.07 -26.85
C GLU I 282 -42.48 -17.77 -28.10
N HIS I 283 -42.88 -16.77 -28.89
CA HIS I 283 -42.01 -16.22 -29.93
C HIS I 283 -41.99 -14.70 -29.85
N PHE I 284 -40.82 -14.12 -30.14
CA PHE I 284 -40.60 -12.70 -29.98
C PHE I 284 -39.72 -12.21 -31.13
N TYR I 285 -39.99 -11.00 -31.62
CA TYR I 285 -39.47 -10.54 -32.89
C TYR I 285 -39.11 -9.05 -32.83
N THR I 286 -37.85 -8.71 -33.12
CA THR I 286 -37.39 -7.33 -32.98
C THR I 286 -36.46 -6.97 -34.13
N ASP I 287 -36.25 -5.67 -34.30
CA ASP I 287 -35.04 -5.17 -34.96
C ASP I 287 -33.81 -5.29 -34.07
N SER I 294 -27.09 -5.56 -29.72
CA SER I 294 -26.26 -6.65 -29.24
C SER I 294 -27.07 -7.91 -28.99
N ASN I 295 -26.39 -9.00 -28.63
CA ASN I 295 -27.00 -10.32 -28.55
C ASN I 295 -27.89 -10.53 -27.32
N HIS I 296 -27.82 -9.65 -26.31
CA HIS I 296 -28.39 -9.94 -25.00
C HIS I 296 -29.84 -10.41 -25.05
N LEU I 297 -30.60 -9.97 -26.04
CA LEU I 297 -31.96 -10.46 -26.22
C LEU I 297 -32.01 -11.97 -26.32
N SER I 298 -30.98 -12.58 -26.91
CA SER I 298 -30.91 -14.03 -27.05
C SER I 298 -30.81 -14.74 -25.71
N GLN I 299 -29.96 -14.24 -24.81
CA GLN I 299 -29.86 -14.82 -23.48
C GLN I 299 -31.18 -14.76 -22.71
N ILE I 300 -31.90 -13.64 -22.81
CA ILE I 300 -33.20 -13.55 -22.16
C ILE I 300 -34.16 -14.57 -22.76
N GLY I 301 -34.29 -14.56 -24.09
CA GLY I 301 -35.16 -15.51 -24.75
C GLY I 301 -34.87 -16.95 -24.37
N ALA I 302 -33.58 -17.30 -24.34
CA ALA I 302 -33.18 -18.63 -23.90
C ALA I 302 -33.61 -18.89 -22.45
N GLN I 303 -33.20 -18.02 -21.53
CA GLN I 303 -33.48 -18.26 -20.11
C GLN I 303 -34.98 -18.31 -19.83
N LEU I 304 -35.77 -17.53 -20.54
CA LEU I 304 -37.22 -17.58 -20.37
C LEU I 304 -37.86 -18.66 -21.22
N GLY I 305 -37.09 -19.32 -22.08
CA GLY I 305 -37.58 -20.41 -22.90
C GLY I 305 -38.56 -19.99 -23.98
N PHE I 306 -38.25 -18.92 -24.70
CA PHE I 306 -39.01 -18.57 -25.89
C PHE I 306 -38.04 -18.18 -27.00
N VAL I 307 -38.36 -18.57 -28.22
CA VAL I 307 -37.48 -18.28 -29.35
C VAL I 307 -37.45 -16.78 -29.62
N CYS I 308 -36.26 -16.22 -29.69
CA CYS I 308 -36.08 -14.86 -30.19
C CYS I 308 -35.48 -14.97 -31.60
N HIS I 309 -36.19 -14.42 -32.58
CA HIS I 309 -35.78 -14.51 -33.98
C HIS I 309 -35.75 -13.12 -34.59
N LEU I 310 -35.21 -12.17 -33.83
CA LEU I 310 -35.01 -10.80 -34.26
C LEU I 310 -34.22 -10.72 -35.56
N ARG I 311 -34.42 -9.62 -36.30
CA ARG I 311 -33.76 -9.42 -37.58
C ARG I 311 -32.25 -9.32 -37.38
N PRO I 323 -46.67 0.68 -37.34
CA PRO I 323 -48.02 0.72 -36.76
C PRO I 323 -48.18 1.82 -35.71
N PHE I 324 -47.04 2.35 -35.25
CA PHE I 324 -47.04 3.47 -34.32
C PHE I 324 -47.67 4.73 -34.91
N LYS I 325 -47.72 4.85 -36.25
CA LYS I 325 -48.35 5.99 -36.89
C LYS I 325 -49.83 6.16 -36.53
N THR I 326 -50.46 5.12 -35.95
CA THR I 326 -51.76 5.32 -35.33
C THR I 326 -51.76 6.45 -34.30
N LEU I 327 -50.66 6.60 -33.55
CA LEU I 327 -50.56 7.72 -32.62
C LEU I 327 -50.08 8.99 -33.31
N ASN I 328 -49.40 8.88 -34.45
CA ASN I 328 -49.12 10.05 -35.27
C ASN I 328 -50.41 10.63 -35.84
N ASP I 329 -51.32 9.78 -36.27
CA ASP I 329 -52.62 10.25 -36.75
C ASP I 329 -53.47 10.82 -35.61
N GLN I 330 -53.40 10.20 -34.44
CA GLN I 330 -54.19 10.67 -33.31
C GLN I 330 -53.64 12.00 -32.75
N LEU I 331 -54.50 12.70 -32.00
CA LEU I 331 -54.18 13.99 -31.40
C LEU I 331 -52.99 13.94 -30.46
N PHE I 332 -52.55 12.75 -30.07
CA PHE I 332 -51.29 12.58 -29.35
C PHE I 332 -50.16 13.42 -29.97
N SER I 333 -50.13 13.49 -31.29
CA SER I 333 -49.15 14.32 -31.99
C SER I 333 -49.46 15.84 -31.93
N THR I 334 -50.34 16.33 -31.04
CA THR I 334 -50.63 17.75 -30.94
C THR I 334 -50.53 18.31 -29.52
N LEU I 335 -50.14 17.50 -28.54
CA LEU I 335 -49.91 18.01 -27.19
C LEU I 335 -48.75 19.00 -27.18
N PRO I 336 -48.72 19.93 -26.22
CA PRO I 336 -47.76 21.04 -26.26
C PRO I 336 -46.33 20.58 -26.52
N GLY I 337 -45.65 21.30 -27.41
CA GLY I 337 -44.30 20.96 -27.81
C GLY I 337 -44.23 19.86 -28.83
N TYR I 338 -45.32 19.64 -29.57
CA TYR I 338 -45.34 18.62 -30.61
C TYR I 338 -44.55 19.05 -31.83
N THR I 339 -44.01 18.07 -32.54
CA THR I 339 -43.42 18.23 -33.88
C THR I 339 -42.52 19.47 -34.00
N ASP I 353 -44.92 24.71 -26.37
CA ASP I 353 -44.21 25.29 -25.24
C ASP I 353 -43.61 24.21 -24.34
N ALA I 354 -43.69 22.95 -24.79
CA ALA I 354 -43.11 21.80 -24.09
C ALA I 354 -43.64 21.66 -22.65
N ARG I 355 -44.84 22.16 -22.39
CA ARG I 355 -45.39 22.20 -21.04
C ARG I 355 -45.90 20.84 -20.56
N LEU I 356 -45.10 19.80 -20.73
CA LEU I 356 -45.40 18.46 -20.24
C LEU I 356 -44.12 17.78 -19.80
N THR I 357 -44.25 16.79 -18.91
CA THR I 357 -43.09 16.04 -18.42
C THR I 357 -43.32 14.54 -18.49
N LEU I 358 -42.20 13.82 -18.32
CA LEU I 358 -42.14 12.39 -18.62
C LEU I 358 -43.04 11.55 -17.72
N ARG I 359 -43.18 11.92 -16.45
CA ARG I 359 -44.15 11.25 -15.59
C ARG I 359 -45.58 11.47 -16.03
N GLU I 360 -45.90 12.63 -16.59
CA GLU I 360 -47.24 12.86 -17.11
C GLU I 360 -47.55 11.96 -18.30
N LEU I 361 -46.58 11.77 -19.20
CA LEU I 361 -46.74 10.81 -20.30
C LEU I 361 -46.97 9.39 -19.81
N GLU I 362 -46.18 8.94 -18.83
CA GLU I 362 -46.39 7.61 -18.27
C GLU I 362 -47.79 7.40 -17.74
N GLN I 363 -48.33 8.38 -17.02
CA GLN I 363 -49.68 8.26 -16.48
C GLN I 363 -50.74 8.30 -17.59
N LEU I 364 -50.63 9.27 -18.48
CA LEU I 364 -51.64 9.43 -19.53
C LEU I 364 -51.54 8.35 -20.60
N LEU I 365 -50.33 7.98 -21.00
CA LEU I 365 -50.21 7.15 -22.20
C LEU I 365 -50.65 5.72 -21.93
N VAL I 366 -50.39 5.20 -20.73
CA VAL I 366 -50.95 3.89 -20.39
C VAL I 366 -52.48 3.94 -20.44
N ARG I 367 -53.08 5.04 -20.01
CA ARG I 367 -54.53 5.21 -20.10
C ARG I 367 -55.01 5.36 -21.54
N TYR I 368 -54.46 6.33 -22.28
CA TYR I 368 -54.90 6.58 -23.64
C TYR I 368 -54.62 5.43 -24.59
N ILE I 369 -53.62 4.61 -24.30
CA ILE I 369 -53.50 3.33 -25.01
C ILE I 369 -54.57 2.35 -24.54
N VAL I 370 -54.56 2.00 -23.25
CA VAL I 370 -55.41 0.89 -22.79
C VAL I 370 -56.89 1.24 -22.98
N ASP I 371 -57.33 2.36 -22.41
CA ASP I 371 -58.76 2.69 -22.43
C ASP I 371 -59.26 3.11 -23.80
N ARG I 372 -58.39 3.33 -24.78
CA ARG I 372 -58.87 3.92 -26.03
C ARG I 372 -58.26 3.29 -27.29
N TYR I 373 -56.94 3.18 -27.36
CA TYR I 373 -56.29 2.58 -28.52
C TYR I 373 -56.17 1.06 -28.47
N ASN I 374 -56.35 0.44 -27.31
CA ASN I 374 -56.37 -1.02 -27.26
C ASN I 374 -57.77 -1.61 -27.12
N GLN I 375 -58.61 -1.02 -26.27
CA GLN I 375 -59.96 -1.53 -26.04
C GLN I 375 -60.93 -1.25 -27.19
N SER I 376 -60.53 -0.52 -28.22
CA SER I 376 -61.44 -0.21 -29.32
C SER I 376 -61.39 -1.25 -30.43
N ILE I 377 -62.42 -1.18 -31.29
CA ILE I 377 -62.58 -2.08 -32.43
C ILE I 377 -61.41 -1.96 -33.41
N ASP I 378 -60.95 -3.10 -33.91
CA ASP I 378 -59.78 -3.15 -34.76
C ASP I 378 -60.09 -2.58 -36.15
N ALA I 379 -59.02 -2.12 -36.81
CA ALA I 379 -59.16 -1.44 -38.09
C ALA I 379 -59.71 -2.36 -39.17
N ARG I 380 -59.24 -3.60 -39.20
CA ARG I 380 -59.80 -4.64 -40.04
C ARG I 380 -59.89 -5.94 -39.25
N MET I 381 -60.85 -6.78 -39.61
CA MET I 381 -61.47 -7.72 -38.68
C MET I 381 -62.12 -6.95 -37.53
N GLY I 382 -62.81 -5.88 -37.90
CA GLY I 382 -63.47 -4.99 -36.95
C GLY I 382 -64.66 -5.61 -36.24
N ASP I 383 -64.76 -6.94 -36.26
CA ASP I 383 -65.77 -7.61 -35.46
C ASP I 383 -65.35 -7.77 -34.01
N GLN I 384 -64.07 -7.60 -33.71
CA GLN I 384 -63.54 -7.74 -32.36
C GLN I 384 -62.65 -6.54 -32.03
N THR I 385 -62.69 -6.11 -30.78
CA THR I 385 -61.62 -5.25 -30.28
C THR I 385 -60.36 -6.09 -30.12
N ARG I 386 -59.21 -5.45 -30.38
CA ARG I 386 -57.97 -6.23 -30.44
C ARG I 386 -57.62 -6.82 -29.10
N PHE I 387 -57.94 -6.15 -28.00
CA PHE I 387 -57.74 -6.78 -26.70
C PHE I 387 -58.58 -8.05 -26.59
N GLU I 388 -59.88 -7.98 -26.92
CA GLU I 388 -60.73 -9.15 -26.71
C GLU I 388 -60.44 -10.25 -27.73
N ARG I 389 -60.05 -9.86 -28.94
CA ARG I 389 -59.56 -10.84 -29.92
C ARG I 389 -58.35 -11.60 -29.41
N TRP I 390 -57.45 -10.88 -28.74
CA TRP I 390 -56.30 -11.50 -28.08
C TRP I 390 -56.71 -12.30 -26.85
N GLU I 391 -57.62 -11.77 -26.02
CA GLU I 391 -57.96 -12.41 -24.76
C GLU I 391 -58.63 -13.77 -24.97
N ALA I 392 -59.60 -13.84 -25.88
CA ALA I 392 -60.23 -15.13 -26.18
C ALA I 392 -59.31 -16.06 -26.95
N GLY I 393 -58.41 -15.51 -27.76
CA GLY I 393 -57.55 -16.30 -28.62
C GLY I 393 -56.38 -16.97 -27.95
N LEU I 394 -56.07 -16.64 -26.70
CA LEU I 394 -55.01 -17.32 -25.99
C LEU I 394 -55.31 -18.81 -25.96
N PRO I 395 -54.40 -19.66 -26.45
CA PRO I 395 -54.70 -21.09 -26.58
C PRO I 395 -55.31 -21.73 -25.34
N THR I 396 -55.02 -21.20 -24.15
CA THR I 396 -55.81 -21.59 -22.98
C THR I 396 -56.22 -20.37 -22.15
N VAL I 397 -55.39 -20.01 -21.18
CA VAL I 397 -55.56 -18.81 -20.36
C VAL I 397 -54.18 -18.20 -20.13
N PRO I 398 -54.01 -16.88 -20.16
CA PRO I 398 -52.68 -16.30 -19.97
C PRO I 398 -52.19 -16.53 -18.54
N VAL I 399 -50.98 -17.05 -18.41
CA VAL I 399 -50.47 -17.50 -17.11
C VAL I 399 -49.39 -16.54 -16.65
N PRO I 400 -49.58 -15.84 -15.52
CA PRO I 400 -48.50 -15.06 -14.92
C PRO I 400 -47.44 -15.95 -14.29
N ILE I 401 -46.24 -15.38 -14.14
CA ILE I 401 -45.11 -16.13 -13.58
C ILE I 401 -44.38 -15.26 -12.55
N PRO I 402 -43.61 -15.90 -11.66
CA PRO I 402 -42.96 -15.16 -10.57
C PRO I 402 -42.12 -13.97 -11.02
N GLU I 403 -42.17 -12.92 -10.20
CA GLU I 403 -41.48 -11.66 -10.47
C GLU I 403 -39.96 -11.81 -10.42
N ARG I 404 -39.44 -12.41 -9.34
CA ARG I 404 -38.01 -12.37 -9.04
C ARG I 404 -37.17 -13.18 -10.01
N ASP I 405 -37.75 -14.10 -10.76
CA ASP I 405 -37.02 -14.80 -11.81
C ASP I 405 -36.82 -13.96 -13.05
N LEU I 406 -37.52 -12.84 -13.17
CA LEU I 406 -37.43 -11.95 -14.32
C LEU I 406 -36.53 -10.74 -14.06
N ASP I 407 -35.50 -10.91 -13.23
CA ASP I 407 -34.56 -9.84 -12.97
C ASP I 407 -33.60 -9.61 -14.13
N ILE I 408 -33.33 -10.64 -14.93
CA ILE I 408 -32.39 -10.49 -16.04
C ILE I 408 -32.84 -9.37 -16.97
N CYS I 409 -34.14 -9.14 -17.06
CA CYS I 409 -34.67 -8.07 -17.90
C CYS I 409 -34.33 -6.68 -17.38
N LEU I 410 -33.92 -6.56 -16.13
CA LEU I 410 -33.66 -5.24 -15.55
C LEU I 410 -32.37 -4.61 -16.08
N MET I 411 -32.22 -3.33 -15.76
CA MET I 411 -30.96 -2.61 -15.87
C MET I 411 -29.93 -3.24 -14.94
N LYS I 412 -28.67 -2.89 -15.14
CA LYS I 412 -27.62 -3.41 -14.27
C LYS I 412 -26.67 -2.29 -13.88
N GLN I 413 -26.25 -2.28 -12.61
CA GLN I 413 -25.16 -1.47 -12.10
C GLN I 413 -24.30 -2.34 -11.21
N SER I 414 -22.99 -2.06 -11.20
CA SER I 414 -22.05 -3.05 -10.73
C SER I 414 -20.94 -2.45 -9.87
N ARG I 415 -20.37 -3.31 -9.05
CA ARG I 415 -19.30 -3.00 -8.10
C ARG I 415 -19.65 -1.85 -7.16
N ARG I 416 -20.89 -1.83 -6.68
CA ARG I 416 -21.23 -0.94 -5.58
C ARG I 416 -20.71 -1.53 -4.29
N THR I 417 -20.37 -0.66 -3.33
CA THR I 417 -19.72 -1.06 -2.10
C THR I 417 -20.63 -0.88 -0.90
N VAL I 418 -20.66 -1.88 -0.03
CA VAL I 418 -21.57 -1.91 1.12
C VAL I 418 -20.91 -1.26 2.33
N GLN I 419 -21.57 -0.24 2.87
CA GLN I 419 -21.11 0.57 3.99
C GLN I 419 -21.66 0.00 5.28
N ARG I 420 -21.26 0.58 6.42
CA ARG I 420 -21.71 0.09 7.71
C ARG I 420 -23.21 -0.10 7.76
N GLY I 421 -23.63 -1.19 8.40
CA GLY I 421 -25.03 -1.52 8.52
C GLY I 421 -25.72 -1.93 7.23
N GLY I 422 -24.97 -2.22 6.18
CA GLY I 422 -25.61 -2.66 4.96
C GLY I 422 -26.22 -1.49 4.22
N CYS I 423 -25.38 -0.57 3.79
CA CYS I 423 -25.85 0.66 3.16
C CYS I 423 -25.21 0.83 1.79
N LEU I 424 -25.93 1.49 0.88
CA LEU I 424 -25.48 1.65 -0.50
C LEU I 424 -25.85 3.05 -0.97
N GLN I 425 -25.01 3.63 -1.81
CA GLN I 425 -25.38 4.85 -2.52
C GLN I 425 -25.86 4.51 -3.91
N PHE I 426 -26.89 5.21 -4.38
CA PHE I 426 -27.31 5.02 -5.76
C PHE I 426 -27.97 6.30 -6.23
N GLN I 427 -27.49 6.82 -7.37
CA GLN I 427 -27.99 8.05 -7.99
C GLN I 427 -28.12 9.20 -6.99
N ASN I 428 -27.02 9.47 -6.27
CA ASN I 428 -26.98 10.42 -5.17
C ASN I 428 -27.94 10.12 -4.03
N LEU I 429 -28.73 9.06 -4.13
CA LEU I 429 -29.54 8.64 -3.00
C LEU I 429 -28.83 7.55 -2.21
N MET I 430 -29.35 7.26 -1.03
CA MET I 430 -28.76 6.32 -0.12
C MET I 430 -29.75 5.20 0.13
N TYR I 431 -29.24 3.98 0.29
CA TYR I 431 -30.07 2.78 0.33
C TYR I 431 -29.60 1.90 1.46
N ARG I 432 -30.49 1.01 1.90
CA ARG I 432 -30.21 0.08 2.97
C ARG I 432 -30.98 -1.21 2.74
N GLY I 433 -30.36 -2.33 3.13
CA GLY I 433 -30.90 -3.63 2.86
C GLY I 433 -31.36 -4.37 4.11
N GLU I 434 -32.05 -5.49 3.87
CA GLU I 434 -32.58 -6.30 4.95
C GLU I 434 -31.46 -6.98 5.72
N TYR I 435 -30.66 -7.79 5.04
CA TYR I 435 -29.58 -8.57 5.64
C TYR I 435 -28.23 -8.11 5.15
N LEU I 436 -28.20 -7.02 4.38
CA LEU I 436 -27.00 -6.54 3.72
C LEU I 436 -25.91 -6.13 4.70
N ALA I 437 -26.27 -5.87 5.96
CA ALA I 437 -25.27 -5.55 6.98
C ALA I 437 -24.26 -6.68 7.20
N GLY I 438 -24.60 -7.92 6.86
CA GLY I 438 -23.60 -8.97 6.95
C GLY I 438 -22.44 -8.83 5.98
N TYR I 439 -22.62 -8.02 4.93
CA TYR I 439 -21.64 -7.86 3.87
C TYR I 439 -21.18 -6.40 3.73
N ALA I 440 -21.21 -5.65 4.81
CA ALA I 440 -20.53 -4.37 4.84
C ALA I 440 -19.06 -4.54 4.52
N GLY I 441 -18.50 -3.59 3.79
CA GLY I 441 -17.15 -3.67 3.24
C GLY I 441 -17.01 -4.53 2.00
N GLU I 442 -17.99 -5.37 1.69
CA GLU I 442 -17.97 -6.12 0.45
C GLU I 442 -18.47 -5.23 -0.69
N THR I 443 -18.52 -5.80 -1.89
CA THR I 443 -19.05 -5.10 -3.04
C THR I 443 -20.12 -5.96 -3.71
N VAL I 444 -21.09 -5.27 -4.31
CA VAL I 444 -22.32 -5.90 -4.77
C VAL I 444 -22.80 -5.18 -6.03
N ASN I 445 -23.63 -5.86 -6.82
CA ASN I 445 -24.25 -5.28 -8.00
C ASN I 445 -25.72 -4.98 -7.74
N LEU I 446 -26.26 -4.04 -8.51
CA LEU I 446 -27.63 -3.60 -8.40
C LEU I 446 -28.36 -3.74 -9.74
N ARG I 447 -29.66 -4.00 -9.66
CA ARG I 447 -30.53 -3.93 -10.82
C ARG I 447 -31.78 -3.16 -10.44
N PHE I 448 -32.42 -2.55 -11.44
CA PHE I 448 -33.48 -1.60 -11.17
C PHE I 448 -34.34 -1.41 -12.40
N ASP I 449 -35.50 -0.80 -12.19
CA ASP I 449 -36.32 -0.28 -13.26
C ASP I 449 -36.11 1.23 -13.38
N PRO I 450 -36.00 1.78 -14.58
CA PRO I 450 -35.95 3.24 -14.71
C PRO I 450 -37.31 3.89 -14.51
N ARG I 451 -38.22 3.21 -13.81
CA ARG I 451 -39.55 3.72 -13.53
C ARG I 451 -39.85 3.90 -12.04
N ASP I 452 -39.19 3.15 -11.17
CA ASP I 452 -39.27 3.43 -9.73
C ASP I 452 -38.05 2.79 -9.06
N ILE I 453 -37.06 3.61 -8.77
CA ILE I 453 -35.82 3.20 -8.11
C ILE I 453 -35.99 3.16 -6.60
N THR I 454 -37.23 3.33 -6.12
CA THR I 454 -37.48 3.37 -4.68
C THR I 454 -37.10 2.08 -3.98
N THR I 455 -37.01 0.97 -4.70
CA THR I 455 -36.39 -0.22 -4.13
C THR I 455 -35.70 -0.96 -5.26
N ILE I 456 -34.43 -1.33 -5.04
CA ILE I 456 -33.60 -1.87 -6.11
C ILE I 456 -32.91 -3.14 -5.62
N LEU I 457 -32.75 -4.09 -6.53
CA LEU I 457 -32.40 -5.46 -6.18
C LEU I 457 -30.89 -5.56 -6.10
N VAL I 458 -30.37 -6.15 -5.02
CA VAL I 458 -28.93 -6.27 -4.84
C VAL I 458 -28.55 -7.75 -4.86
N TYR I 459 -27.45 -8.04 -5.53
CA TYR I 459 -26.99 -9.40 -5.79
C TYR I 459 -25.51 -9.48 -5.46
N ARG I 460 -25.08 -10.63 -4.93
CA ARG I 460 -23.66 -10.87 -4.71
C ARG I 460 -23.02 -11.47 -5.95
N GLN I 461 -21.93 -10.85 -6.38
CA GLN I 461 -21.16 -11.32 -7.54
C GLN I 461 -20.33 -12.56 -7.18
N GLU I 462 -20.39 -13.58 -8.02
CA GLU I 462 -19.46 -14.71 -7.94
C GLU I 462 -18.86 -14.96 -9.32
N ASN I 463 -18.00 -15.98 -9.39
CA ASN I 463 -17.16 -16.19 -10.57
C ASN I 463 -17.98 -16.40 -11.83
N ASN I 464 -19.07 -17.18 -11.75
CA ASN I 464 -19.96 -17.30 -12.89
C ASN I 464 -21.43 -17.32 -12.48
N GLN I 465 -21.73 -16.93 -11.26
CA GLN I 465 -23.10 -16.84 -10.78
C GLN I 465 -23.27 -15.47 -10.14
N GLU I 466 -24.43 -14.87 -10.36
CA GLU I 466 -24.87 -13.70 -9.61
C GLU I 466 -26.14 -14.06 -8.87
N VAL I 467 -26.08 -14.06 -7.53
CA VAL I 467 -27.14 -14.58 -6.68
C VAL I 467 -27.87 -13.42 -6.04
N PHE I 468 -29.21 -13.42 -6.13
CA PHE I 468 -30.00 -12.38 -5.50
C PHE I 468 -29.89 -12.47 -3.98
N LEU I 469 -29.54 -11.33 -3.34
CA LEU I 469 -29.36 -11.28 -1.91
C LEU I 469 -30.57 -10.70 -1.18
N THR I 470 -30.99 -9.48 -1.54
CA THR I 470 -32.12 -8.83 -0.89
C THR I 470 -32.58 -7.66 -1.74
N ARG I 471 -33.76 -7.15 -1.44
CA ARG I 471 -34.10 -5.77 -1.76
C ARG I 471 -33.36 -4.78 -0.87
N ALA I 472 -33.19 -3.56 -1.38
CA ALA I 472 -32.70 -2.43 -0.61
C ALA I 472 -33.57 -1.22 -0.87
N HIS I 473 -33.87 -0.47 0.18
CA HIS I 473 -34.92 0.53 0.18
C HIS I 473 -34.33 1.94 0.17
N ALA I 474 -34.80 2.78 -0.76
CA ALA I 474 -34.38 4.17 -0.79
C ALA I 474 -34.80 4.87 0.48
N GLN I 475 -33.91 5.68 1.04
CA GLN I 475 -34.18 6.34 2.31
C GLN I 475 -34.04 7.85 2.16
N GLY I 476 -34.84 8.57 2.93
CA GLY I 476 -34.80 10.01 2.97
C GLY I 476 -35.45 10.72 1.80
N LEU I 477 -35.98 9.98 0.82
CA LEU I 477 -36.72 10.60 -0.26
C LEU I 477 -38.06 11.14 0.22
N GLU I 478 -38.53 12.19 -0.44
CA GLU I 478 -39.69 12.96 -0.01
C GLU I 478 -40.99 12.48 -0.64
N THR I 479 -40.98 11.36 -1.36
CA THR I 479 -42.14 10.88 -2.09
C THR I 479 -42.19 9.36 -2.02
N GLU I 480 -43.38 8.81 -2.25
CA GLU I 480 -43.57 7.37 -2.22
C GLU I 480 -43.03 6.70 -3.47
N GLN I 481 -42.76 7.45 -4.53
CA GLN I 481 -42.29 6.90 -5.80
C GLN I 481 -41.27 7.84 -6.38
N LEU I 482 -40.33 7.29 -7.15
CA LEU I 482 -39.30 8.13 -7.78
C LEU I 482 -38.77 7.44 -9.02
N ALA I 483 -39.04 8.00 -10.19
CA ALA I 483 -38.43 7.49 -11.40
C ALA I 483 -36.96 7.86 -11.49
N LEU I 484 -36.21 7.05 -12.26
CA LEU I 484 -34.79 7.32 -12.49
C LEU I 484 -34.57 8.70 -13.05
N ASP I 485 -35.39 9.11 -14.01
CA ASP I 485 -35.33 10.47 -14.56
C ASP I 485 -35.42 11.53 -13.47
N GLU I 486 -36.15 11.25 -12.40
CA GLU I 486 -36.26 12.21 -11.30
C GLU I 486 -34.99 12.25 -10.45
N ALA I 487 -34.31 11.13 -10.28
CA ALA I 487 -33.00 11.14 -9.64
C ALA I 487 -31.96 11.86 -10.49
N GLU I 488 -32.01 11.70 -11.81
CA GLU I 488 -31.17 12.50 -12.69
C GLU I 488 -31.47 13.99 -12.54
N ALA I 489 -32.75 14.34 -12.50
CA ALA I 489 -33.15 15.74 -12.36
C ALA I 489 -32.74 16.32 -11.01
N ALA I 490 -32.96 15.57 -9.93
CA ALA I 490 -32.50 16.00 -8.61
C ALA I 490 -31.00 16.28 -8.60
N SER I 491 -30.22 15.31 -9.08
CA SER I 491 -28.77 15.52 -9.22
C SER I 491 -28.45 16.71 -10.12
N ARG I 492 -29.09 16.79 -11.28
CA ARG I 492 -28.80 17.89 -12.20
C ARG I 492 -29.15 19.25 -11.62
N ARG I 493 -30.20 19.35 -10.82
CA ARG I 493 -30.48 20.62 -10.14
C ARG I 493 -29.44 20.89 -9.05
N LEU I 494 -29.13 19.87 -8.27
CA LEU I 494 -28.10 19.96 -7.23
C LEU I 494 -26.73 20.32 -7.83
N ARG I 495 -26.34 19.63 -8.90
CA ARG I 495 -25.13 19.96 -9.65
C ARG I 495 -25.16 21.36 -10.26
N THR I 496 -26.25 21.70 -10.95
CA THR I 496 -26.29 23.00 -11.62
C THR I 496 -26.32 24.17 -10.65
N ALA I 497 -26.85 23.98 -9.44
CA ALA I 497 -26.71 24.97 -8.39
C ALA I 497 -25.24 25.20 -8.01
N GLY I 498 -24.52 24.12 -7.70
CA GLY I 498 -23.11 24.22 -7.39
C GLY I 498 -22.27 24.89 -8.47
N LYS I 499 -22.65 24.69 -9.74
CA LYS I 499 -21.92 25.32 -10.84
C LYS I 499 -22.04 26.85 -10.86
N THR I 500 -23.10 27.42 -10.28
CA THR I 500 -23.25 28.88 -10.36
C THR I 500 -22.39 29.64 -9.35
N ILE I 501 -21.89 28.98 -8.31
CA ILE I 501 -21.11 29.65 -7.28
C ILE I 501 -19.78 30.17 -7.84
N SER I 502 -19.55 31.48 -7.68
CA SER I 502 -18.31 32.12 -8.10
C SER I 502 -17.15 31.77 -7.17
N ASN I 503 -16.06 31.26 -7.75
CA ASN I 503 -14.81 31.00 -7.03
C ASN I 503 -13.91 32.22 -6.89
N GLN I 504 -14.38 33.42 -7.28
CA GLN I 504 -13.49 34.57 -7.43
C GLN I 504 -12.61 34.80 -6.20
N SER I 505 -13.21 34.79 -5.01
CA SER I 505 -12.39 34.87 -3.79
C SER I 505 -11.58 33.60 -3.60
N LEU I 506 -12.23 32.45 -3.71
CA LEU I 506 -11.60 31.16 -3.46
C LEU I 506 -10.43 30.90 -4.40
N LEU I 507 -10.41 31.58 -5.54
CA LEU I 507 -9.35 31.44 -6.53
C LEU I 507 -8.21 32.44 -6.32
N GLN I 508 -8.52 33.72 -6.19
CA GLN I 508 -7.48 34.74 -6.06
C GLN I 508 -6.60 34.53 -4.83
N GLU I 509 -7.14 33.97 -3.75
CA GLU I 509 -6.33 33.65 -2.59
C GLU I 509 -5.22 32.63 -2.91
N VAL I 510 -5.41 31.81 -3.94
CA VAL I 510 -4.43 30.77 -4.26
C VAL I 510 -3.14 31.38 -4.79
N VAL I 511 -3.23 32.30 -5.74
CA VAL I 511 -2.03 32.93 -6.27
C VAL I 511 -1.39 33.86 -5.23
N ASP I 512 -2.19 34.53 -4.43
CA ASP I 512 -1.67 35.38 -3.36
C ASP I 512 -0.96 34.61 -2.27
N ARG I 513 -1.40 33.38 -1.96
CA ARG I 513 -0.62 32.56 -1.03
C ARG I 513 0.78 32.24 -1.57
N ASP I 514 0.88 31.89 -2.84
CA ASP I 514 2.19 31.64 -3.45
C ASP I 514 3.04 32.91 -3.57
N ALA I 515 2.42 34.02 -3.96
CA ALA I 515 3.16 35.28 -4.03
C ALA I 515 3.70 35.71 -2.68
N LEU I 516 3.02 35.36 -1.59
CA LEU I 516 3.60 35.53 -0.26
C LEU I 516 4.76 34.56 -0.07
N VAL I 517 4.50 33.26 -0.23
CA VAL I 517 5.52 32.24 0.02
C VAL I 517 6.73 32.44 -0.87
N ALA I 518 6.55 33.06 -2.04
CA ALA I 518 7.69 33.39 -2.89
C ALA I 518 8.74 34.24 -2.20
N THR I 519 8.38 34.94 -1.11
CA THR I 519 9.36 35.70 -0.35
C THR I 519 10.17 34.85 0.62
N LYS I 520 9.78 33.62 0.87
CA LYS I 520 10.50 32.76 1.80
C LYS I 520 11.89 32.43 1.30
N LYS I 521 12.88 32.60 2.18
CA LYS I 521 14.18 31.94 2.06
C LYS I 521 14.59 31.43 3.43
N SER I 522 15.15 30.23 3.48
CA SER I 522 15.74 29.71 4.71
C SER I 522 17.04 30.43 5.08
N ASP J 196 14.17 -30.44 -57.33
CA ASP J 196 14.22 -30.09 -55.92
C ASP J 196 15.65 -29.73 -55.52
N TYR J 197 15.81 -29.14 -54.34
CA TYR J 197 17.06 -28.46 -54.00
C TYR J 197 17.39 -28.66 -52.52
N SER J 198 18.67 -28.45 -52.21
CA SER J 198 19.17 -28.70 -50.86
C SER J 198 18.60 -27.73 -49.83
N ASN J 199 18.07 -26.60 -50.27
CA ASN J 199 17.35 -25.66 -49.41
C ASN J 199 15.84 -25.75 -49.60
N HIS J 200 15.36 -26.72 -50.37
CA HIS J 200 13.96 -26.74 -50.79
C HIS J 200 13.05 -27.25 -49.66
N VAL J 201 13.41 -28.38 -49.05
CA VAL J 201 12.49 -29.12 -48.19
C VAL J 201 13.24 -29.82 -47.04
N TRP J 202 13.08 -29.29 -45.83
CA TRP J 202 13.72 -29.82 -44.63
C TRP J 202 12.68 -30.44 -43.70
N GLN J 203 12.99 -31.63 -43.18
CA GLN J 203 12.08 -32.41 -42.37
C GLN J 203 12.64 -32.59 -40.96
N CYS J 204 11.80 -32.33 -39.96
CA CYS J 204 12.18 -32.49 -38.56
C CYS J 204 11.98 -33.94 -38.11
N ASP J 205 12.85 -34.39 -37.20
CA ASP J 205 12.77 -35.73 -36.66
C ASP J 205 13.10 -35.69 -35.17
N HIS J 206 12.71 -36.75 -34.47
CA HIS J 206 12.95 -36.85 -33.03
C HIS J 206 13.22 -38.29 -32.63
N THR J 207 13.87 -38.45 -31.48
CA THR J 207 14.27 -39.74 -30.94
C THR J 207 14.42 -39.56 -29.43
N ARG J 208 14.24 -40.64 -28.67
CA ARG J 208 14.55 -40.65 -27.25
C ARG J 208 15.73 -41.59 -26.98
N VAL J 209 16.75 -41.05 -26.32
CA VAL J 209 18.05 -41.69 -26.24
C VAL J 209 18.00 -42.85 -25.26
N ASP J 210 18.79 -43.87 -25.52
CA ASP J 210 18.89 -45.06 -24.69
C ASP J 210 20.18 -45.07 -23.87
N VAL J 211 20.45 -43.96 -23.19
CA VAL J 211 21.61 -43.81 -22.30
C VAL J 211 21.16 -43.05 -21.07
N LEU J 212 21.65 -43.45 -19.90
CA LEU J 212 21.37 -42.76 -18.65
C LEU J 212 22.55 -41.89 -18.25
N LEU J 213 22.24 -40.65 -17.89
CA LEU J 213 23.20 -39.58 -17.70
C LEU J 213 23.39 -39.27 -16.22
N VAL J 214 24.60 -38.83 -15.89
CA VAL J 214 24.89 -38.27 -14.56
C VAL J 214 25.33 -36.84 -14.74
N ASP J 215 25.02 -36.01 -13.74
CA ASP J 215 25.42 -34.62 -13.72
C ASP J 215 26.94 -34.49 -13.58
N GLN J 216 27.43 -33.26 -13.60
CA GLN J 216 28.86 -32.99 -13.45
C GLN J 216 29.40 -33.29 -12.06
N HIS J 217 28.60 -33.88 -11.17
CA HIS J 217 29.08 -34.31 -9.86
C HIS J 217 29.00 -35.82 -9.67
N GLY J 218 28.00 -36.49 -10.24
CA GLY J 218 27.98 -37.94 -10.19
C GLY J 218 26.67 -38.57 -9.77
N GLU J 219 25.55 -37.87 -9.98
CA GLU J 219 24.24 -38.42 -9.69
C GLU J 219 23.42 -38.58 -10.97
N ILE J 220 22.60 -39.62 -11.00
CA ILE J 220 21.86 -39.99 -12.21
C ILE J 220 20.76 -38.96 -12.50
N LEU J 221 20.65 -38.56 -13.77
CA LEU J 221 19.67 -37.58 -14.20
C LEU J 221 18.50 -38.28 -14.89
N SER J 222 18.67 -38.65 -16.16
CA SER J 222 17.63 -39.37 -16.91
C SER J 222 18.25 -39.90 -18.19
N ARG J 223 17.39 -40.33 -19.13
CA ARG J 223 17.74 -40.52 -20.53
C ARG J 223 17.18 -39.39 -21.38
N PRO J 224 18.02 -38.72 -22.16
CA PRO J 224 17.58 -37.54 -22.91
C PRO J 224 16.50 -37.84 -23.94
N TRP J 225 15.80 -36.78 -24.33
CA TRP J 225 15.16 -36.70 -25.64
C TRP J 225 16.16 -36.14 -26.64
N LEU J 226 15.95 -36.49 -27.91
CA LEU J 226 16.84 -36.06 -28.99
C LEU J 226 15.98 -35.66 -30.18
N THR J 227 16.31 -34.54 -30.81
CA THR J 227 15.56 -34.08 -31.97
C THR J 227 16.45 -33.31 -32.92
N THR J 228 16.05 -33.32 -34.20
CA THR J 228 16.89 -32.85 -35.30
C THR J 228 15.96 -32.51 -36.46
N VAL J 229 16.52 -31.81 -37.45
CA VAL J 229 15.93 -31.73 -38.77
C VAL J 229 16.92 -32.24 -39.80
N ILE J 230 16.38 -32.86 -40.85
CA ILE J 230 17.17 -33.45 -41.94
C ILE J 230 16.67 -32.84 -43.24
N ASP J 231 17.60 -32.42 -44.10
CA ASP J 231 17.25 -32.01 -45.45
C ASP J 231 16.75 -33.22 -46.24
N THR J 232 15.49 -33.18 -46.66
CA THR J 232 14.88 -34.27 -47.40
C THR J 232 15.43 -34.38 -48.82
N TYR J 233 16.10 -33.34 -49.33
CA TYR J 233 16.84 -33.49 -50.58
C TYR J 233 18.14 -34.25 -50.38
N SER J 234 19.07 -33.68 -49.61
CA SER J 234 20.40 -34.27 -49.50
C SER J 234 20.41 -35.50 -48.61
N ARG J 235 19.47 -35.59 -47.67
CA ARG J 235 19.44 -36.63 -46.64
C ARG J 235 20.70 -36.60 -45.77
N CYS J 236 20.95 -35.43 -45.19
CA CYS J 236 22.04 -35.22 -44.24
C CYS J 236 21.48 -34.71 -42.92
N ILE J 237 22.06 -35.15 -41.81
CA ILE J 237 21.63 -34.71 -40.48
C ILE J 237 22.31 -33.40 -40.13
N MET J 238 21.51 -32.34 -39.99
CA MET J 238 22.03 -30.99 -39.84
C MET J 238 21.73 -30.46 -38.44
N GLY J 239 20.82 -29.49 -38.34
CA GLY J 239 20.45 -28.93 -37.05
C GLY J 239 19.91 -29.97 -36.09
N ILE J 240 20.41 -29.96 -34.85
CA ILE J 240 20.16 -31.03 -33.90
C ILE J 240 20.17 -30.45 -32.49
N ASN J 241 19.28 -30.98 -31.64
CA ASN J 241 19.19 -30.56 -30.25
C ASN J 241 19.09 -31.80 -29.38
N LEU J 242 19.71 -31.75 -28.21
CA LEU J 242 19.68 -32.85 -27.27
C LEU J 242 19.49 -32.30 -25.86
N GLY J 243 18.67 -32.98 -25.07
CA GLY J 243 18.37 -32.52 -23.73
C GLY J 243 17.24 -33.30 -23.12
N PHE J 244 16.94 -32.97 -21.87
CA PHE J 244 15.91 -33.63 -21.07
C PHE J 244 14.54 -32.99 -21.24
N ASP J 245 14.46 -31.81 -21.83
CA ASP J 245 13.18 -31.22 -22.16
C ASP J 245 12.53 -32.00 -23.30
N ALA J 246 11.28 -32.40 -23.11
CA ALA J 246 10.58 -33.26 -24.05
C ALA J 246 10.18 -32.49 -25.30
N PRO J 247 10.15 -33.17 -26.46
CA PRO J 247 9.75 -32.53 -27.71
C PRO J 247 8.46 -31.74 -27.64
N SER J 248 8.56 -30.46 -27.98
CA SER J 248 7.45 -29.53 -27.96
C SER J 248 7.84 -28.33 -28.81
N SER J 249 6.85 -27.49 -29.11
CA SER J 249 7.03 -26.43 -30.10
C SER J 249 8.25 -25.57 -29.77
N GLY J 250 8.50 -25.34 -28.49
CA GLY J 250 9.73 -24.66 -28.08
C GLY J 250 10.98 -25.44 -28.44
N VAL J 251 10.98 -26.74 -28.16
CA VAL J 251 12.13 -27.58 -28.51
C VAL J 251 12.27 -27.69 -30.02
N VAL J 252 11.16 -27.86 -30.73
CA VAL J 252 11.20 -27.91 -32.18
C VAL J 252 11.73 -26.61 -32.76
N ALA J 253 11.23 -25.48 -32.26
CA ALA J 253 11.72 -24.18 -32.70
C ALA J 253 13.20 -23.98 -32.36
N LEU J 254 13.65 -24.51 -31.22
CA LEU J 254 15.04 -24.40 -30.87
C LEU J 254 15.95 -25.19 -31.81
N ALA J 255 15.56 -26.42 -32.14
CA ALA J 255 16.28 -27.20 -33.14
C ALA J 255 16.21 -26.55 -34.53
N LEU J 256 15.12 -25.88 -34.83
CA LEU J 256 15.03 -25.12 -36.08
C LEU J 256 16.00 -23.96 -36.14
N ARG J 257 16.20 -23.25 -35.03
CA ARG J 257 17.31 -22.31 -34.96
C ARG J 257 18.66 -23.01 -35.18
N HIS J 258 18.85 -24.17 -34.54
CA HIS J 258 20.07 -24.94 -34.74
C HIS J 258 20.30 -25.38 -36.18
N ALA J 259 19.24 -25.44 -36.99
CA ALA J 259 19.42 -25.67 -38.42
C ALA J 259 19.73 -24.37 -39.17
N ILE J 260 18.92 -23.34 -38.95
CA ILE J 260 19.01 -22.12 -39.75
C ILE J 260 20.31 -21.36 -39.49
N LEU J 261 20.81 -21.39 -38.26
CA LEU J 261 21.98 -20.58 -37.95
C LEU J 261 23.28 -21.30 -38.31
N PRO J 262 24.22 -20.55 -38.90
CA PRO J 262 25.56 -21.09 -39.16
C PRO J 262 26.18 -21.76 -37.94
N LYS J 263 26.59 -23.01 -38.13
CA LYS J 263 27.20 -23.81 -37.08
C LYS J 263 28.68 -23.46 -36.88
N ARG J 264 29.13 -23.59 -35.64
CA ARG J 264 30.49 -23.32 -35.20
C ARG J 264 30.79 -24.25 -34.04
N TYR J 265 32.09 -24.43 -33.75
CA TYR J 265 32.51 -25.25 -32.62
C TYR J 265 33.55 -24.52 -31.78
N GLY J 266 33.59 -24.90 -30.51
CA GLY J 266 34.55 -24.34 -29.57
C GLY J 266 35.96 -24.91 -29.75
N SER J 267 36.91 -24.23 -29.10
CA SER J 267 38.33 -24.56 -29.26
C SER J 267 38.69 -25.94 -28.75
N GLU J 268 37.81 -26.58 -27.98
CA GLU J 268 38.04 -27.95 -27.55
C GLU J 268 37.63 -28.97 -28.61
N TYR J 269 36.80 -28.59 -29.57
CA TYR J 269 36.45 -29.46 -30.69
C TYR J 269 37.33 -29.17 -31.90
N LYS J 270 37.23 -27.97 -32.46
CA LYS J 270 37.91 -27.60 -33.70
C LYS J 270 37.83 -28.71 -34.74
N LEU J 271 36.63 -29.31 -34.83
CA LEU J 271 36.48 -30.64 -35.41
C LEU J 271 36.84 -30.65 -36.89
N HIS J 272 37.31 -31.81 -37.34
CA HIS J 272 37.71 -31.99 -38.73
C HIS J 272 36.54 -31.87 -39.70
N CYS J 273 35.32 -32.10 -39.23
CA CYS J 273 34.12 -31.99 -40.06
C CYS J 273 33.13 -31.06 -39.41
N GLU J 274 32.41 -30.30 -40.24
CA GLU J 274 31.54 -29.23 -39.78
C GLU J 274 30.35 -29.11 -40.70
N TRP J 275 29.23 -28.63 -40.15
CA TRP J 275 28.10 -28.20 -40.98
C TRP J 275 28.34 -26.83 -41.60
N GLY J 276 28.07 -26.73 -42.89
CA GLY J 276 27.90 -25.47 -43.58
C GLY J 276 26.45 -25.07 -43.74
N THR J 277 25.53 -25.81 -43.13
CA THR J 277 24.10 -25.56 -43.30
C THR J 277 23.69 -24.24 -42.68
N TYR J 278 22.93 -23.45 -43.45
CA TYR J 278 22.28 -22.26 -42.94
C TYR J 278 21.21 -21.81 -43.92
N GLY J 279 20.42 -20.83 -43.50
CA GLY J 279 19.36 -20.25 -44.29
C GLY J 279 18.03 -20.91 -44.04
N LYS J 280 16.96 -20.23 -44.43
CA LYS J 280 15.64 -20.83 -44.36
C LYS J 280 15.47 -21.86 -45.47
N PRO J 281 14.69 -22.91 -45.22
CA PRO J 281 14.19 -23.73 -46.32
C PRO J 281 13.12 -22.95 -47.07
N GLU J 282 12.77 -23.45 -48.26
CA GLU J 282 11.51 -23.00 -48.84
C GLU J 282 10.31 -23.61 -48.12
N HIS J 283 10.47 -24.85 -47.65
CA HIS J 283 9.45 -25.49 -46.82
C HIS J 283 10.13 -26.17 -45.65
N PHE J 284 9.56 -25.99 -44.47
CA PHE J 284 9.94 -26.72 -43.27
C PHE J 284 8.85 -27.75 -42.96
N TYR J 285 9.27 -29.00 -42.79
CA TYR J 285 8.35 -30.06 -42.44
C TYR J 285 8.63 -30.56 -41.04
N THR J 286 7.55 -30.88 -40.31
CA THR J 286 7.55 -31.62 -39.08
C THR J 286 6.26 -32.45 -39.07
N ASP J 287 6.26 -33.49 -39.91
CA ASP J 287 5.11 -34.33 -40.12
C ASP J 287 5.49 -35.78 -40.44
N ASN J 295 0.36 -24.07 -32.51
CA ASN J 295 0.28 -23.22 -33.69
C ASN J 295 1.56 -22.38 -33.85
N HIS J 296 2.36 -22.36 -32.78
CA HIS J 296 3.47 -21.41 -32.68
C HIS J 296 4.42 -21.50 -33.86
N LEU J 297 4.58 -22.70 -34.44
CA LEU J 297 5.42 -22.89 -35.62
C LEU J 297 4.88 -22.23 -36.88
N SER J 298 3.63 -21.78 -36.90
CA SER J 298 3.16 -20.99 -38.03
C SER J 298 3.77 -19.60 -38.03
N GLN J 299 3.86 -18.98 -36.86
CA GLN J 299 4.36 -17.60 -36.76
C GLN J 299 5.82 -17.49 -37.17
N ILE J 300 6.66 -18.45 -36.81
CA ILE J 300 8.06 -18.39 -37.24
C ILE J 300 8.16 -18.49 -38.76
N GLY J 301 7.33 -19.34 -39.37
CA GLY J 301 7.31 -19.42 -40.82
C GLY J 301 6.79 -18.16 -41.47
N ALA J 302 5.76 -17.55 -40.89
CA ALA J 302 5.24 -16.29 -41.41
C ALA J 302 6.24 -15.15 -41.20
N GLN J 303 7.05 -15.22 -40.16
CA GLN J 303 8.09 -14.21 -39.97
C GLN J 303 9.22 -14.37 -40.98
N LEU J 304 9.76 -15.59 -41.10
CA LEU J 304 10.89 -15.81 -42.00
C LEU J 304 10.48 -16.00 -43.44
N GLY J 305 9.23 -16.35 -43.70
CA GLY J 305 8.76 -16.53 -45.06
C GLY J 305 9.10 -17.91 -45.61
N PHE J 306 8.64 -18.95 -44.94
CA PHE J 306 8.73 -20.30 -45.47
C PHE J 306 7.51 -21.10 -45.05
N VAL J 307 7.13 -22.06 -45.90
CA VAL J 307 5.91 -22.83 -45.70
C VAL J 307 6.11 -23.79 -44.54
N CYS J 308 5.12 -23.87 -43.65
CA CYS J 308 5.16 -24.74 -42.49
C CYS J 308 4.16 -25.87 -42.68
N HIS J 309 4.65 -27.11 -42.64
CA HIS J 309 3.81 -28.30 -42.73
C HIS J 309 3.95 -29.11 -41.46
N LEU J 310 2.84 -29.40 -40.82
CA LEU J 310 2.83 -30.22 -39.62
C LEU J 310 1.53 -30.99 -39.51
N ARG J 311 1.59 -32.09 -38.77
CA ARG J 311 0.40 -32.84 -38.39
C ARG J 311 0.49 -33.25 -36.93
N GLU J 321 13.75 -44.65 -43.53
CA GLU J 321 14.95 -44.01 -44.04
C GLU J 321 15.68 -43.30 -42.90
N ARG J 322 14.96 -43.07 -41.81
CA ARG J 322 15.46 -42.25 -40.72
C ARG J 322 16.69 -42.88 -40.08
N PRO J 323 17.63 -42.05 -39.60
CA PRO J 323 19.02 -42.50 -39.45
C PRO J 323 19.32 -43.24 -38.16
N PHE J 324 18.41 -43.19 -37.19
CA PHE J 324 18.70 -43.47 -35.77
C PHE J 324 19.65 -44.65 -35.55
N LYS J 325 19.39 -45.77 -36.23
CA LYS J 325 20.18 -46.98 -36.03
C LYS J 325 21.66 -46.76 -36.29
N THR J 326 22.03 -45.78 -37.11
CA THR J 326 23.43 -45.50 -37.35
C THR J 326 24.13 -44.95 -36.11
N LEU J 327 23.38 -44.45 -35.14
CA LEU J 327 23.88 -44.09 -33.81
C LEU J 327 23.38 -45.02 -32.71
N ASN J 328 22.07 -45.29 -32.68
CA ASN J 328 21.47 -46.01 -31.56
C ASN J 328 22.09 -47.39 -31.39
N ASP J 329 22.05 -48.21 -32.44
CA ASP J 329 22.56 -49.57 -32.35
C ASP J 329 24.06 -49.64 -32.55
N GLN J 330 24.60 -48.80 -33.44
CA GLN J 330 26.02 -48.85 -33.76
C GLN J 330 26.91 -48.19 -32.70
N LEU J 331 26.43 -47.16 -32.01
CA LEU J 331 27.28 -46.44 -31.07
C LEU J 331 26.73 -46.43 -29.64
N PHE J 332 25.53 -45.90 -29.41
CA PHE J 332 25.07 -45.66 -28.05
C PHE J 332 25.02 -46.94 -27.22
N SER J 333 24.55 -48.04 -27.83
CA SER J 333 24.56 -49.34 -27.16
C SER J 333 25.96 -49.80 -26.75
N THR J 334 27.02 -49.23 -27.32
CA THR J 334 28.36 -49.63 -26.93
C THR J 334 28.91 -48.87 -25.74
N LEU J 335 28.31 -47.74 -25.36
CA LEU J 335 28.86 -46.92 -24.30
C LEU J 335 28.64 -47.55 -22.93
N PRO J 336 29.57 -47.34 -21.99
CA PRO J 336 29.37 -47.83 -20.62
C PRO J 336 28.05 -47.42 -19.98
N GLY J 337 27.45 -46.30 -20.41
CA GLY J 337 26.20 -45.83 -19.86
C GLY J 337 24.96 -46.21 -20.63
N TYR J 338 25.09 -47.11 -21.62
CA TYR J 338 23.96 -47.53 -22.43
C TYR J 338 22.86 -48.12 -21.55
N THR J 339 21.62 -48.03 -22.03
CA THR J 339 20.50 -48.62 -21.30
C THR J 339 20.56 -50.14 -21.42
N ALA J 354 25.15 -44.23 -16.79
CA ALA J 354 25.21 -43.85 -15.38
C ALA J 354 26.59 -43.32 -15.03
N ARG J 355 27.41 -43.06 -16.05
CA ARG J 355 28.77 -42.60 -15.81
C ARG J 355 29.31 -41.76 -16.97
N LEU J 356 28.45 -41.02 -17.65
CA LEU J 356 28.86 -39.93 -18.53
C LEU J 356 27.82 -38.83 -18.47
N THR J 357 28.21 -37.63 -18.91
CA THR J 357 27.50 -36.39 -18.61
C THR J 357 27.09 -35.66 -19.88
N LEU J 358 26.03 -34.86 -19.78
CA LEU J 358 25.41 -34.18 -20.92
C LEU J 358 26.32 -33.14 -21.55
N ARG J 359 27.43 -32.81 -20.90
CA ARG J 359 28.50 -32.06 -21.55
C ARG J 359 29.30 -32.96 -22.48
N GLU J 360 29.47 -34.22 -22.09
CA GLU J 360 30.21 -35.19 -22.89
C GLU J 360 29.37 -35.76 -24.02
N LEU J 361 28.11 -36.06 -23.78
CA LEU J 361 27.19 -36.54 -24.81
C LEU J 361 26.90 -35.50 -25.90
N GLU J 362 27.39 -34.28 -25.76
CA GLU J 362 27.46 -33.39 -26.92
C GLU J 362 28.37 -33.89 -28.04
N GLN J 363 29.68 -33.88 -27.81
CA GLN J 363 30.61 -34.29 -28.86
C GLN J 363 30.41 -35.75 -29.24
N LEU J 364 30.04 -36.61 -28.30
CA LEU J 364 29.76 -38.01 -28.64
C LEU J 364 28.57 -38.15 -29.58
N LEU J 365 27.87 -37.06 -29.88
CA LEU J 365 26.95 -37.00 -31.01
C LEU J 365 27.43 -36.05 -32.09
N VAL J 366 27.66 -34.77 -31.75
CA VAL J 366 27.91 -33.73 -32.73
C VAL J 366 29.21 -33.96 -33.51
N ARG J 367 30.15 -34.70 -32.94
CA ARG J 367 31.28 -35.20 -33.73
C ARG J 367 30.84 -36.30 -34.68
N TYR J 368 30.40 -37.43 -34.13
CA TYR J 368 30.15 -38.63 -34.91
C TYR J 368 29.07 -38.42 -35.96
N ILE J 369 28.07 -37.60 -35.66
CA ILE J 369 27.02 -37.30 -36.64
C ILE J 369 27.56 -36.63 -37.89
N VAL J 370 28.64 -35.86 -37.77
CA VAL J 370 29.25 -35.19 -38.92
C VAL J 370 30.54 -35.87 -39.35
N ASP J 371 31.43 -36.19 -38.41
CA ASP J 371 32.74 -36.74 -38.74
C ASP J 371 32.66 -38.16 -39.26
N ARG J 372 31.54 -38.86 -39.03
CA ARG J 372 31.30 -40.18 -39.60
C ARG J 372 30.05 -40.25 -40.45
N TYR J 373 28.87 -39.98 -39.87
CA TYR J 373 27.62 -40.21 -40.58
C TYR J 373 27.47 -39.34 -41.82
N ASN J 374 27.47 -38.01 -41.65
CA ASN J 374 27.33 -37.14 -42.82
C ASN J 374 28.53 -37.22 -43.75
N GLN J 375 29.71 -37.52 -43.22
CA GLN J 375 30.86 -37.74 -44.09
C GLN J 375 30.75 -39.04 -44.89
N SER J 376 29.85 -39.93 -44.53
CA SER J 376 29.61 -41.13 -45.32
C SER J 376 28.94 -40.79 -46.66
N ILE J 377 29.14 -41.71 -47.62
CA ILE J 377 28.65 -41.57 -48.99
C ILE J 377 27.56 -42.61 -49.22
N ASP J 378 26.48 -42.18 -49.88
CA ASP J 378 25.51 -43.13 -50.45
C ASP J 378 25.47 -42.96 -51.96
N ALA J 379 25.75 -44.06 -52.67
CA ALA J 379 25.56 -44.11 -54.12
C ALA J 379 24.09 -44.03 -54.51
N ARG J 380 23.19 -44.23 -53.55
CA ARG J 380 21.77 -44.09 -53.78
C ARG J 380 21.39 -42.69 -54.20
N MET J 381 22.23 -41.69 -53.92
CA MET J 381 21.94 -40.29 -54.16
C MET J 381 23.19 -39.62 -54.74
N GLY J 382 23.64 -40.14 -55.88
CA GLY J 382 24.68 -39.51 -56.67
C GLY J 382 26.09 -39.81 -56.25
N ASP J 383 26.30 -40.76 -55.34
CA ASP J 383 27.63 -41.26 -54.97
C ASP J 383 28.53 -40.12 -54.47
N GLN J 384 28.03 -39.36 -53.51
CA GLN J 384 28.75 -38.25 -52.91
C GLN J 384 28.48 -38.23 -51.42
N THR J 385 29.36 -37.57 -50.68
CA THR J 385 29.14 -37.37 -49.25
C THR J 385 27.85 -36.59 -49.03
N ARG J 386 27.20 -36.86 -47.90
CA ARG J 386 25.84 -36.40 -47.66
C ARG J 386 25.72 -34.89 -47.85
N PHE J 387 26.69 -34.14 -47.35
CA PHE J 387 26.69 -32.68 -47.45
C PHE J 387 27.22 -32.15 -48.78
N GLU J 388 27.98 -32.94 -49.54
CA GLU J 388 28.40 -32.47 -50.86
C GLU J 388 27.22 -32.31 -51.81
N ARG J 389 26.27 -33.24 -51.77
CA ARG J 389 25.01 -33.06 -52.48
C ARG J 389 24.30 -31.79 -52.01
N TRP J 390 24.35 -31.50 -50.70
CA TRP J 390 23.73 -30.29 -50.19
C TRP J 390 24.32 -29.04 -50.81
N GLU J 391 25.63 -28.83 -50.64
CA GLU J 391 26.24 -27.59 -51.12
C GLU J 391 26.37 -27.55 -52.63
N ALA J 392 26.20 -28.66 -53.33
CA ALA J 392 26.11 -28.63 -54.78
C ALA J 392 24.71 -28.26 -55.26
N GLY J 393 23.67 -28.64 -54.50
CA GLY J 393 22.31 -28.67 -55.00
C GLY J 393 21.47 -27.42 -54.84
N LEU J 394 22.06 -26.24 -55.01
CA LEU J 394 21.29 -25.02 -54.77
C LEU J 394 20.94 -24.32 -56.07
N PRO J 395 19.70 -23.83 -56.22
CA PRO J 395 19.38 -22.97 -57.36
C PRO J 395 19.91 -21.56 -57.17
N THR J 396 20.17 -21.17 -55.93
CA THR J 396 20.89 -19.95 -55.58
C THR J 396 21.37 -20.14 -54.15
N VAL J 397 22.66 -19.95 -53.92
CA VAL J 397 23.26 -20.38 -52.66
C VAL J 397 22.80 -19.45 -51.52
N PRO J 398 22.30 -20.01 -50.42
CA PRO J 398 21.91 -19.18 -49.27
C PRO J 398 23.03 -18.26 -48.80
N VAL J 399 22.65 -17.06 -48.38
CA VAL J 399 23.50 -16.20 -47.56
C VAL J 399 23.34 -16.60 -46.09
N PRO J 400 24.36 -16.40 -45.25
CA PRO J 400 24.17 -16.63 -43.81
C PRO J 400 23.26 -15.59 -43.18
N ILE J 401 22.54 -16.00 -42.15
CA ILE J 401 21.63 -15.13 -41.42
C ILE J 401 22.28 -14.75 -40.10
N PRO J 402 22.38 -13.45 -39.77
CA PRO J 402 22.83 -13.04 -38.44
C PRO J 402 21.98 -13.60 -37.30
N GLU J 403 22.65 -13.88 -36.17
CA GLU J 403 21.99 -14.38 -34.97
C GLU J 403 20.84 -13.49 -34.50
N ARG J 404 20.96 -12.18 -34.72
CA ARG J 404 19.98 -11.22 -34.21
C ARG J 404 18.64 -11.30 -34.95
N ASP J 405 18.59 -11.98 -36.08
CA ASP J 405 17.43 -11.93 -36.95
C ASP J 405 16.31 -12.87 -36.53
N LEU J 406 16.58 -13.86 -35.67
CA LEU J 406 15.53 -14.80 -35.31
C LEU J 406 15.69 -15.31 -33.88
N ASP J 407 15.69 -14.39 -32.91
CA ASP J 407 15.55 -14.77 -31.52
C ASP J 407 14.23 -15.45 -31.21
N ILE J 408 13.27 -15.44 -32.15
CA ILE J 408 11.95 -16.01 -31.91
C ILE J 408 12.02 -17.50 -31.59
N CYS J 409 13.07 -18.17 -32.04
CA CYS J 409 13.29 -19.56 -31.67
C CYS J 409 13.77 -19.75 -30.23
N LEU J 410 14.25 -18.69 -29.57
CA LEU J 410 14.78 -18.87 -28.23
C LEU J 410 13.68 -19.07 -27.19
N MET J 411 14.10 -19.49 -26.00
CA MET J 411 13.29 -19.56 -24.81
C MET J 411 12.77 -18.17 -24.43
N LYS J 412 11.88 -18.14 -23.44
CA LYS J 412 11.20 -16.92 -23.03
C LYS J 412 11.11 -16.90 -21.51
N GLN J 413 11.32 -15.72 -20.91
CA GLN J 413 10.93 -15.46 -19.53
C GLN J 413 9.99 -14.26 -19.46
N SER J 414 8.81 -14.47 -18.88
CA SER J 414 7.73 -13.51 -18.95
C SER J 414 8.02 -12.24 -18.16
N ARG J 415 8.51 -12.36 -16.93
CA ARG J 415 8.90 -11.18 -16.17
C ARG J 415 10.23 -11.38 -15.45
N ARG J 416 11.07 -10.36 -15.56
CA ARG J 416 12.25 -10.14 -14.72
C ARG J 416 12.34 -8.66 -14.35
N THR J 417 12.77 -8.39 -13.13
CA THR J 417 12.91 -7.03 -12.63
C THR J 417 14.37 -6.62 -12.71
N VAL J 418 14.60 -5.43 -13.26
CA VAL J 418 15.96 -4.90 -13.37
C VAL J 418 16.38 -4.35 -12.01
N GLN J 419 17.39 -4.97 -11.42
CA GLN J 419 17.91 -4.53 -10.14
C GLN J 419 18.82 -3.32 -10.34
N ARG J 420 19.28 -2.75 -9.24
CA ARG J 420 20.14 -1.57 -9.30
C ARG J 420 21.36 -1.82 -10.16
N GLY J 421 21.78 -0.78 -10.88
CA GLY J 421 22.97 -0.85 -11.72
C GLY J 421 22.88 -1.79 -12.89
N GLY J 422 21.67 -2.09 -13.35
CA GLY J 422 21.46 -2.95 -14.51
C GLY J 422 21.67 -4.42 -14.25
N CYS J 423 21.82 -4.81 -13.00
CA CYS J 423 21.97 -6.23 -12.70
C CYS J 423 20.63 -6.95 -12.86
N LEU J 424 20.69 -8.22 -13.22
CA LEU J 424 19.49 -9.04 -13.37
C LEU J 424 19.83 -10.44 -12.92
N GLN J 425 19.02 -11.01 -12.02
CA GLN J 425 19.23 -12.39 -11.63
C GLN J 425 18.55 -13.30 -12.62
N PHE J 426 19.22 -14.37 -13.00
CA PHE J 426 18.62 -15.42 -13.80
C PHE J 426 19.34 -16.72 -13.49
N GLN J 427 18.57 -17.80 -13.34
CA GLN J 427 19.14 -19.12 -13.08
C GLN J 427 20.14 -19.09 -11.93
N ASN J 428 19.82 -18.33 -10.89
CA ASN J 428 20.66 -18.10 -9.71
C ASN J 428 21.97 -17.38 -10.03
N LEU J 429 22.20 -17.02 -11.27
CA LEU J 429 23.35 -16.21 -11.60
C LEU J 429 22.92 -14.74 -11.65
N MET J 430 23.89 -13.86 -11.84
CA MET J 430 23.63 -12.45 -12.00
C MET J 430 24.16 -11.99 -13.34
N TYR J 431 23.45 -11.06 -13.99
CA TYR J 431 23.78 -10.60 -15.33
C TYR J 431 23.82 -9.08 -15.34
N ARG J 432 24.65 -8.52 -16.22
CA ARG J 432 24.67 -7.08 -16.45
C ARG J 432 24.95 -6.80 -17.92
N GLY J 433 24.47 -5.66 -18.41
CA GLY J 433 24.59 -5.38 -19.82
C GLY J 433 24.58 -3.90 -20.14
N GLU J 434 25.01 -3.60 -21.37
CA GLU J 434 25.47 -2.27 -21.75
C GLU J 434 24.53 -1.15 -21.33
N TYR J 435 23.22 -1.32 -21.53
CA TYR J 435 22.28 -0.22 -21.30
C TYR J 435 21.19 -0.56 -20.29
N LEU J 436 21.33 -1.66 -19.56
CA LEU J 436 20.21 -2.18 -18.78
C LEU J 436 19.96 -1.37 -17.52
N ALA J 437 20.97 -0.65 -17.02
CA ALA J 437 20.80 0.11 -15.79
C ALA J 437 19.79 1.24 -15.91
N GLY J 438 19.59 1.79 -17.12
CA GLY J 438 18.56 2.80 -17.27
C GLY J 438 17.15 2.27 -17.05
N TYR J 439 16.98 0.96 -17.15
CA TYR J 439 15.71 0.28 -16.91
C TYR J 439 15.60 -0.26 -15.50
N ALA J 440 16.52 0.09 -14.61
CA ALA J 440 16.43 -0.34 -13.21
C ALA J 440 15.10 0.05 -12.59
N GLY J 441 14.51 -0.89 -11.86
CA GLY J 441 13.17 -0.75 -11.35
C GLY J 441 12.04 -0.93 -12.35
N GLU J 442 12.36 -1.32 -13.59
CA GLU J 442 11.37 -1.74 -14.57
C GLU J 442 11.44 -3.24 -14.79
N THR J 443 10.50 -3.75 -15.57
CA THR J 443 10.41 -5.17 -15.88
C THR J 443 10.78 -5.41 -17.33
N VAL J 444 11.53 -6.49 -17.56
CA VAL J 444 12.01 -6.88 -18.89
C VAL J 444 11.76 -8.37 -19.09
N ASN J 445 11.78 -8.79 -20.35
CA ASN J 445 11.68 -10.19 -20.73
C ASN J 445 13.04 -10.70 -21.18
N LEU J 446 13.34 -11.96 -20.87
CA LEU J 446 14.55 -12.60 -21.37
C LEU J 446 14.21 -13.58 -22.48
N ARG J 447 15.14 -13.75 -23.41
CA ARG J 447 15.22 -14.94 -24.25
C ARG J 447 16.64 -15.50 -24.18
N PHE J 448 16.76 -16.83 -24.18
CA PHE J 448 18.06 -17.44 -23.94
C PHE J 448 18.15 -18.80 -24.63
N ASP J 449 19.38 -19.25 -24.84
CA ASP J 449 19.66 -20.57 -25.41
C ASP J 449 20.12 -21.51 -24.31
N PRO J 450 19.40 -22.60 -24.04
CA PRO J 450 19.74 -23.44 -22.89
C PRO J 450 21.02 -24.21 -23.04
N ARG J 451 21.55 -24.35 -24.25
CA ARG J 451 22.81 -25.08 -24.42
C ARG J 451 23.98 -24.30 -23.85
N ASP J 452 23.88 -22.98 -23.77
CA ASP J 452 24.78 -22.17 -22.94
C ASP J 452 24.05 -20.90 -22.55
N ILE J 453 23.74 -20.78 -21.25
CA ILE J 453 23.02 -19.64 -20.71
C ILE J 453 23.99 -18.52 -20.34
N THR J 454 25.26 -18.68 -20.68
CA THR J 454 26.26 -17.70 -20.30
C THR J 454 26.01 -16.36 -20.98
N THR J 455 25.28 -16.35 -22.08
CA THR J 455 24.65 -15.15 -22.59
C THR J 455 23.13 -15.27 -22.46
N ILE J 456 22.49 -14.15 -22.11
CA ILE J 456 21.04 -14.05 -22.21
C ILE J 456 20.68 -12.74 -22.89
N LEU J 457 19.53 -12.73 -23.55
CA LEU J 457 19.05 -11.58 -24.31
C LEU J 457 17.87 -10.96 -23.58
N VAL J 458 17.92 -9.65 -23.39
CA VAL J 458 16.92 -8.92 -22.63
C VAL J 458 16.00 -8.19 -23.59
N TYR J 459 14.69 -8.33 -23.38
CA TYR J 459 13.70 -7.73 -24.26
C TYR J 459 12.72 -6.87 -23.47
N ARG J 460 12.35 -5.75 -24.06
CA ARG J 460 11.41 -4.79 -23.49
C ARG J 460 10.11 -4.83 -24.29
N GLN J 461 8.99 -5.00 -23.59
CA GLN J 461 7.69 -5.12 -24.23
C GLN J 461 7.03 -3.75 -24.41
N GLU J 462 6.47 -3.53 -25.60
CA GLU J 462 5.78 -2.30 -25.95
C GLU J 462 4.26 -2.52 -25.82
N ASN J 463 3.47 -1.66 -26.47
CA ASN J 463 2.03 -1.85 -26.48
C ASN J 463 1.65 -3.18 -27.12
N ASN J 464 2.25 -3.47 -28.28
CA ASN J 464 1.99 -4.70 -29.01
C ASN J 464 3.19 -5.11 -29.83
N GLN J 465 4.39 -4.81 -29.32
CA GLN J 465 5.66 -5.16 -29.93
C GLN J 465 6.62 -5.50 -28.79
N GLU J 466 7.71 -6.17 -29.14
CA GLU J 466 8.77 -6.46 -28.17
C GLU J 466 10.13 -6.24 -28.83
N VAL J 467 10.91 -5.30 -28.29
CA VAL J 467 12.12 -4.79 -28.93
C VAL J 467 13.33 -5.35 -28.21
N PHE J 468 14.33 -5.78 -28.98
CA PHE J 468 15.57 -6.31 -28.39
C PHE J 468 16.30 -5.21 -27.66
N LEU J 469 16.47 -5.38 -26.34
CA LEU J 469 17.01 -4.31 -25.52
C LEU J 469 18.53 -4.39 -25.40
N THR J 470 19.04 -5.46 -24.80
CA THR J 470 20.48 -5.65 -24.63
C THR J 470 20.79 -7.14 -24.61
N ARG J 471 22.05 -7.47 -24.87
CA ARG J 471 22.64 -8.70 -24.41
C ARG J 471 23.01 -8.55 -22.92
N ALA J 472 23.26 -9.68 -22.26
CA ALA J 472 23.76 -9.64 -20.88
C ALA J 472 24.64 -10.84 -20.60
N HIS J 473 25.57 -10.67 -19.65
CA HIS J 473 26.68 -11.60 -19.45
C HIS J 473 26.73 -11.99 -17.98
N ALA J 474 26.90 -13.29 -17.73
CA ALA J 474 26.89 -13.82 -16.37
C ALA J 474 28.15 -13.40 -15.60
N GLN J 475 27.95 -12.80 -14.43
CA GLN J 475 29.07 -12.37 -13.61
C GLN J 475 29.58 -13.54 -12.77
N GLY J 476 30.90 -13.55 -12.55
CA GLY J 476 31.47 -14.40 -11.54
C GLY J 476 31.54 -15.88 -11.86
N LEU J 477 31.52 -16.25 -13.14
CA LEU J 477 31.65 -17.65 -13.53
C LEU J 477 33.10 -18.09 -13.55
N GLU J 478 33.33 -19.33 -13.14
CA GLU J 478 34.66 -19.94 -13.26
C GLU J 478 35.02 -20.25 -14.70
N THR J 479 34.07 -20.75 -15.49
CA THR J 479 34.29 -21.11 -16.89
C THR J 479 33.13 -20.63 -17.74
N GLU J 480 33.46 -19.93 -18.83
CA GLU J 480 32.49 -19.22 -19.66
C GLU J 480 31.78 -20.13 -20.67
N GLN J 481 31.11 -21.15 -20.14
CA GLN J 481 30.47 -22.14 -21.01
C GLN J 481 29.18 -22.70 -20.44
N LEU J 482 28.72 -22.24 -19.28
CA LEU J 482 27.70 -22.95 -18.51
C LEU J 482 26.40 -23.14 -19.28
N ALA J 483 25.94 -24.40 -19.33
CA ALA J 483 24.65 -24.74 -19.91
C ALA J 483 23.54 -24.59 -18.87
N LEU J 484 22.30 -24.49 -19.35
CA LEU J 484 21.15 -24.46 -18.46
C LEU J 484 21.06 -25.71 -17.58
N ASP J 485 21.34 -26.88 -18.14
CA ASP J 485 21.32 -28.11 -17.35
C ASP J 485 22.32 -28.08 -16.21
N GLU J 486 23.50 -27.54 -16.46
CA GLU J 486 24.53 -27.45 -15.43
C GLU J 486 24.16 -26.44 -14.35
N ALA J 487 23.58 -25.31 -14.75
CA ALA J 487 23.14 -24.32 -13.77
C ALA J 487 22.06 -24.87 -12.84
N GLU J 488 21.10 -25.62 -13.38
CA GLU J 488 20.14 -26.32 -12.53
C GLU J 488 20.84 -27.27 -11.56
N ALA J 489 21.69 -28.16 -12.08
CA ALA J 489 22.39 -29.11 -11.21
C ALA J 489 23.34 -28.41 -10.24
N ALA J 490 23.90 -27.27 -10.65
CA ALA J 490 24.70 -26.47 -9.72
C ALA J 490 23.84 -25.92 -8.58
N SER J 491 22.70 -25.31 -8.94
CA SER J 491 21.75 -24.82 -7.94
C SER J 491 21.15 -25.92 -7.09
N ARG J 492 20.95 -27.11 -7.64
CA ARG J 492 20.55 -28.26 -6.84
C ARG J 492 21.60 -28.72 -5.84
N ARG J 493 22.87 -28.34 -6.02
CA ARG J 493 23.84 -28.56 -4.95
C ARG J 493 23.56 -27.67 -3.74
N LEU J 494 23.39 -26.37 -3.97
CA LEU J 494 23.03 -25.45 -2.90
C LEU J 494 21.77 -25.88 -2.17
N ARG J 495 20.73 -26.27 -2.92
CA ARG J 495 19.49 -26.75 -2.31
C ARG J 495 19.71 -27.99 -1.45
N THR J 496 20.44 -28.97 -1.96
CA THR J 496 20.68 -30.19 -1.19
C THR J 496 21.58 -29.94 0.02
N ALA J 497 22.58 -29.07 -0.14
CA ALA J 497 23.43 -28.70 0.99
C ALA J 497 22.66 -28.02 2.12
N GLY J 498 21.88 -26.99 1.78
CA GLY J 498 21.03 -26.33 2.79
C GLY J 498 20.04 -27.24 3.47
N LYS J 499 19.42 -28.16 2.73
CA LYS J 499 18.49 -29.13 3.25
C LYS J 499 19.13 -30.20 4.14
N THR J 500 20.46 -30.27 4.19
CA THR J 500 21.16 -31.29 4.99
C THR J 500 21.21 -30.95 6.49
N ILE J 501 20.78 -29.76 6.89
CA ILE J 501 20.85 -29.37 8.30
C ILE J 501 20.14 -30.35 9.23
N SER J 502 20.82 -30.73 10.30
CA SER J 502 20.29 -31.57 11.39
C SER J 502 19.36 -30.76 12.28
N ASN J 503 18.28 -30.23 11.71
CA ASN J 503 17.48 -29.18 12.33
C ASN J 503 16.73 -29.64 13.58
N GLN J 504 16.60 -30.95 13.81
CA GLN J 504 15.76 -31.44 14.90
C GLN J 504 16.28 -31.02 16.28
N SER J 505 17.58 -30.83 16.42
CA SER J 505 18.12 -30.28 17.67
C SER J 505 17.90 -28.78 17.78
N LEU J 506 17.59 -28.13 16.67
CA LEU J 506 17.35 -26.69 16.60
C LEU J 506 15.93 -26.31 16.98
N LEU J 507 14.98 -27.23 16.83
CA LEU J 507 13.59 -26.97 17.21
C LEU J 507 13.41 -26.73 18.70
N GLN J 508 14.30 -27.25 19.54
CA GLN J 508 14.12 -27.13 20.98
C GLN J 508 14.02 -25.68 21.43
N GLU J 509 14.64 -24.74 20.72
CA GLU J 509 14.50 -23.34 21.08
C GLU J 509 13.05 -22.87 21.04
N VAL J 510 12.33 -23.23 19.98
CA VAL J 510 11.03 -22.63 19.73
C VAL J 510 10.00 -23.10 20.75
N VAL J 511 9.98 -24.41 21.05
CA VAL J 511 9.01 -24.93 22.00
C VAL J 511 9.29 -24.47 23.43
N ASP J 512 10.56 -24.37 23.82
CA ASP J 512 10.88 -23.88 25.16
C ASP J 512 10.78 -22.37 25.30
N ARG J 513 10.99 -21.61 24.24
CA ARG J 513 10.66 -20.17 24.28
C ARG J 513 9.19 -19.92 24.55
N ASP J 514 8.32 -20.60 23.82
CA ASP J 514 6.87 -20.51 24.07
C ASP J 514 6.48 -21.02 25.46
N ALA J 515 7.09 -22.12 25.91
CA ALA J 515 6.81 -22.63 27.25
C ALA J 515 7.18 -21.60 28.32
N LEU J 516 8.30 -20.91 28.16
CA LEU J 516 8.68 -19.85 29.09
C LEU J 516 7.64 -18.73 29.09
N VAL J 517 7.29 -18.20 27.91
CA VAL J 517 6.33 -17.11 27.83
C VAL J 517 4.98 -17.51 28.38
N ALA J 518 4.57 -18.76 28.18
CA ALA J 518 3.33 -19.24 28.79
C ALA J 518 3.46 -19.45 30.30
N THR J 519 4.67 -19.68 30.79
CA THR J 519 4.90 -19.75 32.24
C THR J 519 4.77 -18.40 32.91
N LYS J 520 5.01 -17.31 32.18
CA LYS J 520 4.75 -15.97 32.69
C LYS J 520 3.26 -15.66 32.61
N LYS J 521 2.58 -15.75 33.75
CA LYS J 521 1.23 -15.25 33.91
C LYS J 521 1.27 -13.76 34.22
N SER J 522 0.22 -13.05 33.84
CA SER J 522 0.19 -11.61 34.06
C SER J 522 0.06 -11.28 35.55
N ARG J 523 0.57 -10.10 35.90
CA ARG J 523 0.52 -9.60 37.27
C ARG J 523 -0.90 -9.40 37.77
N LYS J 524 -1.86 -9.25 36.88
CA LYS J 524 -3.25 -9.03 37.28
C LYS J 524 -4.22 -9.45 36.18
MG MG K . -9.33 16.80 20.67
MG MG L . 23.92 2.81 15.02
#